data_1ZYI
#
_entry.id   1ZYI
#
_entity_poly.entity_id   1
_entity_poly.type   'polypeptide(L)'
_entity_poly.pdbx_seq_one_letter_code
;MHHHHHHLEMSFLKSFPPPGSAEGLRQQQPETEAVLNGKGLGTGTLYIAESRLSWLDGSGLGFSLEYPTISLHAVSRDLN
AYPREHLYVMVNAKFGEESKESVAEEEDSDDDVEPIAEFRFVPSDKSALEAMFTAMCECQALHPDPEDEDSDDYDGEEYD
VEAHEQGQEND
;
_entity_poly.pdbx_strand_id   A
#
# COMPACT_ATOMS: atom_id res chain seq x y z
N GLN A 27 15.37 -3.88 6.29
CA GLN A 27 15.55 -2.59 5.56
C GLN A 27 14.51 -1.58 6.01
N GLN A 28 14.84 -0.31 5.97
CA GLN A 28 13.85 0.75 6.39
C GLN A 28 13.81 1.87 5.35
N GLN A 29 12.72 2.62 5.32
CA GLN A 29 12.59 3.73 4.33
C GLN A 29 12.86 5.08 5.03
N PRO A 30 13.56 5.99 4.37
CA PRO A 30 13.85 7.30 5.00
C PRO A 30 12.63 8.24 4.92
N GLU A 31 12.43 8.90 3.80
CA GLU A 31 11.26 9.83 3.65
C GLU A 31 10.30 9.29 2.60
N THR A 32 9.07 9.02 2.98
CA THR A 32 8.08 8.49 1.99
C THR A 32 6.66 8.74 2.51
N GLU A 33 5.71 8.93 1.61
CA GLU A 33 4.30 9.18 2.04
C GLU A 33 3.43 7.97 1.72
N ALA A 34 2.47 7.71 2.56
CA ALA A 34 1.54 6.56 2.36
C ALA A 34 0.09 6.99 2.05
N VAL A 35 -0.44 6.39 1.00
CA VAL A 35 -1.85 6.63 0.58
C VAL A 35 -2.52 5.24 0.59
N LEU A 36 -3.70 5.10 1.17
CA LEU A 36 -4.34 3.72 1.26
C LEU A 36 -5.76 3.59 0.67
N ASN A 37 -5.90 2.63 -0.22
CA ASN A 37 -7.22 2.23 -0.86
C ASN A 37 -7.98 3.34 -1.63
N GLY A 38 -7.37 4.43 -2.02
CA GLY A 38 -8.11 5.49 -2.80
C GLY A 38 -7.94 6.84 -2.13
N LYS A 39 -8.24 6.91 -0.85
CA LYS A 39 -8.06 8.18 -0.10
C LYS A 39 -6.71 8.04 0.57
N GLY A 40 -5.76 8.87 0.20
CA GLY A 40 -4.40 8.70 0.74
C GLY A 40 -4.21 9.24 2.14
N LEU A 41 -4.00 8.34 3.07
CA LEU A 41 -3.72 8.74 4.47
C LEU A 41 -2.39 8.12 4.90
N GLY A 42 -1.40 8.94 5.15
CA GLY A 42 -0.09 8.43 5.61
C GLY A 42 1.03 9.34 5.13
N THR A 43 1.78 9.92 6.03
CA THR A 43 2.95 10.78 5.64
C THR A 43 4.02 10.54 6.67
N GLY A 44 5.14 9.91 6.32
CA GLY A 44 6.19 9.64 7.36
C GLY A 44 7.22 8.65 6.89
N THR A 45 7.53 7.72 7.74
CA THR A 45 8.58 6.69 7.41
C THR A 45 8.04 5.26 7.43
N LEU A 46 8.54 4.42 6.56
CA LEU A 46 8.10 3.00 6.51
C LEU A 46 9.29 2.07 6.81
N TYR A 47 9.18 1.25 7.83
CA TYR A 47 10.29 0.27 8.13
C TYR A 47 9.77 -1.14 7.88
N ILE A 48 10.40 -1.88 7.00
CA ILE A 48 9.93 -3.27 6.67
C ILE A 48 10.53 -4.27 7.68
N ALA A 49 9.67 -5.03 8.34
CA ALA A 49 10.16 -6.05 9.31
C ALA A 49 9.85 -7.45 8.80
N GLU A 50 10.80 -8.36 8.92
CA GLU A 50 10.58 -9.77 8.43
C GLU A 50 9.32 -10.38 9.03
N SER A 51 8.93 -9.94 10.20
CA SER A 51 7.70 -10.48 10.85
C SER A 51 6.46 -9.73 10.39
N ARG A 52 6.62 -8.48 10.01
CA ARG A 52 5.45 -7.65 9.55
C ARG A 52 5.94 -6.30 9.05
N LEU A 53 5.03 -5.44 8.64
CA LEU A 53 5.43 -4.08 8.16
C LEU A 53 5.05 -3.03 9.20
N SER A 54 5.99 -2.19 9.57
CA SER A 54 5.70 -1.13 10.58
C SER A 54 5.84 0.26 9.96
N TRP A 55 4.82 1.06 10.06
CA TRP A 55 4.85 2.43 9.47
C TRP A 55 4.70 3.50 10.55
N LEU A 56 5.37 4.61 10.38
CA LEU A 56 5.25 5.72 11.36
C LEU A 56 4.44 6.85 10.74
N ASP A 57 3.40 7.28 11.42
CA ASP A 57 2.54 8.37 10.91
C ASP A 57 3.12 9.74 11.26
N GLY A 58 3.13 10.61 10.28
CA GLY A 58 3.68 11.99 10.41
C GLY A 58 3.06 12.76 11.59
N SER A 59 1.95 12.32 12.14
CA SER A 59 1.32 13.06 13.29
C SER A 59 1.93 12.62 14.64
N GLY A 60 3.05 11.92 14.63
CA GLY A 60 3.68 11.46 15.90
C GLY A 60 3.03 10.18 16.38
N LEU A 61 2.47 9.41 15.47
CA LEU A 61 1.82 8.13 15.88
C LEU A 61 2.36 7.00 15.03
N GLY A 62 2.92 6.00 15.66
CA GLY A 62 3.47 4.85 14.92
C GLY A 62 2.44 3.72 14.84
N PHE A 63 2.32 3.10 13.69
CA PHE A 63 1.35 1.96 13.54
C PHE A 63 1.89 0.94 12.51
N SER A 64 1.67 -0.33 12.75
CA SER A 64 2.19 -1.38 11.81
C SER A 64 1.04 -2.23 11.26
N LEU A 65 1.26 -2.79 10.09
CA LEU A 65 0.21 -3.65 9.46
C LEU A 65 0.77 -5.07 9.24
N GLU A 66 -0.08 -6.07 9.36
CA GLU A 66 0.39 -7.48 9.16
C GLU A 66 0.70 -7.73 7.68
N TYR A 67 1.94 -7.56 7.29
CA TYR A 67 2.36 -7.78 5.86
C TYR A 67 1.64 -6.79 4.91
N PRO A 68 2.34 -6.29 3.91
CA PRO A 68 1.71 -5.33 2.97
C PRO A 68 0.72 -6.04 2.04
N THR A 69 -0.29 -5.34 1.59
CA THR A 69 -1.29 -5.97 0.67
C THR A 69 -0.72 -5.99 -0.75
N ILE A 70 0.25 -6.83 -0.98
CA ILE A 70 0.89 -6.93 -2.33
C ILE A 70 -0.05 -7.62 -3.32
N SER A 71 -0.69 -6.86 -4.17
CA SER A 71 -1.62 -7.45 -5.19
C SER A 71 -1.20 -6.95 -6.58
N LEU A 72 -1.48 -5.70 -6.87
CA LEU A 72 -1.07 -5.11 -8.19
C LEU A 72 -0.08 -3.98 -7.91
N HIS A 73 1.21 -4.26 -7.91
CA HIS A 73 2.22 -3.20 -7.58
C HIS A 73 2.97 -2.70 -8.82
N ALA A 74 3.02 -1.40 -8.95
CA ALA A 74 3.71 -0.76 -10.11
C ALA A 74 5.03 -0.14 -9.64
N VAL A 75 6.12 -0.56 -10.21
CA VAL A 75 7.46 -0.01 -9.82
C VAL A 75 8.24 0.41 -11.07
N SER A 76 9.11 1.39 -10.94
CA SER A 76 9.91 1.86 -12.11
C SER A 76 11.36 2.13 -11.70
N ARG A 77 12.13 1.09 -11.47
CA ARG A 77 13.56 1.28 -11.07
C ARG A 77 14.31 2.04 -12.16
N ASP A 78 14.04 1.73 -13.41
CA ASP A 78 14.72 2.44 -14.54
C ASP A 78 13.86 3.62 -15.00
N LEU A 79 14.43 4.81 -15.01
CA LEU A 79 13.67 6.01 -15.45
C LEU A 79 13.78 6.19 -16.97
N ASN A 80 12.66 6.36 -17.64
CA ASN A 80 12.68 6.55 -19.12
C ASN A 80 11.42 7.30 -19.56
N ALA A 81 10.27 6.81 -19.18
CA ALA A 81 8.99 7.50 -19.55
C ALA A 81 8.55 8.44 -18.44
N TYR A 82 8.81 8.05 -17.23
CA TYR A 82 8.44 8.90 -16.05
C TYR A 82 9.68 9.17 -15.18
N PRO A 83 10.19 10.38 -15.20
CA PRO A 83 11.39 10.70 -14.38
C PRO A 83 10.98 10.93 -12.91
N ARG A 84 10.40 9.94 -12.28
CA ARG A 84 9.98 10.07 -10.85
C ARG A 84 9.96 8.70 -10.17
N GLU A 85 10.10 8.69 -8.87
CA GLU A 85 10.08 7.39 -8.11
C GLU A 85 8.72 7.20 -7.43
N HIS A 86 8.18 6.01 -7.44
CA HIS A 86 6.83 5.77 -6.81
C HIS A 86 6.49 4.28 -6.79
N LEU A 87 6.06 3.77 -5.66
CA LEU A 87 5.66 2.32 -5.58
C LEU A 87 4.14 2.26 -5.40
N TYR A 88 3.42 2.04 -6.46
CA TYR A 88 1.92 2.02 -6.36
C TYR A 88 1.41 0.60 -6.24
N VAL A 89 0.69 0.23 -5.16
CA VAL A 89 0.16 -1.18 -5.12
C VAL A 89 -1.35 -1.21 -4.84
N MET A 90 -2.11 -1.79 -5.74
CA MET A 90 -3.59 -1.81 -5.60
C MET A 90 -4.10 -3.23 -5.36
N VAL A 91 -4.97 -3.39 -4.40
CA VAL A 91 -5.53 -4.74 -4.09
C VAL A 91 -7.06 -4.72 -4.11
N ASN A 92 -7.67 -5.79 -4.56
CA ASN A 92 -9.16 -5.85 -4.62
C ASN A 92 -9.71 -6.44 -3.32
N ALA A 93 -10.56 -5.70 -2.63
CA ALA A 93 -11.13 -6.19 -1.34
C ALA A 93 -12.61 -6.54 -1.52
N LYS A 94 -13.06 -7.60 -0.91
CA LYS A 94 -14.50 -8.01 -1.02
C LYS A 94 -15.22 -7.77 0.31
N PHE A 95 -16.38 -7.17 0.25
CA PHE A 95 -17.17 -6.90 1.50
C PHE A 95 -18.31 -7.90 1.65
N GLY A 96 -18.61 -8.27 2.87
CA GLY A 96 -19.72 -9.25 3.10
C GLY A 96 -19.75 -9.62 4.58
N GLU A 97 -19.63 -10.89 4.90
CA GLU A 97 -19.65 -11.35 6.33
C GLU A 97 -20.96 -10.91 7.03
N GLU A 98 -21.00 -9.71 7.58
CA GLU A 98 -22.23 -9.23 8.27
C GLU A 98 -22.77 -7.97 7.59
N SER A 99 -24.06 -7.84 7.48
CA SER A 99 -24.66 -6.63 6.83
C SER A 99 -25.91 -6.18 7.59
N LYS A 100 -26.12 -4.90 7.72
CA LYS A 100 -27.32 -4.38 8.44
C LYS A 100 -28.01 -3.27 7.63
N GLU A 101 -27.24 -2.38 7.03
CA GLU A 101 -27.84 -1.28 6.22
C GLU A 101 -28.35 -1.81 4.87
N SER A 102 -27.66 -2.79 4.33
CA SER A 102 -28.08 -3.38 3.03
C SER A 102 -28.45 -4.85 3.19
N VAL A 103 -29.30 -5.36 2.33
CA VAL A 103 -29.73 -6.79 2.43
C VAL A 103 -28.90 -7.64 1.45
N ALA A 104 -28.58 -8.85 1.83
CA ALA A 104 -27.77 -9.74 0.93
C ALA A 104 -28.51 -9.98 -0.38
N GLU A 105 -27.82 -9.86 -1.49
CA GLU A 105 -28.47 -10.07 -2.83
C GLU A 105 -27.39 -10.18 -3.91
N GLU A 106 -27.75 -10.75 -5.05
CA GLU A 106 -26.76 -10.91 -6.17
C GLU A 106 -26.86 -9.72 -7.14
N GLU A 107 -27.36 -8.59 -6.69
CA GLU A 107 -27.47 -7.40 -7.59
C GLU A 107 -26.86 -6.17 -6.92
N ASP A 108 -26.18 -5.35 -7.69
CA ASP A 108 -25.55 -4.12 -7.12
C ASP A 108 -25.74 -2.93 -8.08
N SER A 109 -26.97 -2.60 -8.37
CA SER A 109 -27.26 -1.46 -9.30
C SER A 109 -26.71 -0.15 -8.72
N ASP A 110 -26.65 -0.06 -7.41
CA ASP A 110 -26.14 1.19 -6.75
C ASP A 110 -25.02 0.86 -5.76
N ASP A 111 -23.79 0.87 -6.21
CA ASP A 111 -22.65 0.57 -5.29
C ASP A 111 -22.03 1.86 -4.74
N ASP A 112 -22.30 2.17 -3.50
CA ASP A 112 -21.75 3.41 -2.88
C ASP A 112 -20.27 3.21 -2.52
N VAL A 113 -19.89 2.00 -2.22
CA VAL A 113 -18.47 1.72 -1.84
C VAL A 113 -17.74 1.04 -3.01
N GLU A 114 -16.51 1.40 -3.24
CA GLU A 114 -15.73 0.79 -4.37
C GLU A 114 -15.32 -0.65 -4.00
N PRO A 115 -15.44 -1.57 -4.94
CA PRO A 115 -15.06 -2.99 -4.65
C PRO A 115 -13.55 -3.14 -4.56
N ILE A 116 -12.80 -2.27 -5.21
CA ILE A 116 -11.31 -2.36 -5.17
C ILE A 116 -10.72 -1.18 -4.38
N ALA A 117 -9.71 -1.44 -3.59
CA ALA A 117 -9.05 -0.35 -2.81
C ALA A 117 -7.67 -0.13 -3.41
N GLU A 118 -7.36 1.09 -3.79
CA GLU A 118 -6.00 1.35 -4.38
C GLU A 118 -5.07 1.95 -3.32
N PHE A 119 -3.98 1.31 -3.07
CA PHE A 119 -3.01 1.78 -2.05
C PHE A 119 -1.78 2.32 -2.78
N ARG A 120 -1.37 3.54 -2.51
CA ARG A 120 -0.18 4.12 -3.21
C ARG A 120 0.87 4.46 -2.16
N PHE A 121 2.03 3.87 -2.26
CA PHE A 121 3.11 4.19 -1.28
C PHE A 121 4.25 4.75 -2.10
N VAL A 122 4.48 6.03 -1.94
CA VAL A 122 5.49 6.68 -2.82
C VAL A 122 6.63 7.34 -2.01
N PRO A 123 7.86 6.91 -2.23
CA PRO A 123 9.00 7.48 -1.48
C PRO A 123 9.58 8.70 -2.21
N SER A 124 10.01 9.69 -1.45
CA SER A 124 10.60 10.91 -2.07
C SER A 124 12.14 10.81 -2.09
N ASP A 125 12.66 9.60 -2.11
CA ASP A 125 14.14 9.41 -2.12
C ASP A 125 14.53 8.31 -3.11
N LYS A 126 15.35 8.64 -4.09
CA LYS A 126 15.78 7.61 -5.10
C LYS A 126 16.41 6.40 -4.38
N SER A 127 17.08 6.67 -3.30
CA SER A 127 17.69 5.57 -2.50
C SER A 127 16.57 4.78 -1.82
N ALA A 128 15.46 5.45 -1.50
CA ALA A 128 14.32 4.73 -0.85
C ALA A 128 13.60 3.88 -1.89
N LEU A 129 13.53 4.35 -3.11
CA LEU A 129 12.84 3.57 -4.19
C LEU A 129 13.64 2.31 -4.53
N GLU A 130 14.95 2.44 -4.68
CA GLU A 130 15.78 1.25 -5.02
C GLU A 130 15.80 0.27 -3.85
N ALA A 131 15.82 0.77 -2.63
CA ALA A 131 15.82 -0.12 -1.43
C ALA A 131 14.48 -0.85 -1.33
N MET A 132 13.40 -0.17 -1.65
CA MET A 132 12.05 -0.80 -1.59
C MET A 132 11.93 -1.86 -2.68
N PHE A 133 12.50 -1.59 -3.84
CA PHE A 133 12.44 -2.58 -4.96
C PHE A 133 13.25 -3.80 -4.60
N THR A 134 14.37 -3.60 -3.95
CA THR A 134 15.18 -4.77 -3.50
C THR A 134 14.38 -5.52 -2.43
N ALA A 135 13.62 -4.80 -1.64
CA ALA A 135 12.78 -5.46 -0.59
C ALA A 135 11.65 -6.24 -1.25
N MET A 136 10.97 -5.63 -2.19
CA MET A 136 9.85 -6.31 -2.91
C MET A 136 10.41 -7.40 -3.83
N CYS A 137 11.42 -7.06 -4.60
CA CYS A 137 12.03 -8.06 -5.54
C CYS A 137 12.57 -9.26 -4.75
N GLU A 138 13.26 -9.00 -3.66
CA GLU A 138 13.82 -10.13 -2.84
C GLU A 138 12.69 -10.91 -2.18
N CYS A 139 11.67 -10.20 -1.76
CA CYS A 139 10.51 -10.87 -1.09
C CYS A 139 9.70 -11.66 -2.12
N GLN A 140 9.53 -11.14 -3.30
CA GLN A 140 8.76 -11.86 -4.36
C GLN A 140 9.53 -13.09 -4.82
N ALA A 141 10.84 -12.98 -4.90
CA ALA A 141 11.68 -14.15 -5.34
C ALA A 141 11.69 -15.23 -4.26
N LEU A 142 11.82 -14.84 -3.01
CA LEU A 142 11.84 -15.84 -1.90
C LEU A 142 10.45 -16.45 -1.71
N GLN A 27 16.57 -3.52 7.20
CA GLN A 27 16.45 -2.37 6.24
C GLN A 27 15.19 -1.55 6.53
N GLN A 28 15.29 -0.25 6.39
CA GLN A 28 14.10 0.64 6.65
C GLN A 28 14.14 1.85 5.70
N GLN A 29 13.02 2.51 5.53
CA GLN A 29 12.97 3.70 4.62
C GLN A 29 12.93 5.00 5.47
N PRO A 30 13.67 6.02 5.07
CA PRO A 30 13.68 7.27 5.84
C PRO A 30 12.52 8.20 5.44
N GLU A 31 12.45 8.58 4.19
CA GLU A 31 11.35 9.50 3.73
C GLU A 31 10.44 8.79 2.74
N THR A 32 9.16 8.73 3.03
CA THR A 32 8.19 8.06 2.12
C THR A 32 6.78 8.57 2.43
N GLU A 33 5.93 8.68 1.43
CA GLU A 33 4.54 9.20 1.68
C GLU A 33 3.51 8.07 1.55
N ALA A 34 2.47 8.14 2.34
CA ALA A 34 1.40 7.10 2.31
C ALA A 34 0.04 7.61 1.80
N VAL A 35 -0.49 6.91 0.81
CA VAL A 35 -1.84 7.20 0.28
C VAL A 35 -2.61 5.87 0.37
N LEU A 36 -3.82 5.87 0.91
CA LEU A 36 -4.56 4.57 1.11
C LEU A 36 -5.99 4.52 0.52
N ASN A 37 -6.22 3.50 -0.29
CA ASN A 37 -7.56 3.19 -0.93
C ASN A 37 -8.13 4.25 -1.89
N GLY A 38 -7.34 5.17 -2.39
CA GLY A 38 -7.88 6.19 -3.37
C GLY A 38 -7.72 7.59 -2.78
N LYS A 39 -8.05 7.74 -1.53
CA LYS A 39 -7.87 9.06 -0.84
C LYS A 39 -6.55 8.92 -0.10
N GLY A 40 -5.57 9.71 -0.48
CA GLY A 40 -4.22 9.53 0.13
C GLY A 40 -4.08 10.14 1.51
N LEU A 41 -3.92 9.28 2.50
CA LEU A 41 -3.66 9.76 3.87
C LEU A 41 -2.39 9.11 4.44
N GLY A 42 -1.38 9.90 4.69
CA GLY A 42 -0.13 9.34 5.30
C GLY A 42 1.11 10.03 4.77
N THR A 43 1.91 10.53 5.66
CA THR A 43 3.20 11.16 5.26
C THR A 43 4.18 10.80 6.37
N GLY A 44 5.17 9.96 6.12
CA GLY A 44 6.07 9.58 7.25
C GLY A 44 7.21 8.66 6.82
N THR A 45 7.44 7.67 7.64
CA THR A 45 8.57 6.72 7.40
C THR A 45 8.07 5.28 7.24
N LEU A 46 8.74 4.52 6.39
CA LEU A 46 8.35 3.10 6.18
C LEU A 46 9.42 2.18 6.75
N TYR A 47 9.05 1.25 7.59
CA TYR A 47 10.04 0.29 8.19
C TYR A 47 9.78 -1.11 7.65
N ILE A 48 10.83 -1.81 7.27
CA ILE A 48 10.66 -3.20 6.73
C ILE A 48 11.26 -4.20 7.71
N ALA A 49 10.47 -5.16 8.14
CA ALA A 49 10.96 -6.20 9.08
C ALA A 49 11.16 -7.52 8.34
N GLU A 50 12.10 -8.32 8.77
CA GLU A 50 12.38 -9.64 8.10
C GLU A 50 11.09 -10.47 7.90
N SER A 51 10.09 -10.23 8.71
CA SER A 51 8.82 -11.00 8.58
C SER A 51 7.61 -10.11 8.83
N ARG A 52 7.75 -8.80 8.60
CA ARG A 52 6.59 -7.87 8.83
C ARG A 52 6.92 -6.48 8.29
N LEU A 53 5.92 -5.65 8.10
CA LEU A 53 6.16 -4.27 7.59
C LEU A 53 5.55 -3.25 8.57
N SER A 54 6.33 -2.30 9.02
CA SER A 54 5.80 -1.28 9.99
C SER A 54 5.86 0.12 9.36
N TRP A 55 4.75 0.82 9.36
CA TRP A 55 4.72 2.19 8.77
C TRP A 55 4.36 3.22 9.85
N LEU A 56 4.94 4.39 9.79
CA LEU A 56 4.66 5.44 10.81
C LEU A 56 4.10 6.72 10.15
N ASP A 57 2.98 7.22 10.65
CA ASP A 57 2.35 8.46 10.09
C ASP A 57 2.96 9.73 10.70
N GLY A 58 3.15 10.72 9.86
CA GLY A 58 3.74 12.03 10.25
C GLY A 58 2.96 12.76 11.34
N SER A 59 1.76 12.32 11.70
CA SER A 59 0.98 13.02 12.77
C SER A 59 1.36 12.50 14.17
N GLY A 60 2.47 11.80 14.30
CA GLY A 60 2.89 11.25 15.62
C GLY A 60 2.16 9.94 15.89
N LEU A 61 1.69 9.29 14.86
CA LEU A 61 0.99 7.99 15.04
C LEU A 61 1.50 7.00 14.02
N GLY A 62 1.78 5.79 14.43
CA GLY A 62 2.28 4.78 13.47
C GLY A 62 1.45 3.52 13.56
N PHE A 63 1.65 2.63 12.63
CA PHE A 63 0.89 1.34 12.64
C PHE A 63 1.70 0.23 11.97
N SER A 64 1.51 -0.98 12.41
CA SER A 64 2.25 -2.14 11.83
C SER A 64 1.40 -2.87 10.79
N LEU A 65 2.03 -3.62 9.93
CA LEU A 65 1.28 -4.38 8.88
C LEU A 65 1.72 -5.84 8.86
N GLU A 66 0.79 -6.75 8.89
CA GLU A 66 1.14 -8.21 8.86
C GLU A 66 1.70 -8.59 7.49
N TYR A 67 3.01 -8.59 7.35
CA TYR A 67 3.66 -8.93 6.04
C TYR A 67 3.14 -8.00 4.92
N PRO A 68 3.76 -8.05 3.75
CA PRO A 68 3.31 -7.18 2.63
C PRO A 68 1.96 -7.65 2.10
N THR A 69 0.93 -6.86 2.31
CA THR A 69 -0.43 -7.24 1.81
C THR A 69 -0.74 -6.46 0.53
N ILE A 70 0.07 -6.62 -0.47
CA ILE A 70 -0.13 -5.89 -1.76
C ILE A 70 -0.73 -6.82 -2.82
N SER A 71 -1.57 -6.28 -3.68
CA SER A 71 -2.20 -7.12 -4.74
C SER A 71 -1.68 -6.68 -6.11
N LEU A 72 -2.12 -5.55 -6.60
CA LEU A 72 -1.64 -5.04 -7.93
C LEU A 72 -0.62 -3.94 -7.65
N HIS A 73 0.66 -4.24 -7.66
CA HIS A 73 1.69 -3.21 -7.35
C HIS A 73 2.43 -2.74 -8.61
N ALA A 74 2.47 -1.44 -8.79
CA ALA A 74 3.14 -0.84 -9.97
C ALA A 74 4.50 -0.27 -9.54
N VAL A 75 5.55 -0.72 -10.18
CA VAL A 75 6.91 -0.22 -9.82
C VAL A 75 7.91 -0.58 -10.92
N SER A 76 8.58 0.39 -11.48
CA SER A 76 9.57 0.13 -12.57
C SER A 76 10.85 0.94 -12.34
N ARG A 77 11.99 0.33 -12.55
CA ARG A 77 13.29 1.06 -12.34
C ARG A 77 13.43 2.17 -13.38
N ASP A 78 12.90 1.96 -14.57
CA ASP A 78 12.98 3.00 -15.64
C ASP A 78 11.67 3.79 -15.71
N LEU A 79 11.76 5.09 -15.75
CA LEU A 79 10.53 5.94 -15.82
C LEU A 79 10.25 6.38 -17.26
N ASN A 80 9.07 6.86 -17.51
CA ASN A 80 8.71 7.32 -18.89
C ASN A 80 7.87 8.60 -18.84
N ALA A 81 8.04 9.39 -17.80
CA ALA A 81 7.26 10.65 -17.67
C ALA A 81 7.98 11.64 -16.76
N TYR A 82 8.00 11.37 -15.49
CA TYR A 82 8.68 12.26 -14.52
C TYR A 82 9.79 11.48 -13.77
N PRO A 83 10.94 12.11 -13.56
CA PRO A 83 12.05 11.40 -12.85
C PRO A 83 11.74 11.29 -11.35
N ARG A 84 10.70 10.58 -11.01
CA ARG A 84 10.32 10.42 -9.56
C ARG A 84 10.09 8.94 -9.24
N GLU A 85 10.28 8.58 -7.99
CA GLU A 85 10.08 7.15 -7.57
C GLU A 85 8.65 6.98 -7.05
N HIS A 86 8.10 5.79 -7.16
CA HIS A 86 6.69 5.57 -6.67
C HIS A 86 6.31 4.08 -6.64
N LEU A 87 5.76 3.62 -5.55
CA LEU A 87 5.32 2.20 -5.45
C LEU A 87 3.81 2.21 -5.24
N TYR A 88 3.06 2.00 -6.29
CA TYR A 88 1.57 2.03 -6.18
C TYR A 88 1.00 0.63 -6.04
N VAL A 89 0.28 0.29 -4.96
CA VAL A 89 -0.31 -1.10 -4.91
C VAL A 89 -1.82 -1.08 -4.62
N MET A 90 -2.58 -1.63 -5.52
CA MET A 90 -4.07 -1.60 -5.38
C MET A 90 -4.63 -2.98 -5.05
N VAL A 91 -5.51 -3.04 -4.08
CA VAL A 91 -6.12 -4.35 -3.68
C VAL A 91 -7.65 -4.27 -3.75
N ASN A 92 -8.30 -5.36 -4.05
CA ASN A 92 -9.79 -5.37 -4.13
C ASN A 92 -10.39 -6.11 -2.93
N ALA A 93 -11.22 -5.44 -2.17
CA ALA A 93 -11.85 -6.08 -0.97
C ALA A 93 -13.35 -6.30 -1.21
N LYS A 94 -13.89 -7.39 -0.73
CA LYS A 94 -15.34 -7.68 -0.93
C LYS A 94 -16.09 -7.55 0.40
N PHE A 95 -17.08 -6.69 0.44
CA PHE A 95 -17.87 -6.49 1.70
C PHE A 95 -19.33 -6.90 1.47
N GLY A 96 -19.97 -7.47 2.46
CA GLY A 96 -21.39 -7.90 2.32
C GLY A 96 -21.58 -9.29 2.94
N GLU A 97 -21.94 -10.26 2.13
CA GLU A 97 -22.15 -11.64 2.65
C GLU A 97 -21.13 -12.61 2.03
N GLU A 98 -21.01 -13.80 2.57
CA GLU A 98 -20.04 -14.80 2.03
C GLU A 98 -20.67 -15.57 0.87
N SER A 99 -19.89 -15.93 -0.11
CA SER A 99 -20.41 -16.69 -1.28
C SER A 99 -20.46 -18.19 -0.96
N LYS A 100 -21.02 -18.98 -1.85
CA LYS A 100 -21.11 -20.46 -1.61
C LYS A 100 -19.74 -21.10 -1.85
N GLU A 101 -19.48 -22.20 -1.18
CA GLU A 101 -18.16 -22.90 -1.34
C GLU A 101 -17.99 -23.36 -2.79
N SER A 102 -19.06 -23.72 -3.44
CA SER A 102 -18.98 -24.19 -4.87
C SER A 102 -19.82 -23.28 -5.77
N VAL A 103 -19.29 -22.90 -6.91
CA VAL A 103 -20.04 -22.02 -7.86
C VAL A 103 -19.85 -22.52 -9.30
N ALA A 104 -20.88 -22.42 -10.10
CA ALA A 104 -20.78 -22.88 -11.53
C ALA A 104 -21.33 -21.81 -12.47
N GLU A 105 -22.52 -21.31 -12.19
CA GLU A 105 -23.14 -20.26 -13.06
C GLU A 105 -23.22 -18.94 -12.31
N GLU A 106 -23.30 -17.84 -13.03
CA GLU A 106 -23.37 -16.50 -12.37
C GLU A 106 -24.83 -16.03 -12.31
N GLU A 107 -25.16 -15.25 -11.31
CA GLU A 107 -26.57 -14.74 -11.18
C GLU A 107 -26.75 -13.49 -12.02
N ASP A 108 -27.91 -13.34 -12.64
CA ASP A 108 -28.17 -12.13 -13.48
C ASP A 108 -28.64 -10.97 -12.61
N SER A 109 -27.86 -9.91 -12.55
CA SER A 109 -28.25 -8.73 -11.72
C SER A 109 -27.54 -7.47 -12.24
N ASP A 110 -27.93 -6.32 -11.73
CA ASP A 110 -27.29 -5.03 -12.17
C ASP A 110 -26.32 -4.53 -11.11
N ASP A 111 -25.49 -3.57 -11.45
CA ASP A 111 -24.50 -3.00 -10.47
C ASP A 111 -23.65 -4.11 -9.84
N ASP A 112 -23.08 -4.97 -10.67
CA ASP A 112 -22.23 -6.08 -10.13
C ASP A 112 -20.77 -5.66 -10.09
N VAL A 113 -20.49 -4.48 -9.57
CA VAL A 113 -19.09 -3.99 -9.49
C VAL A 113 -18.55 -4.21 -8.06
N GLU A 114 -17.39 -4.80 -7.94
CA GLU A 114 -16.79 -5.05 -6.60
C GLU A 114 -16.04 -3.79 -6.11
N PRO A 115 -16.17 -3.48 -4.82
CA PRO A 115 -15.48 -2.27 -4.29
C PRO A 115 -13.97 -2.54 -4.17
N ILE A 116 -13.17 -1.72 -4.80
CA ILE A 116 -11.69 -1.91 -4.73
C ILE A 116 -11.03 -0.66 -4.15
N ALA A 117 -10.04 -0.85 -3.32
CA ALA A 117 -9.33 0.32 -2.70
C ALA A 117 -7.94 0.48 -3.32
N GLU A 118 -7.58 1.68 -3.71
CA GLU A 118 -6.22 1.88 -4.31
C GLU A 118 -5.25 2.41 -3.23
N PHE A 119 -4.27 1.61 -2.89
CA PHE A 119 -3.28 2.03 -1.85
C PHE A 119 -2.02 2.48 -2.59
N ARG A 120 -1.53 3.66 -2.31
CA ARG A 120 -0.31 4.15 -3.02
C ARG A 120 0.72 4.56 -1.98
N PHE A 121 1.86 3.94 -2.01
CA PHE A 121 2.94 4.30 -1.06
C PHE A 121 4.10 4.71 -1.93
N VAL A 122 4.39 5.99 -1.91
CA VAL A 122 5.40 6.54 -2.84
C VAL A 122 6.62 7.12 -2.11
N PRO A 123 7.81 6.57 -2.36
CA PRO A 123 9.01 7.08 -1.68
C PRO A 123 9.68 8.20 -2.49
N SER A 124 9.52 9.44 -2.07
CA SER A 124 10.15 10.58 -2.80
C SER A 124 11.68 10.40 -2.85
N ASP A 125 12.23 9.71 -1.87
CA ASP A 125 13.72 9.48 -1.84
C ASP A 125 14.12 8.37 -2.81
N LYS A 126 15.02 8.68 -3.73
CA LYS A 126 15.49 7.65 -4.72
C LYS A 126 16.15 6.50 -3.95
N SER A 127 16.85 6.84 -2.89
CA SER A 127 17.50 5.79 -2.06
C SER A 127 16.43 4.92 -1.41
N ALA A 128 15.28 5.50 -1.12
CA ALA A 128 14.18 4.70 -0.50
C ALA A 128 13.58 3.76 -1.55
N LEU A 129 13.56 4.18 -2.79
CA LEU A 129 13.00 3.31 -3.88
C LEU A 129 13.91 2.12 -4.13
N GLU A 130 15.21 2.34 -4.24
CA GLU A 130 16.15 1.20 -4.49
C GLU A 130 16.11 0.25 -3.29
N ALA A 131 15.98 0.79 -2.09
CA ALA A 131 15.89 -0.08 -0.88
C ALA A 131 14.62 -0.92 -0.96
N MET A 132 13.55 -0.31 -1.43
CA MET A 132 12.26 -1.05 -1.57
C MET A 132 12.40 -2.11 -2.66
N PHE A 133 13.14 -1.81 -3.70
CA PHE A 133 13.33 -2.80 -4.81
C PHE A 133 14.06 -4.01 -4.29
N THR A 134 15.03 -3.80 -3.44
CA THR A 134 15.75 -4.95 -2.84
C THR A 134 14.78 -5.69 -1.92
N ALA A 135 13.90 -4.95 -1.26
CA ALA A 135 12.89 -5.59 -0.36
C ALA A 135 11.87 -6.39 -1.19
N MET A 136 11.35 -5.78 -2.23
CA MET A 136 10.35 -6.47 -3.11
C MET A 136 11.04 -7.54 -3.95
N CYS A 137 12.14 -7.20 -4.57
CA CYS A 137 12.87 -8.20 -5.42
C CYS A 137 13.30 -9.41 -4.57
N GLU A 138 13.82 -9.15 -3.40
CA GLU A 138 14.26 -10.27 -2.49
C GLU A 138 13.05 -11.03 -1.99
N CYS A 139 11.98 -10.33 -1.75
CA CYS A 139 10.73 -10.98 -1.25
C CYS A 139 10.09 -11.82 -2.36
N GLN A 140 10.07 -11.31 -3.57
CA GLN A 140 9.48 -12.08 -4.71
C GLN A 140 10.34 -13.30 -5.04
N ALA A 141 11.64 -13.15 -4.96
CA ALA A 141 12.55 -14.30 -5.27
C ALA A 141 12.52 -15.33 -4.15
N LEU A 142 12.41 -14.89 -2.92
CA LEU A 142 12.36 -15.83 -1.76
C LEU A 142 10.96 -16.43 -1.60
N GLN A 27 15.02 -1.33 10.46
CA GLN A 27 15.29 0.13 10.25
C GLN A 27 15.33 0.49 8.75
N GLN A 28 14.82 1.65 8.43
CA GLN A 28 14.80 2.13 7.01
C GLN A 28 14.93 3.65 6.96
N GLN A 29 14.87 4.21 5.78
CA GLN A 29 14.98 5.70 5.64
C GLN A 29 13.65 6.36 6.06
N PRO A 30 13.71 7.56 6.61
CA PRO A 30 12.49 8.24 7.09
C PRO A 30 11.79 9.06 5.99
N GLU A 31 12.05 8.81 4.73
CA GLU A 31 11.37 9.60 3.65
C GLU A 31 10.42 8.74 2.82
N THR A 32 9.13 8.80 3.11
CA THR A 32 8.13 8.00 2.33
C THR A 32 6.71 8.52 2.64
N GLU A 33 5.88 8.72 1.63
CA GLU A 33 4.49 9.19 1.91
C GLU A 33 3.48 8.06 1.68
N ALA A 34 2.45 8.03 2.47
CA ALA A 34 1.42 6.96 2.36
C ALA A 34 0.04 7.46 1.87
N VAL A 35 -0.47 6.79 0.86
CA VAL A 35 -1.84 7.08 0.32
C VAL A 35 -2.58 5.72 0.37
N LEU A 36 -3.78 5.67 0.92
CA LEU A 36 -4.48 4.34 1.05
C LEU A 36 -5.91 4.27 0.47
N ASN A 37 -6.11 3.28 -0.38
CA ASN A 37 -7.44 2.95 -1.03
C ASN A 37 -7.99 4.00 -2.00
N GLY A 38 -7.19 4.91 -2.51
CA GLY A 38 -7.72 5.93 -3.50
C GLY A 38 -7.61 7.32 -2.88
N LYS A 39 -8.02 7.44 -1.64
CA LYS A 39 -7.90 8.74 -0.93
C LYS A 39 -6.62 8.63 -0.12
N GLY A 40 -5.64 9.45 -0.43
CA GLY A 40 -4.32 9.28 0.23
C GLY A 40 -4.24 9.90 1.61
N LEU A 41 -4.14 9.06 2.61
CA LEU A 41 -3.93 9.54 3.98
C LEU A 41 -2.67 8.85 4.54
N GLY A 42 -1.63 9.59 4.78
CA GLY A 42 -0.39 9.01 5.36
C GLY A 42 0.84 9.76 4.86
N THR A 43 1.62 10.30 5.76
CA THR A 43 2.88 11.00 5.37
C THR A 43 3.89 10.70 6.47
N GLY A 44 4.94 9.94 6.20
CA GLY A 44 5.90 9.62 7.31
C GLY A 44 7.05 8.74 6.87
N THR A 45 7.31 7.75 7.67
CA THR A 45 8.46 6.83 7.41
C THR A 45 7.98 5.39 7.23
N LEU A 46 8.64 4.64 6.37
CA LEU A 46 8.26 3.22 6.16
C LEU A 46 9.39 2.31 6.66
N TYR A 47 9.09 1.43 7.58
CA TYR A 47 10.15 0.49 8.09
C TYR A 47 9.82 -0.93 7.66
N ILE A 48 10.76 -1.61 7.04
CA ILE A 48 10.51 -3.01 6.61
C ILE A 48 11.16 -3.95 7.62
N ALA A 49 10.38 -4.83 8.18
CA ALA A 49 10.91 -5.80 9.17
C ALA A 49 11.20 -7.12 8.48
N GLU A 50 12.27 -7.79 8.84
CA GLU A 50 12.64 -9.10 8.18
C GLU A 50 11.42 -10.07 8.09
N SER A 51 10.45 -9.92 8.98
CA SER A 51 9.26 -10.81 8.94
C SER A 51 7.96 -10.00 9.09
N ARG A 52 7.99 -8.71 8.81
CA ARG A 52 6.76 -7.86 8.94
C ARG A 52 7.02 -6.47 8.36
N LEU A 53 5.98 -5.66 8.23
CA LEU A 53 6.17 -4.28 7.68
C LEU A 53 5.66 -3.25 8.69
N SER A 54 6.49 -2.30 9.07
CA SER A 54 6.05 -1.27 10.07
C SER A 54 6.05 0.13 9.44
N TRP A 55 4.92 0.79 9.46
CA TRP A 55 4.83 2.17 8.87
C TRP A 55 4.43 3.18 9.95
N LEU A 56 4.97 4.38 9.89
CA LEU A 56 4.62 5.42 10.92
C LEU A 56 4.00 6.65 10.25
N ASP A 57 2.85 7.08 10.76
CA ASP A 57 2.15 8.28 10.19
C ASP A 57 2.69 9.58 10.79
N GLY A 58 2.85 10.57 9.94
CA GLY A 58 3.39 11.91 10.32
C GLY A 58 2.58 12.62 11.42
N SER A 59 1.40 12.14 11.77
CA SER A 59 0.60 12.80 12.84
C SER A 59 0.98 12.28 14.23
N GLY A 60 2.12 11.63 14.37
CA GLY A 60 2.54 11.08 15.69
C GLY A 60 1.83 9.75 15.95
N LEU A 61 1.40 9.09 14.90
CA LEU A 61 0.70 7.79 15.07
C LEU A 61 1.29 6.79 14.10
N GLY A 62 1.65 5.63 14.56
CA GLY A 62 2.26 4.62 13.66
C GLY A 62 1.47 3.33 13.71
N PHE A 63 1.71 2.47 12.76
CA PHE A 63 1.01 1.14 12.74
C PHE A 63 1.86 0.09 12.04
N SER A 64 1.71 -1.16 12.44
CA SER A 64 2.51 -2.26 11.85
C SER A 64 1.62 -3.23 11.07
N LEU A 65 2.04 -3.59 9.89
CA LEU A 65 1.24 -4.54 9.06
C LEU A 65 1.83 -5.95 9.19
N GLU A 66 1.10 -6.83 9.84
CA GLU A 66 1.59 -8.23 10.04
C GLU A 66 1.68 -8.98 8.71
N TYR A 67 0.69 -8.80 7.86
CA TYR A 67 0.68 -9.50 6.54
C TYR A 67 0.80 -8.48 5.39
N PRO A 68 1.50 -8.82 4.33
CA PRO A 68 1.65 -7.87 3.20
C PRO A 68 0.32 -7.75 2.44
N THR A 69 -0.26 -6.58 2.44
CA THR A 69 -1.56 -6.38 1.71
C THR A 69 -1.28 -5.86 0.29
N ILE A 70 -0.35 -6.48 -0.39
CA ILE A 70 0.00 -6.03 -1.78
C ILE A 70 -0.62 -6.98 -2.82
N SER A 71 -1.17 -6.44 -3.88
CA SER A 71 -1.78 -7.28 -4.95
C SER A 71 -1.27 -6.81 -6.32
N LEU A 72 -1.72 -5.66 -6.77
CA LEU A 72 -1.25 -5.12 -8.08
C LEU A 72 -0.27 -3.99 -7.81
N HIS A 73 1.03 -4.26 -7.85
CA HIS A 73 2.03 -3.18 -7.55
C HIS A 73 2.72 -2.67 -8.82
N ALA A 74 2.66 -1.39 -9.02
CA ALA A 74 3.28 -0.75 -10.21
C ALA A 74 4.64 -0.16 -9.80
N VAL A 75 5.69 -0.65 -10.41
CA VAL A 75 7.06 -0.17 -10.09
C VAL A 75 7.87 -0.03 -11.39
N SER A 76 8.56 1.08 -11.55
CA SER A 76 9.38 1.28 -12.79
C SER A 76 10.79 0.72 -12.57
N ARG A 77 11.07 -0.43 -13.16
CA ARG A 77 12.43 -1.05 -13.00
C ARG A 77 13.52 -0.10 -13.53
N ASP A 78 13.29 0.49 -14.68
CA ASP A 78 14.30 1.43 -15.26
C ASP A 78 14.07 2.84 -14.73
N LEU A 79 15.01 3.37 -13.99
CA LEU A 79 14.85 4.75 -13.44
C LEU A 79 16.23 5.37 -13.14
N ASN A 80 16.52 6.50 -13.73
CA ASN A 80 17.83 7.17 -13.50
C ASN A 80 17.67 8.69 -13.64
N ALA A 81 17.12 9.13 -14.73
CA ALA A 81 16.92 10.59 -14.97
C ALA A 81 15.46 10.96 -14.69
N TYR A 82 14.84 10.26 -13.77
CA TYR A 82 13.41 10.53 -13.44
C TYR A 82 13.28 11.66 -12.38
N PRO A 83 12.11 12.28 -12.32
CA PRO A 83 11.91 13.36 -11.33
C PRO A 83 11.72 12.75 -9.93
N ARG A 84 10.79 11.83 -9.80
CA ARG A 84 10.54 11.17 -8.48
C ARG A 84 10.16 9.70 -8.69
N GLU A 85 10.39 8.87 -7.69
CA GLU A 85 10.04 7.42 -7.80
C GLU A 85 8.69 7.16 -7.11
N HIS A 86 7.96 6.15 -7.52
CA HIS A 86 6.62 5.88 -6.89
C HIS A 86 6.33 4.37 -6.82
N LEU A 87 5.90 3.87 -5.66
CA LEU A 87 5.54 2.42 -5.57
C LEU A 87 4.03 2.34 -5.35
N TYR A 88 3.30 2.08 -6.41
CA TYR A 88 1.81 2.06 -6.30
C TYR A 88 1.30 0.64 -6.17
N VAL A 89 0.57 0.27 -5.10
CA VAL A 89 0.02 -1.13 -5.07
C VAL A 89 -1.48 -1.14 -4.77
N MET A 90 -2.24 -1.70 -5.68
CA MET A 90 -3.73 -1.71 -5.52
C MET A 90 -4.22 -3.07 -5.03
N VAL A 91 -5.08 -3.07 -4.05
CA VAL A 91 -5.60 -4.36 -3.49
C VAL A 91 -7.13 -4.34 -3.42
N ASN A 92 -7.74 -5.49 -3.61
CA ASN A 92 -9.23 -5.58 -3.56
C ASN A 92 -9.69 -5.97 -2.14
N ALA A 93 -10.73 -5.35 -1.64
CA ALA A 93 -11.24 -5.67 -0.28
C ALA A 93 -12.74 -5.95 -0.32
N LYS A 94 -13.22 -6.80 0.56
CA LYS A 94 -14.67 -7.13 0.59
C LYS A 94 -15.36 -6.35 1.71
N PHE A 95 -16.40 -5.61 1.37
CA PHE A 95 -17.13 -4.80 2.39
C PHE A 95 -18.51 -5.40 2.64
N GLY A 96 -18.98 -5.32 3.87
CA GLY A 96 -20.33 -5.88 4.20
C GLY A 96 -20.91 -5.13 5.40
N GLU A 97 -22.11 -5.48 5.81
CA GLU A 97 -22.73 -4.81 6.98
C GLU A 97 -23.08 -5.84 8.07
N GLU A 98 -22.86 -5.49 9.31
CA GLU A 98 -23.16 -6.44 10.44
C GLU A 98 -24.68 -6.65 10.56
N SER A 99 -25.44 -5.62 10.29
CA SER A 99 -26.93 -5.74 10.38
C SER A 99 -27.61 -4.77 9.40
N LYS A 100 -28.91 -4.83 9.28
CA LYS A 100 -29.66 -3.90 8.36
C LYS A 100 -29.09 -3.98 6.93
N GLU A 101 -29.30 -5.08 6.25
CA GLU A 101 -28.78 -5.25 4.86
C GLU A 101 -29.31 -4.13 3.95
N SER A 102 -30.48 -3.61 4.26
CA SER A 102 -31.08 -2.52 3.44
C SER A 102 -30.52 -1.16 3.86
N VAL A 103 -30.30 -0.28 2.91
CA VAL A 103 -29.75 1.08 3.24
C VAL A 103 -30.81 2.15 2.96
N ALA A 104 -30.98 3.08 3.87
CA ALA A 104 -32.00 4.16 3.68
C ALA A 104 -31.33 5.40 3.07
N GLU A 105 -30.42 6.02 3.79
CA GLU A 105 -29.73 7.23 3.27
C GLU A 105 -28.25 7.20 3.64
N GLU A 106 -27.94 6.86 4.88
CA GLU A 106 -26.50 6.81 5.34
C GLU A 106 -25.77 8.12 5.03
N GLU A 107 -24.51 8.21 5.43
CA GLU A 107 -23.74 9.46 5.17
C GLU A 107 -22.49 9.14 4.33
N ASP A 108 -22.06 10.08 3.52
CA ASP A 108 -20.85 9.85 2.67
C ASP A 108 -19.60 10.37 3.37
N SER A 109 -18.58 9.54 3.47
CA SER A 109 -17.32 9.96 4.15
C SER A 109 -16.35 10.56 3.12
N ASP A 110 -16.61 11.77 2.67
CA ASP A 110 -15.71 12.43 1.66
C ASP A 110 -15.55 11.55 0.41
N ASP A 111 -14.58 10.65 0.39
CA ASP A 111 -14.38 9.78 -0.81
C ASP A 111 -13.87 8.40 -0.38
N ASP A 112 -14.54 7.35 -0.80
CA ASP A 112 -14.11 5.97 -0.43
C ASP A 112 -14.61 4.97 -1.47
N VAL A 113 -13.94 3.85 -1.61
CA VAL A 113 -14.38 2.82 -2.60
C VAL A 113 -14.88 1.57 -1.87
N GLU A 114 -15.96 1.00 -2.34
CA GLU A 114 -16.54 -0.21 -1.67
C GLU A 114 -15.90 -1.52 -2.18
N PRO A 115 -15.79 -1.69 -3.50
CA PRO A 115 -15.21 -2.94 -4.05
C PRO A 115 -13.69 -3.03 -3.83
N ILE A 116 -12.90 -2.44 -4.71
CA ILE A 116 -11.40 -2.53 -4.56
C ILE A 116 -10.84 -1.17 -4.14
N ALA A 117 -9.85 -1.18 -3.28
CA ALA A 117 -9.23 0.10 -2.81
C ALA A 117 -7.82 0.22 -3.40
N GLU A 118 -7.41 1.41 -3.80
CA GLU A 118 -6.04 1.57 -4.38
C GLU A 118 -5.08 2.13 -3.32
N PHE A 119 -4.07 1.37 -2.97
CA PHE A 119 -3.09 1.82 -1.95
C PHE A 119 -1.85 2.35 -2.68
N ARG A 120 -1.41 3.54 -2.36
CA ARG A 120 -0.22 4.11 -3.06
C ARG A 120 0.80 4.53 -2.01
N PHE A 121 1.97 3.96 -2.07
CA PHE A 121 3.03 4.32 -1.11
C PHE A 121 4.18 4.81 -1.95
N VAL A 122 4.43 6.08 -1.90
CA VAL A 122 5.43 6.68 -2.82
C VAL A 122 6.62 7.34 -2.08
N PRO A 123 7.83 6.87 -2.32
CA PRO A 123 9.00 7.46 -1.65
C PRO A 123 9.56 8.62 -2.48
N SER A 124 10.26 9.54 -1.85
CA SER A 124 10.82 10.71 -2.59
C SER A 124 12.35 10.66 -2.53
N ASP A 125 12.93 9.47 -2.55
CA ASP A 125 14.42 9.34 -2.49
C ASP A 125 14.89 8.18 -3.36
N LYS A 126 15.93 8.40 -4.14
CA LYS A 126 16.49 7.29 -5.00
C LYS A 126 16.93 6.14 -4.09
N SER A 127 17.45 6.49 -2.94
CA SER A 127 17.88 5.45 -1.96
C SER A 127 16.63 4.74 -1.42
N ALA A 128 15.51 5.45 -1.34
CA ALA A 128 14.27 4.81 -0.83
C ALA A 128 13.72 3.84 -1.87
N LEU A 129 13.84 4.18 -3.13
CA LEU A 129 13.32 3.26 -4.21
C LEU A 129 14.18 2.00 -4.29
N GLU A 130 15.50 2.14 -4.26
CA GLU A 130 16.37 0.93 -4.33
C GLU A 130 16.16 0.05 -3.10
N ALA A 131 15.93 0.66 -1.95
CA ALA A 131 15.69 -0.13 -0.71
C ALA A 131 14.37 -0.89 -0.84
N MET A 132 13.35 -0.22 -1.33
CA MET A 132 12.02 -0.89 -1.52
C MET A 132 12.15 -1.98 -2.59
N PHE A 133 12.96 -1.73 -3.59
CA PHE A 133 13.15 -2.75 -4.68
C PHE A 133 13.81 -3.98 -4.11
N THR A 134 14.75 -3.80 -3.22
CA THR A 134 15.40 -4.97 -2.58
C THR A 134 14.36 -5.68 -1.71
N ALA A 135 13.47 -4.91 -1.11
CA ALA A 135 12.39 -5.52 -0.26
C ALA A 135 11.40 -6.27 -1.16
N MET A 136 10.97 -5.64 -2.23
CA MET A 136 10.00 -6.30 -3.16
C MET A 136 10.69 -7.40 -3.95
N CYS A 137 11.84 -7.12 -4.50
CA CYS A 137 12.59 -8.15 -5.28
C CYS A 137 12.92 -9.36 -4.39
N GLU A 138 13.34 -9.10 -3.17
CA GLU A 138 13.68 -10.23 -2.23
C GLU A 138 12.41 -10.97 -1.83
N CYS A 139 11.34 -10.24 -1.70
CA CYS A 139 10.03 -10.87 -1.33
C CYS A 139 9.49 -11.70 -2.49
N GLN A 140 9.56 -11.16 -3.68
CA GLN A 140 9.06 -11.91 -4.89
C GLN A 140 9.96 -13.10 -5.17
N ALA A 141 11.25 -12.95 -4.98
CA ALA A 141 12.21 -14.07 -5.24
C ALA A 141 12.00 -15.17 -4.19
N LEU A 142 11.72 -14.78 -2.96
CA LEU A 142 11.51 -15.79 -1.88
C LEU A 142 10.20 -16.55 -2.12
N GLN A 27 14.53 -3.68 5.84
CA GLN A 27 14.76 -2.44 5.02
C GLN A 27 14.06 -1.24 5.66
N GLN A 28 14.50 -0.06 5.34
CA GLN A 28 13.87 1.18 5.91
C GLN A 28 13.78 2.28 4.85
N GLN A 29 12.87 3.22 5.02
CA GLN A 29 12.73 4.33 4.03
C GLN A 29 12.96 5.68 4.73
N PRO A 30 13.62 6.61 4.06
CA PRO A 30 13.89 7.94 4.70
C PRO A 30 12.58 8.77 4.76
N GLU A 31 12.29 9.58 3.75
CA GLU A 31 11.04 10.41 3.78
C GLU A 31 10.09 9.97 2.66
N THR A 32 8.93 9.45 3.02
CA THR A 32 7.95 9.00 1.99
C THR A 32 6.51 9.21 2.49
N GLU A 33 5.55 9.14 1.59
CA GLU A 33 4.13 9.32 2.03
C GLU A 33 3.27 8.11 1.66
N ALA A 34 2.31 7.80 2.49
CA ALA A 34 1.41 6.65 2.25
C ALA A 34 -0.03 7.08 1.93
N VAL A 35 -0.55 6.51 0.86
CA VAL A 35 -1.96 6.77 0.45
C VAL A 35 -2.68 5.40 0.44
N LEU A 36 -3.73 5.26 1.23
CA LEU A 36 -4.43 3.94 1.33
C LEU A 36 -5.89 3.98 0.81
N ASN A 37 -6.20 3.07 -0.12
CA ASN A 37 -7.60 2.89 -0.72
C ASN A 37 -8.03 4.01 -1.68
N GLY A 38 -7.13 4.82 -2.18
CA GLY A 38 -7.52 5.88 -3.17
C GLY A 38 -7.50 7.25 -2.49
N LYS A 39 -7.78 7.28 -1.21
CA LYS A 39 -7.74 8.56 -0.45
C LYS A 39 -6.39 8.58 0.24
N GLY A 40 -5.62 9.65 0.12
CA GLY A 40 -4.26 9.63 0.71
C GLY A 40 -4.27 9.78 2.22
N LEU A 41 -4.02 8.68 2.89
CA LEU A 41 -3.87 8.71 4.36
C LEU A 41 -2.51 8.05 4.68
N GLY A 42 -1.59 8.82 5.19
CA GLY A 42 -0.26 8.29 5.55
C GLY A 42 0.84 9.27 5.14
N THR A 43 1.55 9.81 6.08
CA THR A 43 2.67 10.74 5.77
C THR A 43 3.76 10.49 6.79
N GLY A 44 4.90 9.94 6.39
CA GLY A 44 5.97 9.64 7.39
C GLY A 44 7.04 8.73 6.83
N THR A 45 7.43 7.77 7.63
CA THR A 45 8.51 6.83 7.22
C THR A 45 8.01 5.38 7.18
N LEU A 46 8.52 4.59 6.26
CA LEU A 46 8.09 3.16 6.19
C LEU A 46 9.29 2.25 6.53
N TYR A 47 9.17 1.43 7.55
CA TYR A 47 10.27 0.46 7.89
C TYR A 47 9.80 -0.96 7.62
N ILE A 48 10.50 -1.68 6.77
CA ILE A 48 10.09 -3.09 6.44
C ILE A 48 10.77 -4.08 7.39
N ALA A 49 10.04 -5.06 7.86
CA ALA A 49 10.62 -6.08 8.78
C ALA A 49 10.94 -7.36 8.00
N GLU A 50 11.94 -8.09 8.43
CA GLU A 50 12.33 -9.37 7.71
C GLU A 50 11.13 -10.29 7.46
N SER A 51 10.14 -10.24 8.33
CA SER A 51 8.94 -11.11 8.16
C SER A 51 7.66 -10.30 8.39
N ARG A 52 7.70 -9.01 8.16
CA ARG A 52 6.49 -8.15 8.36
C ARG A 52 6.72 -6.75 7.79
N LEU A 53 5.68 -5.97 7.67
CA LEU A 53 5.83 -4.58 7.13
C LEU A 53 5.20 -3.59 8.11
N SER A 54 5.96 -2.60 8.54
CA SER A 54 5.41 -1.61 9.52
C SER A 54 5.63 -0.19 9.02
N TRP A 55 4.68 0.68 9.26
CA TRP A 55 4.79 2.09 8.80
C TRP A 55 4.78 3.08 9.97
N LEU A 56 5.54 4.13 9.86
CA LEU A 56 5.57 5.18 10.93
C LEU A 56 4.70 6.37 10.49
N ASP A 57 3.77 6.78 11.33
CA ASP A 57 2.88 7.94 10.98
C ASP A 57 3.53 9.28 11.32
N GLY A 58 3.27 10.25 10.48
CA GLY A 58 3.82 11.64 10.62
C GLY A 58 3.73 12.22 12.04
N SER A 59 2.87 11.70 12.90
CA SER A 59 2.76 12.26 14.28
C SER A 59 3.77 11.61 15.25
N GLY A 60 4.79 10.97 14.72
CA GLY A 60 5.80 10.29 15.60
C GLY A 60 5.19 9.02 16.20
N LEU A 61 4.21 8.46 15.53
CA LEU A 61 3.56 7.22 16.04
C LEU A 61 3.49 6.23 14.89
N GLY A 62 4.04 5.05 15.06
CA GLY A 62 4.03 4.06 13.95
C GLY A 62 3.13 2.88 14.27
N PHE A 63 2.78 2.16 13.24
CA PHE A 63 1.92 0.96 13.41
C PHE A 63 2.46 -0.15 12.52
N SER A 64 2.41 -1.38 12.98
CA SER A 64 2.96 -2.51 12.19
C SER A 64 1.88 -3.29 11.46
N LEU A 65 2.05 -3.46 10.17
CA LEU A 65 1.07 -4.23 9.36
C LEU A 65 1.61 -5.65 9.13
N GLU A 66 0.82 -6.64 9.47
CA GLU A 66 1.27 -8.06 9.27
C GLU A 66 0.61 -8.68 8.04
N TYR A 67 -0.67 -8.43 7.86
CA TYR A 67 -1.39 -8.99 6.67
C TYR A 67 -1.67 -7.90 5.63
N PRO A 68 -0.68 -7.61 4.78
CA PRO A 68 -0.88 -6.57 3.75
C PRO A 68 -1.82 -7.09 2.65
N THR A 69 -2.63 -6.22 2.11
CA THR A 69 -3.59 -6.65 1.03
C THR A 69 -3.05 -6.24 -0.34
N ILE A 70 -1.76 -6.36 -0.54
CA ILE A 70 -1.15 -5.98 -1.86
C ILE A 70 -1.69 -6.89 -2.98
N SER A 71 -2.04 -6.30 -4.10
CA SER A 71 -2.58 -7.10 -5.25
C SER A 71 -1.76 -6.79 -6.50
N LEU A 72 -1.88 -5.59 -7.03
CA LEU A 72 -1.09 -5.22 -8.24
C LEU A 72 -0.17 -4.05 -7.88
N HIS A 73 1.12 -4.29 -7.77
CA HIS A 73 2.06 -3.20 -7.39
C HIS A 73 2.89 -2.74 -8.59
N ALA A 74 2.71 -1.49 -8.96
CA ALA A 74 3.46 -0.91 -10.10
C ALA A 74 4.41 0.19 -9.61
N VAL A 75 5.63 0.18 -10.09
CA VAL A 75 6.61 1.21 -9.65
C VAL A 75 6.85 2.26 -10.76
N SER A 76 6.62 1.89 -12.00
CA SER A 76 6.82 2.85 -13.13
C SER A 76 5.64 2.77 -14.11
N ARG A 77 4.43 2.75 -13.61
CA ARG A 77 3.23 2.68 -14.50
C ARG A 77 2.68 4.08 -14.76
N ASP A 78 2.21 4.75 -13.73
CA ASP A 78 1.66 6.12 -13.90
C ASP A 78 2.77 7.17 -13.83
N LEU A 79 3.01 7.87 -14.91
CA LEU A 79 4.08 8.93 -14.92
C LEU A 79 4.00 9.74 -16.21
N ASN A 80 3.79 11.03 -16.09
CA ASN A 80 3.70 11.90 -17.31
C ASN A 80 3.74 13.38 -16.91
N ALA A 81 4.45 13.70 -15.85
CA ALA A 81 4.55 15.11 -15.40
C ALA A 81 5.77 15.29 -14.50
N TYR A 82 5.96 14.39 -13.59
CA TYR A 82 7.12 14.47 -12.65
C TYR A 82 7.94 13.17 -12.71
N PRO A 83 9.12 13.21 -13.32
CA PRO A 83 9.96 11.99 -13.40
C PRO A 83 10.55 11.66 -12.03
N ARG A 84 9.76 11.11 -11.15
CA ARG A 84 10.26 10.77 -9.78
C ARG A 84 9.88 9.33 -9.42
N GLU A 85 10.64 8.71 -8.55
CA GLU A 85 10.34 7.30 -8.14
C GLU A 85 8.94 7.22 -7.51
N HIS A 86 8.29 6.09 -7.63
CA HIS A 86 6.91 5.95 -7.06
C HIS A 86 6.44 4.49 -7.10
N LEU A 87 5.85 3.98 -6.01
CA LEU A 87 5.35 2.57 -6.04
C LEU A 87 3.95 2.51 -5.46
N TYR A 88 2.93 2.50 -6.30
CA TYR A 88 1.53 2.40 -5.78
C TYR A 88 0.97 1.06 -6.15
N VAL A 89 0.30 0.41 -5.22
CA VAL A 89 -0.25 -0.95 -5.54
C VAL A 89 -1.79 -0.96 -5.51
N MET A 90 -2.38 -1.31 -6.61
CA MET A 90 -3.87 -1.30 -6.71
C MET A 90 -4.45 -2.63 -6.23
N VAL A 91 -5.35 -2.57 -5.26
CA VAL A 91 -5.95 -3.83 -4.71
C VAL A 91 -7.48 -3.81 -4.85
N ASN A 92 -8.05 -4.92 -5.27
CA ASN A 92 -9.52 -5.02 -5.42
C ASN A 92 -10.09 -6.00 -4.38
N ALA A 93 -11.13 -5.60 -3.68
CA ALA A 93 -11.75 -6.49 -2.65
C ALA A 93 -12.97 -7.20 -3.22
N LYS A 94 -13.18 -8.44 -2.84
CA LYS A 94 -14.36 -9.20 -3.33
C LYS A 94 -15.27 -9.58 -2.17
N PHE A 95 -16.53 -9.22 -2.24
CA PHE A 95 -17.49 -9.55 -1.15
C PHE A 95 -18.44 -10.66 -1.60
N GLY A 96 -18.81 -11.52 -0.68
CA GLY A 96 -19.73 -12.65 -1.02
C GLY A 96 -21.16 -12.32 -0.54
N GLU A 97 -21.49 -11.05 -0.49
CA GLU A 97 -22.86 -10.65 -0.02
C GLU A 97 -23.92 -11.21 -0.97
N GLU A 98 -23.64 -11.21 -2.25
CA GLU A 98 -24.63 -11.73 -3.25
C GLU A 98 -23.93 -12.67 -4.24
N SER A 99 -24.52 -13.81 -4.52
CA SER A 99 -23.91 -14.77 -5.48
C SER A 99 -24.97 -15.31 -6.44
N LYS A 100 -26.00 -14.53 -6.71
CA LYS A 100 -27.08 -14.99 -7.64
C LYS A 100 -26.49 -15.29 -9.02
N GLU A 101 -25.58 -14.45 -9.47
CA GLU A 101 -24.95 -14.66 -10.82
C GLU A 101 -23.43 -14.68 -10.69
N SER A 102 -22.76 -15.34 -11.62
CA SER A 102 -21.27 -15.40 -11.58
C SER A 102 -20.67 -14.64 -12.76
N VAL A 103 -19.51 -14.04 -12.55
CA VAL A 103 -18.85 -13.25 -13.66
C VAL A 103 -19.80 -12.19 -14.24
N ALA A 104 -20.01 -11.11 -13.53
CA ALA A 104 -20.92 -10.03 -14.02
C ALA A 104 -20.10 -8.82 -14.49
N GLU A 105 -20.54 -8.18 -15.55
CA GLU A 105 -19.80 -6.98 -16.06
C GLU A 105 -20.77 -6.03 -16.77
N GLU A 106 -21.47 -6.52 -17.77
CA GLU A 106 -22.43 -5.65 -18.52
C GLU A 106 -23.50 -5.09 -17.57
N GLU A 107 -23.97 -5.90 -16.65
CA GLU A 107 -25.01 -5.44 -15.67
C GLU A 107 -24.40 -4.43 -14.69
N ASP A 108 -23.16 -4.62 -14.33
CA ASP A 108 -22.49 -3.69 -13.37
C ASP A 108 -21.53 -2.78 -14.12
N SER A 109 -21.82 -2.46 -15.35
CA SER A 109 -20.93 -1.57 -16.16
C SER A 109 -20.77 -0.21 -15.47
N ASP A 110 -21.79 0.24 -14.78
CA ASP A 110 -21.71 1.56 -14.08
C ASP A 110 -22.90 1.72 -13.13
N ASP A 111 -23.38 0.64 -12.56
CA ASP A 111 -24.54 0.71 -11.63
C ASP A 111 -24.04 0.80 -10.18
N ASP A 112 -23.52 -0.29 -9.65
CA ASP A 112 -23.02 -0.29 -8.25
C ASP A 112 -21.49 -0.26 -8.23
N VAL A 113 -20.91 0.54 -7.36
CA VAL A 113 -19.42 0.63 -7.28
C VAL A 113 -18.85 -0.64 -6.64
N GLU A 114 -17.79 -1.17 -7.21
CA GLU A 114 -17.16 -2.41 -6.65
C GLU A 114 -16.30 -2.06 -5.43
N PRO A 115 -16.25 -2.94 -4.44
CA PRO A 115 -15.44 -2.67 -3.24
C PRO A 115 -13.94 -2.79 -3.56
N ILE A 116 -13.39 -1.77 -4.18
CA ILE A 116 -11.93 -1.80 -4.54
C ILE A 116 -11.19 -0.70 -3.79
N ALA A 117 -10.01 -1.01 -3.29
CA ALA A 117 -9.22 0.01 -2.54
C ALA A 117 -7.87 0.21 -3.22
N GLU A 118 -7.53 1.45 -3.55
CA GLU A 118 -6.21 1.68 -4.21
C GLU A 118 -5.16 2.07 -3.17
N PHE A 119 -4.16 1.24 -3.00
CA PHE A 119 -3.07 1.56 -2.03
C PHE A 119 -1.96 2.19 -2.84
N ARG A 120 -1.52 3.37 -2.47
CA ARG A 120 -0.39 4.01 -3.23
C ARG A 120 0.66 4.45 -2.22
N PHE A 121 1.86 3.94 -2.31
CA PHE A 121 2.94 4.37 -1.36
C PHE A 121 4.02 4.99 -2.20
N VAL A 122 4.17 6.29 -2.10
CA VAL A 122 5.12 6.98 -3.00
C VAL A 122 6.16 7.83 -2.22
N PRO A 123 7.45 7.51 -2.36
CA PRO A 123 8.48 8.26 -1.65
C PRO A 123 9.08 9.37 -2.52
N SER A 124 9.65 10.36 -1.90
CA SER A 124 10.31 11.47 -2.67
C SER A 124 11.83 11.22 -2.70
N ASP A 125 12.23 9.98 -2.68
CA ASP A 125 13.69 9.64 -2.69
C ASP A 125 13.97 8.46 -3.61
N LYS A 126 14.76 8.67 -4.64
CA LYS A 126 15.11 7.56 -5.58
C LYS A 126 15.80 6.43 -4.80
N SER A 127 16.57 6.81 -3.81
CA SER A 127 17.26 5.79 -2.95
C SER A 127 16.21 5.00 -2.18
N ALA A 128 15.09 5.63 -1.84
CA ALA A 128 14.03 4.90 -1.09
C ALA A 128 13.35 3.88 -2.01
N LEU A 129 13.15 4.23 -3.25
CA LEU A 129 12.48 3.28 -4.21
C LEU A 129 13.38 2.07 -4.46
N GLU A 130 14.66 2.30 -4.71
CA GLU A 130 15.59 1.14 -4.96
C GLU A 130 15.67 0.27 -3.70
N ALA A 131 15.60 0.90 -2.55
CA ALA A 131 15.62 0.12 -1.27
C ALA A 131 14.37 -0.75 -1.20
N MET A 132 13.25 -0.22 -1.64
CA MET A 132 12.00 -1.01 -1.66
C MET A 132 12.14 -2.17 -2.64
N PHE A 133 12.85 -1.95 -3.72
CA PHE A 133 13.05 -3.05 -4.73
C PHE A 133 13.83 -4.17 -4.10
N THR A 134 14.79 -3.83 -3.28
CA THR A 134 15.57 -4.89 -2.57
C THR A 134 14.62 -5.57 -1.58
N ALA A 135 13.71 -4.81 -1.01
CA ALA A 135 12.72 -5.41 -0.05
C ALA A 135 11.74 -6.30 -0.81
N MET A 136 11.21 -5.81 -1.91
CA MET A 136 10.24 -6.61 -2.72
C MET A 136 10.95 -7.74 -3.44
N CYS A 137 12.06 -7.44 -4.07
CA CYS A 137 12.81 -8.51 -4.82
C CYS A 137 13.24 -9.64 -3.87
N GLU A 138 13.75 -9.28 -2.71
CA GLU A 138 14.18 -10.33 -1.72
C GLU A 138 12.97 -11.03 -1.14
N CYS A 139 11.92 -10.29 -0.92
CA CYS A 139 10.67 -10.88 -0.36
C CYS A 139 9.99 -11.76 -1.41
N GLN A 140 10.04 -11.36 -2.65
CA GLN A 140 9.40 -12.17 -3.75
C GLN A 140 10.19 -13.45 -3.97
N ALA A 141 11.49 -13.38 -3.96
CA ALA A 141 12.33 -14.60 -4.17
C ALA A 141 12.23 -15.52 -2.96
N LEU A 142 12.14 -14.96 -1.78
CA LEU A 142 12.05 -15.80 -0.54
C LEU A 142 10.67 -16.46 -0.46
N GLN A 27 15.77 -3.12 6.84
CA GLN A 27 15.92 -1.90 6.00
C GLN A 27 14.85 -0.87 6.36
N GLN A 28 15.12 0.39 6.12
CA GLN A 28 14.12 1.46 6.45
C GLN A 28 14.12 2.55 5.37
N GLN A 29 13.06 3.32 5.28
CA GLN A 29 12.98 4.41 4.25
C GLN A 29 13.03 5.78 4.96
N PRO A 30 13.52 6.80 4.27
CA PRO A 30 13.60 8.14 4.88
C PRO A 30 12.27 8.91 4.76
N GLU A 31 11.99 9.48 3.61
CA GLU A 31 10.72 10.26 3.42
C GLU A 31 9.82 9.57 2.40
N THR A 32 8.58 9.32 2.76
CA THR A 32 7.63 8.66 1.82
C THR A 32 6.20 8.94 2.30
N GLU A 33 5.24 9.00 1.40
CA GLU A 33 3.83 9.30 1.83
C GLU A 33 2.93 8.06 1.73
N ALA A 34 1.98 7.94 2.64
CA ALA A 34 1.05 6.78 2.62
C ALA A 34 -0.38 7.20 2.26
N VAL A 35 -0.82 6.76 1.10
CA VAL A 35 -2.22 7.02 0.63
C VAL A 35 -2.95 5.67 0.60
N LEU A 36 -4.09 5.57 1.23
CA LEU A 36 -4.82 4.26 1.29
C LEU A 36 -6.22 4.30 0.65
N ASN A 37 -6.47 3.38 -0.29
CA ASN A 37 -7.80 3.22 -1.01
C ASN A 37 -8.09 4.30 -2.06
N GLY A 38 -7.13 5.07 -2.49
CA GLY A 38 -7.39 6.09 -3.57
C GLY A 38 -7.53 7.51 -2.99
N LYS A 39 -7.69 7.64 -1.69
CA LYS A 39 -7.83 8.99 -1.08
C LYS A 39 -6.48 9.42 -0.51
N GLY A 40 -6.21 10.72 -0.46
CA GLY A 40 -4.90 11.18 0.06
C GLY A 40 -4.84 10.89 1.55
N LEU A 41 -3.93 10.04 1.92
CA LEU A 41 -3.77 9.64 3.34
C LEU A 41 -2.38 10.06 3.89
N GLY A 42 -2.25 9.98 5.18
CA GLY A 42 -1.03 10.42 5.94
C GLY A 42 0.30 10.22 5.22
N THR A 43 1.29 10.94 5.70
CA THR A 43 2.66 10.84 5.13
C THR A 43 3.62 10.50 6.28
N GLY A 44 4.66 9.72 6.02
CA GLY A 44 5.59 9.33 7.12
C GLY A 44 6.79 8.55 6.61
N THR A 45 7.21 7.60 7.39
CA THR A 45 8.41 6.77 7.01
C THR A 45 8.04 5.29 6.90
N LEU A 46 8.67 4.59 5.98
CA LEU A 46 8.38 3.14 5.80
C LEU A 46 9.56 2.30 6.31
N TYR A 47 9.31 1.40 7.22
CA TYR A 47 10.40 0.51 7.75
C TYR A 47 10.14 -0.92 7.30
N ILE A 48 11.14 -1.58 6.74
CA ILE A 48 10.96 -2.99 6.27
C ILE A 48 11.66 -3.97 7.22
N ALA A 49 10.99 -5.02 7.58
CA ALA A 49 11.59 -6.04 8.51
C ALA A 49 11.50 -7.42 7.87
N GLU A 50 12.06 -8.42 8.53
CA GLU A 50 12.02 -9.82 7.98
C GLU A 50 10.58 -10.26 7.74
N SER A 51 10.14 -10.27 6.50
CA SER A 51 8.74 -10.68 6.16
C SER A 51 7.71 -9.88 6.97
N ARG A 52 8.07 -8.67 7.36
CA ARG A 52 7.14 -7.81 8.15
C ARG A 52 7.40 -6.34 7.80
N LEU A 53 6.35 -5.59 7.57
CA LEU A 53 6.54 -4.14 7.22
C LEU A 53 6.05 -3.24 8.36
N SER A 54 6.86 -2.29 8.75
CA SER A 54 6.46 -1.36 9.84
C SER A 54 6.40 0.06 9.28
N TRP A 55 5.26 0.71 9.37
CA TRP A 55 5.12 2.09 8.82
C TRP A 55 4.78 3.09 9.93
N LEU A 56 5.30 4.29 9.83
CA LEU A 56 5.00 5.34 10.85
C LEU A 56 4.20 6.46 10.21
N ASP A 57 3.09 6.81 10.82
CA ASP A 57 2.22 7.91 10.28
C ASP A 57 2.71 9.28 10.75
N GLY A 58 2.79 10.21 9.83
CA GLY A 58 3.26 11.60 10.14
C GLY A 58 2.43 12.28 11.23
N SER A 59 1.27 11.76 11.58
CA SER A 59 0.44 12.40 12.64
C SER A 59 0.86 11.93 14.04
N GLY A 60 2.02 11.31 14.18
CA GLY A 60 2.48 10.83 15.52
C GLY A 60 1.87 9.47 15.83
N LEU A 61 1.51 8.72 14.83
CA LEU A 61 0.91 7.38 15.05
C LEU A 61 1.72 6.36 14.28
N GLY A 62 2.25 5.36 14.95
CA GLY A 62 3.05 4.33 14.24
C GLY A 62 2.24 3.06 14.12
N PHE A 63 2.31 2.41 12.98
CA PHE A 63 1.54 1.12 12.81
C PHE A 63 2.28 0.17 11.86
N SER A 64 2.21 -1.11 12.15
CA SER A 64 2.92 -2.11 11.28
C SER A 64 1.94 -3.00 10.53
N LEU A 65 2.29 -3.37 9.33
CA LEU A 65 1.40 -4.26 8.50
C LEU A 65 2.13 -5.56 8.17
N GLU A 66 1.43 -6.67 8.22
CA GLU A 66 2.06 -7.98 7.91
C GLU A 66 1.02 -8.97 7.38
N TYR A 67 0.01 -8.47 6.71
CA TYR A 67 -1.07 -9.36 6.15
C TYR A 67 -1.03 -9.35 4.62
N PRO A 68 -1.51 -10.41 3.98
CA PRO A 68 -1.50 -10.46 2.50
C PRO A 68 -2.58 -9.52 1.94
N THR A 69 -2.42 -8.23 2.15
CA THR A 69 -3.42 -7.24 1.64
C THR A 69 -2.89 -6.56 0.36
N ILE A 70 -1.97 -7.18 -0.33
CA ILE A 70 -1.41 -6.57 -1.58
C ILE A 70 -2.00 -7.26 -2.81
N SER A 71 -2.23 -6.53 -3.87
CA SER A 71 -2.79 -7.13 -5.12
C SER A 71 -1.88 -6.82 -6.31
N LEU A 72 -1.95 -5.62 -6.85
CA LEU A 72 -1.07 -5.26 -8.01
C LEU A 72 -0.21 -4.06 -7.62
N HIS A 73 1.08 -4.24 -7.49
CA HIS A 73 1.98 -3.12 -7.11
C HIS A 73 2.79 -2.62 -8.30
N ALA A 74 2.63 -1.36 -8.63
CA ALA A 74 3.36 -0.76 -9.78
C ALA A 74 4.36 0.30 -9.30
N VAL A 75 5.56 0.26 -9.83
CA VAL A 75 6.60 1.25 -9.43
C VAL A 75 7.70 1.33 -10.50
N SER A 76 8.11 0.20 -11.05
CA SER A 76 9.19 0.20 -12.09
C SER A 76 8.67 0.88 -13.37
N ARG A 77 8.60 2.18 -13.38
CA ARG A 77 8.11 2.92 -14.58
C ARG A 77 9.24 3.79 -15.16
N ASP A 78 9.12 4.16 -16.41
CA ASP A 78 10.18 5.02 -17.04
C ASP A 78 10.16 6.42 -16.42
N LEU A 79 11.28 6.85 -15.91
CA LEU A 79 11.35 8.21 -15.28
C LEU A 79 12.23 9.14 -16.11
N ASN A 80 11.75 10.33 -16.41
CA ASN A 80 12.54 11.30 -17.22
C ASN A 80 12.00 12.71 -17.04
N ALA A 81 10.69 12.86 -17.11
CA ALA A 81 10.06 14.20 -16.94
C ALA A 81 9.95 14.56 -15.46
N TYR A 82 9.77 13.57 -14.63
CA TYR A 82 9.64 13.80 -13.16
C TYR A 82 10.68 12.95 -12.40
N PRO A 83 11.70 13.58 -11.86
CA PRO A 83 12.73 12.81 -11.11
C PRO A 83 12.18 12.41 -9.73
N ARG A 84 11.17 11.59 -9.71
CA ARG A 84 10.56 11.15 -8.41
C ARG A 84 10.22 9.66 -8.46
N GLU A 85 10.31 8.98 -7.34
CA GLU A 85 9.99 7.53 -7.28
C GLU A 85 8.54 7.35 -6.82
N HIS A 86 7.97 6.18 -7.00
CA HIS A 86 6.55 5.96 -6.58
C HIS A 86 6.16 4.48 -6.61
N LEU A 87 5.58 3.96 -5.54
CA LEU A 87 5.12 2.54 -5.55
C LEU A 87 3.70 2.48 -5.04
N TYR A 88 2.73 2.44 -5.93
CA TYR A 88 1.31 2.35 -5.46
C TYR A 88 0.75 1.00 -5.81
N VAL A 89 0.05 0.36 -4.89
CA VAL A 89 -0.48 -1.00 -5.21
C VAL A 89 -2.01 -0.98 -5.23
N MET A 90 -2.57 -1.36 -6.35
CA MET A 90 -4.05 -1.31 -6.53
C MET A 90 -4.69 -2.64 -6.12
N VAL A 91 -5.67 -2.61 -5.24
CA VAL A 91 -6.32 -3.86 -4.77
C VAL A 91 -7.85 -3.77 -4.94
N ASN A 92 -8.45 -4.85 -5.38
CA ASN A 92 -9.94 -4.87 -5.57
C ASN A 92 -10.59 -5.69 -4.44
N ALA A 93 -11.47 -5.09 -3.69
CA ALA A 93 -12.14 -5.82 -2.57
C ALA A 93 -13.62 -6.07 -2.89
N LYS A 94 -14.16 -7.17 -2.41
CA LYS A 94 -15.60 -7.49 -2.68
C LYS A 94 -16.37 -7.54 -1.36
N PHE A 95 -17.45 -6.79 -1.27
CA PHE A 95 -18.27 -6.78 -0.02
C PHE A 95 -19.68 -7.32 -0.31
N GLY A 96 -20.28 -7.96 0.67
CA GLY A 96 -21.66 -8.51 0.48
C GLY A 96 -22.69 -7.37 0.53
N GLU A 97 -23.84 -7.58 -0.06
CA GLU A 97 -24.90 -6.51 -0.06
C GLU A 97 -25.39 -6.27 1.37
N GLU A 98 -25.41 -7.31 2.19
CA GLU A 98 -25.88 -7.15 3.62
C GLU A 98 -27.28 -6.50 3.68
N SER A 99 -28.16 -6.91 2.79
CA SER A 99 -29.54 -6.34 2.77
C SER A 99 -30.58 -7.45 2.76
N LYS A 100 -31.84 -7.11 2.95
CA LYS A 100 -32.92 -8.14 2.95
C LYS A 100 -33.30 -8.51 1.51
N GLU A 101 -33.56 -9.76 1.26
CA GLU A 101 -33.94 -10.20 -0.12
C GLU A 101 -35.46 -10.28 -0.27
N SER A 102 -36.09 -9.18 -0.62
CA SER A 102 -37.58 -9.18 -0.78
C SER A 102 -37.99 -10.11 -1.93
N VAL A 103 -37.16 -10.21 -2.94
CA VAL A 103 -37.47 -11.09 -4.10
C VAL A 103 -36.28 -12.03 -4.39
N ALA A 104 -36.55 -13.24 -4.78
CA ALA A 104 -35.45 -14.21 -5.07
C ALA A 104 -35.08 -14.16 -6.56
N GLU A 105 -34.17 -13.28 -6.93
CA GLU A 105 -33.76 -13.16 -8.36
C GLU A 105 -32.26 -12.84 -8.44
N GLU A 106 -31.61 -13.29 -9.48
CA GLU A 106 -30.14 -13.02 -9.65
C GLU A 106 -29.79 -12.85 -11.13
N GLU A 107 -29.02 -11.84 -11.45
CA GLU A 107 -28.62 -11.60 -12.87
C GLU A 107 -27.20 -12.11 -13.13
N ASP A 108 -26.25 -11.66 -12.34
CA ASP A 108 -24.81 -12.10 -12.51
C ASP A 108 -24.34 -11.89 -13.95
N SER A 109 -24.59 -10.73 -14.51
CA SER A 109 -24.17 -10.44 -15.91
C SER A 109 -22.64 -10.57 -16.04
N ASP A 110 -21.92 -10.16 -15.03
CA ASP A 110 -20.43 -10.24 -15.07
C ASP A 110 -19.86 -10.42 -13.65
N ASP A 111 -18.60 -10.76 -13.56
CA ASP A 111 -17.96 -10.96 -12.21
C ASP A 111 -17.10 -9.74 -11.85
N ASP A 112 -17.44 -8.58 -12.36
CA ASP A 112 -16.66 -7.35 -12.05
C ASP A 112 -16.99 -6.84 -10.65
N VAL A 113 -16.00 -6.45 -9.89
CA VAL A 113 -16.24 -5.95 -8.50
C VAL A 113 -16.47 -4.43 -8.54
N GLU A 114 -17.51 -3.96 -7.89
CA GLU A 114 -17.80 -2.49 -7.88
C GLU A 114 -16.89 -1.76 -6.87
N PRO A 115 -16.94 -2.17 -5.61
CA PRO A 115 -16.11 -1.50 -4.58
C PRO A 115 -14.63 -1.89 -4.75
N ILE A 116 -13.78 -0.92 -4.98
CA ILE A 116 -12.32 -1.20 -5.15
C ILE A 116 -11.52 -0.23 -4.29
N ALA A 117 -10.43 -0.68 -3.70
CA ALA A 117 -9.59 0.20 -2.85
C ALA A 117 -8.19 0.31 -3.44
N GLU A 118 -7.73 1.51 -3.70
CA GLU A 118 -6.35 1.65 -4.27
C GLU A 118 -5.37 2.07 -3.19
N PHE A 119 -4.42 1.21 -2.88
CA PHE A 119 -3.41 1.56 -1.85
C PHE A 119 -2.25 2.19 -2.60
N ARG A 120 -1.84 3.39 -2.23
CA ARG A 120 -0.70 4.03 -2.94
C ARG A 120 0.32 4.51 -1.92
N PHE A 121 1.54 4.02 -1.99
CA PHE A 121 2.58 4.47 -1.02
C PHE A 121 3.73 5.02 -1.86
N VAL A 122 3.92 6.31 -1.82
CA VAL A 122 4.95 6.91 -2.72
C VAL A 122 6.18 7.50 -1.99
N PRO A 123 7.37 6.98 -2.28
CA PRO A 123 8.58 7.49 -1.61
C PRO A 123 9.22 8.61 -2.43
N SER A 124 9.68 9.65 -1.77
CA SER A 124 10.33 10.80 -2.50
C SER A 124 11.85 10.66 -2.47
N ASP A 125 12.35 9.45 -2.34
CA ASP A 125 13.84 9.24 -2.29
C ASP A 125 14.25 8.11 -3.25
N LYS A 126 15.16 8.42 -4.17
CA LYS A 126 15.64 7.37 -5.14
C LYS A 126 16.28 6.22 -4.35
N SER A 127 16.95 6.56 -3.29
CA SER A 127 17.58 5.51 -2.43
C SER A 127 16.48 4.70 -1.76
N ALA A 128 15.34 5.31 -1.51
CA ALA A 128 14.22 4.56 -0.86
C ALA A 128 13.58 3.60 -1.86
N LEU A 129 13.51 4.00 -3.11
CA LEU A 129 12.90 3.12 -4.16
C LEU A 129 13.79 1.91 -4.42
N GLU A 130 15.08 2.13 -4.56
CA GLU A 130 16.00 0.97 -4.81
C GLU A 130 16.04 0.06 -3.58
N ALA A 131 15.98 0.63 -2.40
CA ALA A 131 15.98 -0.19 -1.16
C ALA A 131 14.69 -1.01 -1.11
N MET A 132 13.60 -0.42 -1.54
CA MET A 132 12.29 -1.14 -1.56
C MET A 132 12.37 -2.29 -2.57
N PHE A 133 13.06 -2.09 -3.67
CA PHE A 133 13.20 -3.16 -4.70
C PHE A 133 14.00 -4.31 -4.14
N THR A 134 15.01 -4.01 -3.38
CA THR A 134 15.82 -5.09 -2.75
C THR A 134 14.94 -5.80 -1.72
N ALA A 135 14.08 -5.05 -1.06
CA ALA A 135 13.15 -5.65 -0.05
C ALA A 135 12.10 -6.51 -0.77
N MET A 136 11.50 -5.96 -1.80
CA MET A 136 10.46 -6.72 -2.56
C MET A 136 11.10 -7.85 -3.36
N CYS A 137 12.18 -7.55 -4.05
CA CYS A 137 12.86 -8.62 -4.87
C CYS A 137 13.31 -9.77 -3.97
N GLU A 138 13.89 -9.46 -2.84
CA GLU A 138 14.36 -10.54 -1.90
C GLU A 138 13.16 -11.27 -1.31
N CYS A 139 12.11 -10.54 -1.07
CA CYS A 139 10.87 -11.15 -0.50
C CYS A 139 10.18 -12.03 -1.55
N GLN A 140 10.08 -11.55 -2.75
CA GLN A 140 9.43 -12.35 -3.85
C GLN A 140 10.29 -13.57 -4.17
N ALA A 141 11.58 -13.42 -4.15
CA ALA A 141 12.49 -14.58 -4.45
C ALA A 141 12.43 -15.59 -3.32
N LEU A 142 12.38 -15.11 -2.09
CA LEU A 142 12.32 -16.04 -0.91
C LEU A 142 11.00 -16.81 -0.92
N GLN A 27 14.83 -4.24 6.38
CA GLN A 27 14.82 -3.11 5.40
C GLN A 27 13.86 -2.00 5.85
N GLN A 28 14.27 -0.76 5.70
CA GLN A 28 13.40 0.39 6.12
C GLN A 28 13.59 1.58 5.18
N GLN A 29 12.66 2.50 5.18
CA GLN A 29 12.78 3.71 4.30
C GLN A 29 12.88 4.98 5.14
N PRO A 30 13.51 6.02 4.61
CA PRO A 30 13.66 7.27 5.38
C PRO A 30 12.42 8.18 5.23
N GLU A 31 12.24 8.80 4.09
CA GLU A 31 11.07 9.70 3.87
C GLU A 31 10.15 9.12 2.80
N THR A 32 8.89 8.95 3.13
CA THR A 32 7.92 8.38 2.15
C THR A 32 6.49 8.76 2.58
N GLU A 33 5.59 8.90 1.62
CA GLU A 33 4.18 9.26 1.98
C GLU A 33 3.24 8.07 1.78
N ALA A 34 2.23 8.00 2.62
CA ALA A 34 1.25 6.89 2.54
C ALA A 34 -0.16 7.34 2.12
N VAL A 35 -0.65 6.70 1.07
CA VAL A 35 -2.03 6.98 0.56
C VAL A 35 -2.81 5.64 0.60
N LEU A 36 -4.05 5.65 1.06
CA LEU A 36 -4.82 4.37 1.19
C LEU A 36 -6.22 4.36 0.50
N ASN A 37 -6.42 3.37 -0.36
CA ASN A 37 -7.75 3.12 -1.08
C ASN A 37 -8.16 4.21 -2.08
N GLY A 38 -7.28 5.10 -2.47
CA GLY A 38 -7.66 6.15 -3.48
C GLY A 38 -7.58 7.52 -2.82
N LYS A 39 -7.92 7.59 -1.55
CA LYS A 39 -7.83 8.87 -0.80
C LYS A 39 -6.51 8.81 -0.05
N GLY A 40 -5.67 9.82 -0.18
CA GLY A 40 -4.33 9.74 0.47
C GLY A 40 -4.35 10.06 1.95
N LEU A 41 -4.17 9.04 2.75
CA LEU A 41 -4.04 9.21 4.20
C LEU A 41 -2.74 8.54 4.65
N GLY A 42 -1.79 9.31 5.12
CA GLY A 42 -0.51 8.73 5.62
C GLY A 42 0.68 9.55 5.15
N THR A 43 1.47 10.05 6.07
CA THR A 43 2.68 10.83 5.72
C THR A 43 3.76 10.51 6.77
N GLY A 44 4.83 9.82 6.41
CA GLY A 44 5.85 9.47 7.44
C GLY A 44 6.93 8.54 6.91
N THR A 45 7.21 7.52 7.67
CA THR A 45 8.30 6.56 7.28
C THR A 45 7.76 5.13 7.05
N LEU A 46 8.35 4.43 6.11
CA LEU A 46 7.89 3.04 5.81
C LEU A 46 8.96 2.02 6.25
N TYR A 47 8.59 1.10 7.11
CA TYR A 47 9.55 0.04 7.56
C TYR A 47 9.12 -1.32 7.02
N ILE A 48 9.98 -2.01 6.32
CA ILE A 48 9.62 -3.35 5.77
C ILE A 48 10.06 -4.44 6.75
N ALA A 49 9.16 -5.31 7.13
CA ALA A 49 9.50 -6.40 8.09
C ALA A 49 9.14 -7.77 7.51
N GLU A 50 9.57 -8.82 8.15
CA GLU A 50 9.28 -10.21 7.66
C GLU A 50 7.78 -10.43 7.41
N SER A 51 7.38 -10.40 6.15
CA SER A 51 5.94 -10.62 5.79
C SER A 51 5.02 -9.65 6.54
N ARG A 52 5.45 -8.42 6.71
CA ARG A 52 4.61 -7.41 7.41
C ARG A 52 5.22 -6.02 7.23
N LEU A 53 4.41 -4.98 7.21
CA LEU A 53 4.95 -3.61 7.01
C LEU A 53 4.62 -2.73 8.21
N SER A 54 5.58 -1.95 8.66
CA SER A 54 5.35 -1.04 9.82
C SER A 54 5.54 0.40 9.34
N TRP A 55 4.55 1.25 9.57
CA TRP A 55 4.66 2.67 9.10
C TRP A 55 4.63 3.65 10.27
N LEU A 56 5.41 4.70 10.17
CA LEU A 56 5.40 5.74 11.24
C LEU A 56 4.49 6.88 10.78
N ASP A 57 3.55 7.25 11.61
CA ASP A 57 2.59 8.34 11.25
C ASP A 57 3.22 9.72 11.43
N GLY A 58 3.07 10.55 10.43
CA GLY A 58 3.62 11.94 10.44
C GLY A 58 3.28 12.70 11.74
N SER A 59 2.26 12.30 12.46
CA SER A 59 1.88 13.03 13.72
C SER A 59 2.70 12.54 14.92
N GLY A 60 3.77 11.78 14.70
CA GLY A 60 4.60 11.29 15.83
C GLY A 60 4.04 10.00 16.42
N LEU A 61 3.30 9.26 15.64
CA LEU A 61 2.71 7.98 16.15
C LEU A 61 3.11 6.82 15.25
N GLY A 62 3.77 5.83 15.80
CA GLY A 62 4.19 4.65 14.99
C GLY A 62 3.05 3.63 14.90
N PHE A 63 2.66 3.25 13.71
CA PHE A 63 1.56 2.23 13.57
C PHE A 63 1.96 1.12 12.59
N SER A 64 1.57 -0.10 12.89
CA SER A 64 1.96 -1.25 12.03
C SER A 64 0.89 -1.55 10.97
N LEU A 65 1.33 -1.83 9.77
CA LEU A 65 0.39 -2.17 8.67
C LEU A 65 0.50 -3.65 8.30
N GLU A 66 -0.45 -4.44 8.74
CA GLU A 66 -0.43 -5.90 8.44
C GLU A 66 -1.67 -6.30 7.64
N TYR A 67 -2.78 -5.62 7.84
CA TYR A 67 -4.03 -5.97 7.08
C TYR A 67 -3.81 -5.92 5.57
N PRO A 68 -3.35 -4.78 5.06
CA PRO A 68 -3.12 -4.67 3.59
C PRO A 68 -1.94 -5.54 3.15
N THR A 69 -1.96 -5.97 1.92
CA THR A 69 -0.86 -6.84 1.39
C THR A 69 -0.43 -6.34 0.02
N ILE A 70 0.60 -6.92 -0.54
CA ILE A 70 1.08 -6.48 -1.89
C ILE A 70 0.47 -7.35 -3.00
N SER A 71 -0.52 -6.83 -3.69
CA SER A 71 -1.17 -7.60 -4.80
C SER A 71 -0.82 -6.98 -6.16
N LEU A 72 -1.37 -5.82 -6.50
CA LEU A 72 -1.03 -5.19 -7.80
C LEU A 72 -0.06 -4.03 -7.56
N HIS A 73 1.24 -4.27 -7.57
CA HIS A 73 2.22 -3.19 -7.29
C HIS A 73 2.93 -2.69 -8.56
N ALA A 74 2.89 -1.40 -8.76
CA ALA A 74 3.53 -0.77 -9.94
C ALA A 74 4.83 -0.08 -9.53
N VAL A 75 5.91 -0.41 -10.19
CA VAL A 75 7.22 0.22 -9.86
C VAL A 75 7.83 0.86 -11.10
N SER A 76 8.69 1.84 -10.92
CA SER A 76 9.32 2.53 -12.08
C SER A 76 10.84 2.35 -12.06
N ARG A 77 11.45 2.11 -13.20
CA ARG A 77 12.92 1.93 -13.26
C ARG A 77 13.55 3.06 -14.08
N ASP A 78 12.90 3.43 -15.16
CA ASP A 78 13.44 4.54 -16.03
C ASP A 78 12.72 5.85 -15.70
N LEU A 79 13.45 6.94 -15.63
CA LEU A 79 12.83 8.26 -15.32
C LEU A 79 12.30 8.91 -16.59
N ASN A 80 11.03 8.74 -16.88
CA ASN A 80 10.43 9.35 -18.11
C ASN A 80 8.90 9.20 -18.11
N ALA A 81 8.41 8.06 -17.68
CA ALA A 81 6.93 7.84 -17.63
C ALA A 81 6.30 8.63 -16.48
N TYR A 82 7.03 8.78 -15.42
CA TYR A 82 6.53 9.53 -14.23
C TYR A 82 7.52 10.66 -13.86
N PRO A 83 7.03 11.74 -13.28
CA PRO A 83 7.93 12.86 -12.91
C PRO A 83 8.82 12.47 -11.73
N ARG A 84 8.36 11.56 -10.90
CA ARG A 84 9.18 11.12 -9.73
C ARG A 84 8.93 9.64 -9.42
N GLU A 85 9.86 9.01 -8.74
CA GLU A 85 9.69 7.56 -8.38
C GLU A 85 8.43 7.36 -7.55
N HIS A 86 7.82 6.19 -7.64
CA HIS A 86 6.56 5.94 -6.84
C HIS A 86 6.24 4.45 -6.77
N LEU A 87 5.82 3.96 -5.62
CA LEU A 87 5.45 2.52 -5.49
C LEU A 87 3.94 2.43 -5.28
N TYR A 88 3.22 2.13 -6.33
CA TYR A 88 1.73 2.04 -6.21
C TYR A 88 1.30 0.60 -6.04
N VAL A 89 0.63 0.25 -4.97
CA VAL A 89 0.15 -1.17 -4.83
C VAL A 89 -1.35 -1.15 -4.44
N MET A 90 -2.13 -1.76 -5.29
CA MET A 90 -3.61 -1.80 -5.11
C MET A 90 -4.10 -3.16 -4.61
N VAL A 91 -4.96 -3.12 -3.62
CA VAL A 91 -5.51 -4.39 -3.04
C VAL A 91 -6.95 -4.61 -3.52
N ASN A 92 -7.27 -5.84 -3.87
CA ASN A 92 -8.66 -6.15 -4.35
C ASN A 92 -9.42 -6.93 -3.28
N ALA A 93 -10.71 -6.70 -3.18
CA ALA A 93 -11.53 -7.42 -2.16
C ALA A 93 -11.93 -8.81 -2.68
N LYS A 94 -11.97 -9.78 -1.81
CA LYS A 94 -12.35 -11.16 -2.22
C LYS A 94 -13.79 -11.46 -1.81
N PHE A 95 -14.55 -12.10 -2.67
CA PHE A 95 -15.97 -12.41 -2.36
C PHE A 95 -16.12 -13.89 -1.97
N GLY A 96 -16.98 -14.16 -1.02
CA GLY A 96 -17.19 -15.58 -0.57
C GLY A 96 -18.51 -15.67 0.19
N GLU A 97 -18.46 -15.59 1.50
CA GLU A 97 -19.71 -15.66 2.31
C GLU A 97 -20.10 -14.26 2.81
N GLU A 98 -21.35 -13.89 2.65
CA GLU A 98 -21.80 -12.54 3.10
C GLU A 98 -23.02 -12.67 4.03
N SER A 99 -23.06 -11.89 5.08
CA SER A 99 -24.20 -11.95 6.03
C SER A 99 -24.75 -10.54 6.28
N LYS A 100 -26.06 -10.42 6.38
CA LYS A 100 -26.69 -9.09 6.62
C LYS A 100 -27.81 -9.20 7.65
N GLU A 101 -27.78 -8.36 8.66
CA GLU A 101 -28.83 -8.40 9.72
C GLU A 101 -29.61 -7.08 9.74
N SER A 102 -30.90 -7.15 9.97
CA SER A 102 -31.73 -5.91 10.01
C SER A 102 -31.69 -5.28 11.41
N VAL A 103 -30.60 -4.62 11.73
CA VAL A 103 -30.46 -3.98 13.07
C VAL A 103 -29.95 -2.54 12.92
N ALA A 104 -30.40 -1.66 13.79
CA ALA A 104 -29.95 -0.22 13.71
C ALA A 104 -28.53 -0.09 14.26
N GLU A 105 -27.69 0.63 13.56
CA GLU A 105 -26.28 0.81 14.02
C GLU A 105 -25.79 2.23 13.70
N GLU A 106 -26.02 2.68 12.48
CA GLU A 106 -25.59 4.06 12.06
C GLU A 106 -24.07 4.24 12.26
N GLU A 107 -23.62 4.62 13.44
CA GLU A 107 -22.15 4.81 13.69
C GLU A 107 -21.53 5.77 12.65
N ASP A 108 -20.22 5.86 12.63
CA ASP A 108 -19.55 6.77 11.66
C ASP A 108 -19.40 6.07 10.30
N SER A 109 -19.83 6.73 9.24
CA SER A 109 -19.73 6.11 7.87
C SER A 109 -18.27 5.82 7.53
N ASP A 110 -18.02 4.84 6.69
CA ASP A 110 -16.63 4.49 6.31
C ASP A 110 -16.60 3.89 4.90
N ASP A 111 -15.42 3.73 4.34
CA ASP A 111 -15.31 3.15 2.95
C ASP A 111 -15.58 1.65 2.99
N ASP A 112 -16.48 1.17 2.15
CA ASP A 112 -16.80 -0.29 2.13
C ASP A 112 -15.61 -1.10 1.56
N VAL A 113 -15.56 -2.37 1.88
CA VAL A 113 -14.45 -3.23 1.37
C VAL A 113 -14.88 -4.00 0.10
N GLU A 114 -16.17 -4.05 -0.19
CA GLU A 114 -16.65 -4.80 -1.41
C GLU A 114 -15.86 -4.40 -2.68
N PRO A 115 -15.76 -3.11 -2.97
CA PRO A 115 -15.02 -2.68 -4.19
C PRO A 115 -13.51 -2.86 -3.99
N ILE A 116 -12.72 -2.26 -4.85
CA ILE A 116 -11.23 -2.39 -4.74
C ILE A 116 -10.64 -1.10 -4.15
N ALA A 117 -9.60 -1.21 -3.35
CA ALA A 117 -8.98 -0.01 -2.74
C ALA A 117 -7.65 0.30 -3.40
N GLU A 118 -7.42 1.55 -3.79
CA GLU A 118 -6.10 1.88 -4.43
C GLU A 118 -5.16 2.36 -3.33
N PHE A 119 -4.12 1.61 -3.07
CA PHE A 119 -3.16 2.02 -2.01
C PHE A 119 -1.87 2.41 -2.73
N ARG A 120 -1.27 3.52 -2.40
CA ARG A 120 0.01 3.88 -3.07
C ARG A 120 0.95 4.52 -2.09
N PHE A 121 2.08 3.88 -1.94
CA PHE A 121 3.10 4.37 -1.02
C PHE A 121 4.19 4.92 -1.90
N VAL A 122 4.35 6.22 -1.84
CA VAL A 122 5.29 6.88 -2.79
C VAL A 122 6.50 7.50 -2.07
N PRO A 123 7.71 7.06 -2.39
CA PRO A 123 8.90 7.61 -1.73
C PRO A 123 9.52 8.76 -2.54
N SER A 124 10.01 9.76 -1.86
CA SER A 124 10.66 10.90 -2.57
C SER A 124 12.16 10.63 -2.72
N ASP A 125 12.73 9.85 -1.84
CA ASP A 125 14.19 9.52 -1.92
C ASP A 125 14.45 8.39 -2.92
N LYS A 126 15.26 8.65 -3.93
CA LYS A 126 15.58 7.58 -4.94
C LYS A 126 16.23 6.40 -4.22
N SER A 127 17.02 6.68 -3.21
CA SER A 127 17.66 5.60 -2.43
C SER A 127 16.59 4.79 -1.71
N ALA A 128 15.49 5.43 -1.34
CA ALA A 128 14.39 4.69 -0.65
C ALA A 128 13.68 3.78 -1.65
N LEU A 129 13.51 4.23 -2.87
CA LEU A 129 12.82 3.40 -3.91
C LEU A 129 13.65 2.14 -4.21
N GLU A 130 14.95 2.31 -4.40
CA GLU A 130 15.82 1.13 -4.70
C GLU A 130 15.86 0.19 -3.49
N ALA A 131 15.79 0.74 -2.30
CA ALA A 131 15.80 -0.12 -1.07
C ALA A 131 14.53 -0.98 -1.04
N MET A 132 13.40 -0.38 -1.33
CA MET A 132 12.12 -1.16 -1.35
C MET A 132 12.17 -2.19 -2.47
N PHE A 133 12.78 -1.85 -3.58
CA PHE A 133 12.88 -2.80 -4.72
C PHE A 133 13.70 -4.00 -4.30
N THR A 134 14.73 -3.77 -3.51
CA THR A 134 15.54 -4.92 -3.01
C THR A 134 14.65 -5.72 -2.04
N ALA A 135 13.78 -5.03 -1.32
CA ALA A 135 12.86 -5.74 -0.37
C ALA A 135 11.83 -6.56 -1.17
N MET A 136 11.24 -5.95 -2.17
CA MET A 136 10.22 -6.67 -3.01
C MET A 136 10.91 -7.71 -3.88
N CYS A 137 12.00 -7.32 -4.52
CA CYS A 137 12.74 -8.28 -5.40
C CYS A 137 13.21 -9.50 -4.59
N GLU A 138 13.74 -9.27 -3.41
CA GLU A 138 14.20 -10.41 -2.55
C GLU A 138 13.00 -11.21 -2.07
N CYS A 139 11.93 -10.54 -1.80
CA CYS A 139 10.68 -11.22 -1.33
C CYS A 139 10.09 -12.06 -2.47
N GLN A 140 10.06 -11.51 -3.66
CA GLN A 140 9.51 -12.27 -4.83
C GLN A 140 10.38 -13.48 -5.11
N ALA A 141 11.68 -13.33 -5.02
CA ALA A 141 12.61 -14.47 -5.29
C ALA A 141 12.42 -15.54 -4.21
N LEU A 142 12.22 -15.13 -2.97
CA LEU A 142 12.04 -16.11 -1.86
C LEU A 142 10.71 -16.86 -2.03
N GLN A 27 15.17 -4.16 5.32
CA GLN A 27 15.30 -2.80 4.68
C GLN A 27 14.54 -1.75 5.49
N GLN A 28 15.01 -0.52 5.45
CA GLN A 28 14.33 0.57 6.20
C GLN A 28 14.32 1.86 5.39
N GLN A 29 13.21 2.56 5.35
CA GLN A 29 13.13 3.84 4.57
C GLN A 29 13.09 5.04 5.54
N PRO A 30 13.82 6.10 5.22
CA PRO A 30 13.84 7.28 6.11
C PRO A 30 12.63 8.19 5.85
N GLU A 31 12.58 8.85 4.72
CA GLU A 31 11.44 9.76 4.39
C GLU A 31 10.65 9.21 3.21
N THR A 32 9.37 9.00 3.40
CA THR A 32 8.51 8.45 2.31
C THR A 32 7.04 8.76 2.63
N GLU A 33 6.20 8.99 1.63
CA GLU A 33 4.76 9.27 1.96
C GLU A 33 3.88 8.09 1.53
N ALA A 34 2.85 7.86 2.30
CA ALA A 34 1.92 6.75 2.02
C ALA A 34 0.51 7.20 1.62
N VAL A 35 0.04 6.70 0.50
CA VAL A 35 -1.35 7.00 0.04
C VAL A 35 -2.19 5.69 0.15
N LEU A 36 -3.42 5.74 0.62
CA LEU A 36 -4.23 4.48 0.83
C LEU A 36 -5.63 4.47 0.16
N ASN A 37 -5.88 3.44 -0.63
CA ASN A 37 -7.20 3.19 -1.33
C ASN A 37 -7.63 4.28 -2.31
N GLY A 38 -6.74 5.13 -2.76
CA GLY A 38 -7.13 6.20 -3.75
C GLY A 38 -6.97 7.57 -3.12
N LYS A 39 -7.26 7.69 -1.85
CA LYS A 39 -7.10 8.99 -1.14
C LYS A 39 -5.76 8.92 -0.41
N GLY A 40 -4.94 9.95 -0.51
CA GLY A 40 -3.59 9.86 0.13
C GLY A 40 -3.65 10.06 1.63
N LEU A 41 -3.45 8.98 2.36
CA LEU A 41 -3.37 9.05 3.83
C LEU A 41 -2.06 8.35 4.26
N GLY A 42 -1.15 9.10 4.79
CA GLY A 42 0.13 8.53 5.28
C GLY A 42 1.30 9.40 4.89
N THR A 43 2.01 9.91 5.86
CA THR A 43 3.23 10.73 5.57
C THR A 43 4.22 10.41 6.67
N GLY A 44 5.32 9.74 6.36
CA GLY A 44 6.29 9.38 7.45
C GLY A 44 7.34 8.41 6.98
N THR A 45 7.59 7.42 7.79
CA THR A 45 8.63 6.39 7.44
C THR A 45 8.05 4.98 7.37
N LEU A 46 8.56 4.18 6.47
CA LEU A 46 8.08 2.77 6.32
C LEU A 46 9.19 1.79 6.68
N TYR A 47 8.89 0.79 7.47
CA TYR A 47 9.92 -0.23 7.85
C TYR A 47 9.58 -1.58 7.22
N ILE A 48 10.55 -2.21 6.61
CA ILE A 48 10.28 -3.54 5.96
C ILE A 48 11.04 -4.64 6.72
N ALA A 49 10.33 -5.64 7.19
CA ALA A 49 10.98 -6.75 7.95
C ALA A 49 10.64 -8.09 7.31
N GLU A 50 11.17 -9.17 7.83
CA GLU A 50 10.87 -10.52 7.26
C GLU A 50 9.36 -10.80 7.29
N SER A 51 8.72 -10.69 6.15
CA SER A 51 7.24 -10.92 6.07
C SER A 51 6.48 -10.02 7.06
N ARG A 52 7.09 -8.93 7.49
CA ARG A 52 6.42 -8.00 8.45
C ARG A 52 6.70 -6.55 8.03
N LEU A 53 5.68 -5.73 7.95
CA LEU A 53 5.89 -4.30 7.55
C LEU A 53 5.33 -3.35 8.61
N SER A 54 6.15 -2.45 9.09
CA SER A 54 5.68 -1.47 10.13
C SER A 54 5.77 -0.05 9.56
N TRP A 55 4.73 0.72 9.70
CA TRP A 55 4.75 2.13 9.16
C TRP A 55 4.57 3.16 10.28
N LEU A 56 5.23 4.29 10.18
CA LEU A 56 5.09 5.35 11.21
C LEU A 56 4.41 6.59 10.63
N ASP A 57 3.36 7.06 11.29
CA ASP A 57 2.63 8.25 10.79
C ASP A 57 3.34 9.55 11.20
N GLY A 58 3.33 10.50 10.29
CA GLY A 58 4.00 11.83 10.47
C GLY A 58 3.63 12.51 11.79
N SER A 59 2.54 12.13 12.44
CA SER A 59 2.16 12.79 13.73
C SER A 59 2.86 12.15 14.94
N GLY A 60 3.91 11.38 14.71
CA GLY A 60 4.64 10.73 15.84
C GLY A 60 3.89 9.50 16.33
N LEU A 61 3.08 8.92 15.47
CA LEU A 61 2.32 7.70 15.86
C LEU A 61 2.48 6.66 14.77
N GLY A 62 2.97 5.48 15.09
CA GLY A 62 3.15 4.44 14.04
C GLY A 62 2.25 3.24 14.30
N PHE A 63 2.28 2.31 13.39
CA PHE A 63 1.46 1.08 13.52
C PHE A 63 2.13 -0.05 12.76
N SER A 64 2.06 -1.25 13.29
CA SER A 64 2.72 -2.40 12.61
C SER A 64 1.73 -3.19 11.77
N LEU A 65 2.06 -3.41 10.52
CA LEU A 65 1.17 -4.18 9.62
C LEU A 65 1.76 -5.58 9.37
N GLU A 66 1.25 -6.57 10.06
CA GLU A 66 1.77 -7.96 9.87
C GLU A 66 1.34 -8.49 8.51
N TYR A 67 0.14 -8.14 8.09
CA TYR A 67 -0.37 -8.59 6.76
C TYR A 67 -0.85 -7.39 5.95
N PRO A 68 0.05 -6.77 5.19
CA PRO A 68 -0.34 -5.58 4.38
C PRO A 68 -1.29 -5.99 3.26
N THR A 69 -2.36 -5.25 3.08
CA THR A 69 -3.34 -5.58 2.00
C THR A 69 -2.74 -5.25 0.63
N ILE A 70 -1.79 -6.04 0.19
CA ILE A 70 -1.15 -5.80 -1.15
C ILE A 70 -1.68 -6.81 -2.17
N SER A 71 -1.83 -6.40 -3.41
CA SER A 71 -2.35 -7.33 -4.46
C SER A 71 -1.58 -7.13 -5.77
N LEU A 72 -1.74 -5.99 -6.41
CA LEU A 72 -0.99 -5.74 -7.68
C LEU A 72 -0.05 -4.55 -7.48
N HIS A 73 1.20 -4.68 -7.87
CA HIS A 73 2.16 -3.56 -7.69
C HIS A 73 2.45 -2.89 -9.05
N ALA A 74 2.26 -1.60 -9.11
CA ALA A 74 2.51 -0.86 -10.38
C ALA A 74 3.35 0.39 -10.11
N VAL A 75 4.35 0.62 -10.93
CA VAL A 75 5.22 1.81 -10.76
C VAL A 75 5.72 2.30 -12.13
N SER A 76 4.85 2.87 -12.92
CA SER A 76 5.24 3.37 -14.29
C SER A 76 5.88 2.24 -15.10
N ARG A 77 5.08 1.47 -15.82
CA ARG A 77 5.62 0.35 -16.64
C ARG A 77 6.67 0.85 -17.63
N ASP A 78 6.46 2.02 -18.19
CA ASP A 78 7.44 2.59 -19.17
C ASP A 78 8.39 3.57 -18.45
N LEU A 79 9.66 3.26 -18.40
CA LEU A 79 10.63 4.17 -17.72
C LEU A 79 12.04 3.96 -18.30
N ASN A 80 12.73 5.03 -18.59
CA ASN A 80 14.12 4.92 -19.15
C ASN A 80 14.80 6.28 -19.11
N ALA A 81 14.13 7.30 -19.60
CA ALA A 81 14.72 8.68 -19.61
C ALA A 81 14.27 9.47 -18.38
N TYR A 82 13.12 9.14 -17.86
CA TYR A 82 12.59 9.86 -16.65
C TYR A 82 12.57 8.91 -15.43
N PRO A 83 13.47 9.13 -14.49
CA PRO A 83 13.50 8.24 -13.29
C PRO A 83 12.26 8.50 -12.41
N ARG A 84 11.69 7.45 -11.87
CA ARG A 84 10.48 7.61 -11.00
C ARG A 84 10.76 7.11 -9.58
N GLU A 85 10.34 7.86 -8.59
CA GLU A 85 10.58 7.46 -7.18
C GLU A 85 9.24 7.37 -6.44
N HIS A 86 8.27 6.72 -7.04
CA HIS A 86 6.92 6.59 -6.41
C HIS A 86 6.27 5.29 -6.90
N LEU A 87 5.73 4.43 -6.02
CA LEU A 87 5.10 3.16 -6.54
C LEU A 87 3.77 2.84 -5.89
N TYR A 88 2.74 2.65 -6.69
CA TYR A 88 1.40 2.33 -6.12
C TYR A 88 0.97 0.91 -6.41
N VAL A 89 0.43 0.23 -5.42
CA VAL A 89 -0.02 -1.17 -5.66
C VAL A 89 -1.56 -1.25 -5.51
N MET A 90 -2.21 -1.69 -6.56
CA MET A 90 -3.71 -1.74 -6.57
C MET A 90 -4.22 -2.99 -5.86
N VAL A 91 -5.11 -2.82 -4.88
CA VAL A 91 -5.65 -3.99 -4.13
C VAL A 91 -7.18 -4.01 -4.14
N ASN A 92 -7.75 -5.19 -4.09
CA ASN A 92 -9.24 -5.31 -4.07
C ASN A 92 -9.72 -5.61 -2.64
N ALA A 93 -10.57 -4.77 -2.10
CA ALA A 93 -11.07 -4.98 -0.71
C ALA A 93 -12.52 -5.45 -0.74
N LYS A 94 -12.85 -6.47 0.03
CA LYS A 94 -14.24 -6.99 0.07
C LYS A 94 -14.83 -6.84 1.47
N PHE A 95 -15.97 -6.20 1.58
CA PHE A 95 -16.61 -6.00 2.92
C PHE A 95 -17.94 -6.78 3.00
N GLY A 96 -18.24 -7.32 4.14
CA GLY A 96 -19.51 -8.10 4.30
C GLY A 96 -19.38 -9.05 5.50
N GLU A 97 -20.44 -9.72 5.84
CA GLU A 97 -20.41 -10.67 6.99
C GLU A 97 -20.91 -12.06 6.56
N GLU A 98 -21.97 -12.09 5.78
CA GLU A 98 -22.53 -13.41 5.32
C GLU A 98 -22.07 -13.69 3.89
N SER A 99 -22.36 -14.87 3.39
CA SER A 99 -21.96 -15.25 1.99
C SER A 99 -20.45 -15.05 1.79
N LYS A 100 -19.65 -15.59 2.68
CA LYS A 100 -18.17 -15.45 2.56
C LYS A 100 -17.67 -16.07 1.24
N GLU A 101 -18.28 -17.17 0.85
CA GLU A 101 -17.86 -17.84 -0.41
C GLU A 101 -18.89 -17.56 -1.53
N SER A 102 -18.43 -17.06 -2.65
CA SER A 102 -19.36 -16.75 -3.78
C SER A 102 -18.58 -16.68 -5.10
N VAL A 103 -19.27 -16.81 -6.20
CA VAL A 103 -18.60 -16.75 -7.54
C VAL A 103 -19.27 -15.69 -8.42
N ALA A 104 -18.48 -14.97 -9.19
CA ALA A 104 -19.06 -13.91 -10.08
C ALA A 104 -18.28 -13.86 -11.40
N GLU A 105 -17.73 -14.97 -11.82
CA GLU A 105 -16.94 -15.01 -13.10
C GLU A 105 -17.80 -15.61 -14.22
N GLU A 106 -17.65 -15.11 -15.43
CA GLU A 106 -18.44 -15.64 -16.59
C GLU A 106 -19.94 -15.64 -16.29
N GLU A 107 -20.63 -14.58 -16.65
CA GLU A 107 -22.10 -14.50 -16.40
C GLU A 107 -22.78 -13.66 -17.47
N ASP A 108 -22.22 -13.64 -18.67
CA ASP A 108 -22.83 -12.85 -19.80
C ASP A 108 -23.04 -11.38 -19.40
N SER A 109 -22.11 -10.81 -18.69
CA SER A 109 -22.24 -9.38 -18.25
C SER A 109 -20.88 -8.84 -17.80
N ASP A 110 -20.51 -7.68 -18.28
CA ASP A 110 -19.20 -7.07 -17.88
C ASP A 110 -19.41 -6.00 -16.81
N ASP A 111 -18.91 -6.25 -15.62
CA ASP A 111 -19.08 -5.25 -14.50
C ASP A 111 -17.72 -4.62 -14.17
N ASP A 112 -17.70 -3.33 -13.94
CA ASP A 112 -16.43 -2.63 -13.60
C ASP A 112 -16.62 -1.73 -12.38
N VAL A 113 -17.55 -2.08 -11.51
CA VAL A 113 -17.80 -1.25 -10.30
C VAL A 113 -17.62 -2.10 -9.03
N GLU A 114 -16.63 -2.96 -9.03
CA GLU A 114 -16.37 -3.83 -7.84
C GLU A 114 -15.72 -3.01 -6.70
N PRO A 115 -15.92 -3.42 -5.46
CA PRO A 115 -15.33 -2.68 -4.33
C PRO A 115 -13.81 -2.89 -4.29
N ILE A 116 -13.05 -2.00 -4.89
CA ILE A 116 -11.56 -2.13 -4.89
C ILE A 116 -10.93 -0.84 -4.36
N ALA A 117 -9.88 -0.96 -3.57
CA ALA A 117 -9.21 0.25 -3.03
C ALA A 117 -7.82 0.37 -3.68
N GLU A 118 -7.44 1.57 -4.05
CA GLU A 118 -6.09 1.75 -4.68
C GLU A 118 -5.07 2.07 -3.60
N PHE A 119 -4.17 1.17 -3.30
CA PHE A 119 -3.14 1.46 -2.28
C PHE A 119 -1.96 2.03 -3.02
N ARG A 120 -1.51 3.19 -2.62
CA ARG A 120 -0.36 3.82 -3.33
C ARG A 120 0.68 4.18 -2.30
N PHE A 121 1.90 3.66 -2.38
CA PHE A 121 2.93 4.03 -1.36
C PHE A 121 4.14 4.53 -2.13
N VAL A 122 4.38 5.81 -2.06
CA VAL A 122 5.48 6.40 -2.88
C VAL A 122 6.41 7.31 -2.04
N PRO A 123 7.72 7.06 -2.12
CA PRO A 123 8.68 7.88 -1.36
C PRO A 123 9.14 9.08 -2.19
N SER A 124 10.02 9.88 -1.64
CA SER A 124 10.55 11.06 -2.37
C SER A 124 12.07 10.97 -2.49
N ASP A 125 12.60 9.77 -2.54
CA ASP A 125 14.08 9.58 -2.63
C ASP A 125 14.40 8.42 -3.56
N LYS A 126 15.29 8.64 -4.52
CA LYS A 126 15.68 7.54 -5.48
C LYS A 126 16.29 6.40 -4.67
N SER A 127 17.00 6.74 -3.63
CA SER A 127 17.61 5.69 -2.76
C SER A 127 16.49 4.97 -2.01
N ALA A 128 15.40 5.66 -1.74
CA ALA A 128 14.27 4.99 -1.01
C ALA A 128 13.55 4.02 -1.96
N LEU A 129 13.39 4.39 -3.20
CA LEU A 129 12.70 3.50 -4.19
C LEU A 129 13.55 2.24 -4.43
N GLU A 130 14.83 2.40 -4.63
CA GLU A 130 15.70 1.20 -4.88
C GLU A 130 15.75 0.33 -3.63
N ALA A 131 15.71 0.95 -2.47
CA ALA A 131 15.74 0.16 -1.19
C ALA A 131 14.46 -0.65 -1.07
N MET A 132 13.33 -0.07 -1.43
CA MET A 132 12.03 -0.81 -1.36
C MET A 132 12.02 -1.94 -2.38
N PHE A 133 12.62 -1.71 -3.52
CA PHE A 133 12.66 -2.77 -4.58
C PHE A 133 13.52 -3.93 -4.13
N THR A 134 14.60 -3.63 -3.46
CA THR A 134 15.47 -4.72 -2.92
C THR A 134 14.70 -5.44 -1.82
N ALA A 135 13.90 -4.69 -1.06
CA ALA A 135 13.09 -5.33 0.01
C ALA A 135 11.98 -6.19 -0.61
N MET A 136 11.29 -5.64 -1.58
CA MET A 136 10.19 -6.39 -2.25
C MET A 136 10.76 -7.51 -3.12
N CYS A 137 11.77 -7.20 -3.90
CA CYS A 137 12.39 -8.24 -4.79
C CYS A 137 12.93 -9.40 -3.95
N GLU A 138 13.62 -9.10 -2.86
CA GLU A 138 14.17 -10.18 -1.98
C GLU A 138 13.03 -10.90 -1.28
N CYS A 139 12.02 -10.18 -0.92
CA CYS A 139 10.84 -10.79 -0.22
C CYS A 139 10.06 -11.68 -1.20
N GLN A 140 9.91 -11.24 -2.42
CA GLN A 140 9.16 -12.05 -3.44
C GLN A 140 9.95 -13.31 -3.78
N ALA A 141 11.25 -13.19 -3.92
CA ALA A 141 12.10 -14.38 -4.25
C ALA A 141 12.12 -15.36 -3.08
N LEU A 142 12.16 -14.83 -1.87
CA LEU A 142 12.18 -15.73 -0.66
C LEU A 142 10.83 -16.42 -0.49
N GLN A 27 15.06 -4.25 5.80
CA GLN A 27 15.10 -3.09 4.85
C GLN A 27 14.29 -1.92 5.40
N GLN A 28 14.71 -0.70 5.15
CA GLN A 28 13.98 0.49 5.66
C GLN A 28 14.06 1.64 4.66
N GLN A 29 13.08 2.52 4.67
CA GLN A 29 13.08 3.68 3.73
C GLN A 29 13.23 5.00 4.53
N PRO A 30 13.94 5.97 3.98
CA PRO A 30 14.13 7.26 4.70
C PRO A 30 12.82 8.06 4.74
N GLU A 31 12.55 8.90 3.76
CA GLU A 31 11.28 9.72 3.77
C GLU A 31 10.34 9.31 2.63
N THR A 32 9.13 8.94 2.96
CA THR A 32 8.14 8.55 1.92
C THR A 32 6.74 8.97 2.36
N GLU A 33 5.80 9.08 1.43
CA GLU A 33 4.41 9.49 1.82
C GLU A 33 3.44 8.30 1.70
N ALA A 34 2.45 8.26 2.58
CA ALA A 34 1.46 7.15 2.55
C ALA A 34 0.06 7.60 2.15
N VAL A 35 -0.52 6.88 1.20
CA VAL A 35 -1.92 7.13 0.75
C VAL A 35 -2.65 5.77 0.83
N LEU A 36 -3.88 5.73 1.32
CA LEU A 36 -4.57 4.39 1.49
C LEU A 36 -5.94 4.27 0.79
N ASN A 37 -6.07 3.24 -0.01
CA ASN A 37 -7.34 2.90 -0.74
C ASN A 37 -7.85 4.01 -1.65
N GLY A 38 -7.03 4.96 -2.01
CA GLY A 38 -7.48 6.05 -2.93
C GLY A 38 -7.66 7.36 -2.15
N LYS A 39 -7.60 7.34 -0.83
CA LYS A 39 -7.76 8.58 -0.03
C LYS A 39 -6.38 9.11 0.37
N GLY A 40 -6.25 10.39 0.53
CA GLY A 40 -4.93 10.99 0.88
C GLY A 40 -4.60 10.70 2.34
N LEU A 41 -3.53 9.96 2.54
CA LEU A 41 -3.05 9.64 3.91
C LEU A 41 -1.77 10.47 4.15
N GLY A 42 -1.34 10.51 5.36
CA GLY A 42 -0.19 11.38 5.79
C GLY A 42 1.16 10.93 5.23
N THR A 43 2.19 11.62 5.67
CA THR A 43 3.59 11.32 5.23
C THR A 43 4.36 10.73 6.41
N GLY A 44 5.29 9.83 6.15
CA GLY A 44 6.04 9.20 7.28
C GLY A 44 7.20 8.35 6.77
N THR A 45 7.56 7.38 7.56
CA THR A 45 8.70 6.47 7.18
C THR A 45 8.24 5.02 7.08
N LEU A 46 8.81 4.26 6.16
CA LEU A 46 8.41 2.83 6.00
C LEU A 46 9.58 1.90 6.34
N TYR A 47 9.40 1.02 7.30
CA TYR A 47 10.47 0.02 7.64
C TYR A 47 9.97 -1.37 7.27
N ILE A 48 10.71 -2.08 6.44
CA ILE A 48 10.28 -3.45 6.01
C ILE A 48 10.85 -4.50 6.98
N ALA A 49 10.04 -5.49 7.30
CA ALA A 49 10.50 -6.56 8.23
C ALA A 49 10.31 -7.93 7.58
N GLU A 50 10.74 -8.98 8.25
CA GLU A 50 10.59 -10.36 7.68
C GLU A 50 9.12 -10.66 7.33
N SER A 51 8.78 -10.60 6.07
CA SER A 51 7.37 -10.88 5.61
C SER A 51 6.37 -9.98 6.36
N ARG A 52 6.82 -8.83 6.82
CA ARG A 52 5.90 -7.90 7.55
C ARG A 52 6.30 -6.46 7.25
N LEU A 53 5.34 -5.60 6.97
CA LEU A 53 5.66 -4.17 6.66
C LEU A 53 5.12 -3.27 7.76
N SER A 54 5.98 -2.45 8.35
CA SER A 54 5.54 -1.53 9.44
C SER A 54 5.72 -0.09 8.99
N TRP A 55 4.68 0.71 9.09
CA TRP A 55 4.76 2.14 8.65
C TRP A 55 4.53 3.09 9.81
N LEU A 56 5.23 4.20 9.81
CA LEU A 56 5.03 5.22 10.88
C LEU A 56 4.37 6.45 10.27
N ASP A 57 3.29 6.92 10.86
CA ASP A 57 2.58 8.12 10.30
C ASP A 57 3.20 9.42 10.81
N GLY A 58 3.34 10.37 9.92
CA GLY A 58 3.92 11.72 10.25
C GLY A 58 3.21 12.42 11.43
N SER A 59 2.04 11.97 11.82
CA SER A 59 1.33 12.64 12.97
C SER A 59 1.80 12.08 14.33
N GLY A 60 2.90 11.35 14.36
CA GLY A 60 3.40 10.79 15.65
C GLY A 60 2.66 9.51 15.99
N LEU A 61 2.15 8.83 14.99
CA LEU A 61 1.41 7.56 15.25
C LEU A 61 1.97 6.46 14.36
N GLY A 62 2.43 5.40 14.96
CA GLY A 62 2.99 4.28 14.17
C GLY A 62 1.97 3.15 14.05
N PHE A 63 2.00 2.44 12.94
CA PHE A 63 1.07 1.29 12.76
C PHE A 63 1.66 0.25 11.81
N SER A 64 1.35 -1.00 12.04
CA SER A 64 1.92 -2.10 11.20
C SER A 64 0.98 -2.44 10.05
N LEU A 65 1.55 -2.87 8.94
CA LEU A 65 0.72 -3.23 7.75
C LEU A 65 1.15 -4.59 7.18
N GLU A 66 0.19 -5.40 6.79
CA GLU A 66 0.49 -6.75 6.22
C GLU A 66 -0.80 -7.43 5.75
N TYR A 67 -1.87 -7.27 6.49
CA TYR A 67 -3.17 -7.91 6.12
C TYR A 67 -3.57 -7.65 4.64
N PRO A 68 -3.60 -6.40 4.22
CA PRO A 68 -4.00 -6.10 2.82
C PRO A 68 -2.95 -6.58 1.80
N THR A 69 -1.73 -6.78 2.24
CA THR A 69 -0.63 -7.26 1.32
C THR A 69 -0.61 -6.47 0.00
N ILE A 70 0.20 -6.90 -0.93
CA ILE A 70 0.31 -6.20 -2.24
C ILE A 70 -0.42 -6.98 -3.35
N SER A 71 -1.02 -6.28 -4.27
CA SER A 71 -1.76 -6.95 -5.39
C SER A 71 -1.29 -6.40 -6.75
N LEU A 72 -1.77 -5.23 -7.13
CA LEU A 72 -1.36 -4.63 -8.43
C LEU A 72 -0.40 -3.47 -8.14
N HIS A 73 0.89 -3.64 -8.30
CA HIS A 73 1.86 -2.53 -7.98
C HIS A 73 2.43 -1.87 -9.24
N ALA A 74 2.71 -0.59 -9.13
CA ALA A 74 3.23 0.20 -10.29
C ALA A 74 4.54 0.89 -9.91
N VAL A 75 5.55 0.76 -10.75
CA VAL A 75 6.87 1.42 -10.46
C VAL A 75 6.96 2.75 -11.23
N SER A 76 6.48 2.76 -12.46
CA SER A 76 6.53 4.01 -13.28
C SER A 76 5.50 3.93 -14.41
N ARG A 77 4.25 4.19 -14.11
CA ARG A 77 3.18 4.15 -15.15
C ARG A 77 2.61 5.55 -15.40
N ASP A 78 1.98 6.12 -14.41
CA ASP A 78 1.38 7.49 -14.58
C ASP A 78 2.48 8.57 -14.47
N LEU A 79 2.70 9.29 -15.54
CA LEU A 79 3.74 10.37 -15.54
C LEU A 79 3.62 11.22 -16.82
N ASN A 80 3.55 12.52 -16.67
CA ASN A 80 3.43 13.41 -17.86
C ASN A 80 4.80 13.98 -18.22
N ALA A 81 5.37 14.81 -17.37
CA ALA A 81 6.71 15.41 -17.65
C ALA A 81 7.57 15.53 -16.38
N TYR A 82 7.17 14.90 -15.30
CA TYR A 82 7.97 14.99 -14.03
C TYR A 82 8.63 13.62 -13.73
N PRO A 83 9.94 13.54 -13.90
CA PRO A 83 10.64 12.26 -13.62
C PRO A 83 10.69 11.99 -12.11
N ARG A 84 9.60 11.49 -11.56
CA ARG A 84 9.56 11.21 -10.09
C ARG A 84 9.29 9.73 -9.85
N GLU A 85 9.90 9.16 -8.83
CA GLU A 85 9.68 7.72 -8.52
C GLU A 85 8.44 7.56 -7.64
N HIS A 86 7.81 6.41 -7.67
CA HIS A 86 6.58 6.20 -6.85
C HIS A 86 6.16 4.73 -6.83
N LEU A 87 5.72 4.21 -5.69
CA LEU A 87 5.28 2.79 -5.64
C LEU A 87 3.78 2.76 -5.38
N TYR A 88 3.01 2.59 -6.43
CA TYR A 88 1.53 2.56 -6.29
C TYR A 88 1.04 1.13 -6.27
N VAL A 89 0.36 0.67 -5.22
CA VAL A 89 -0.15 -0.75 -5.28
C VAL A 89 -1.63 -0.86 -4.92
N MET A 90 -2.41 -1.38 -5.84
CA MET A 90 -3.88 -1.46 -5.62
C MET A 90 -4.34 -2.90 -5.37
N VAL A 91 -5.17 -3.08 -4.37
CA VAL A 91 -5.66 -4.45 -4.03
C VAL A 91 -7.19 -4.45 -3.90
N ASN A 92 -7.80 -5.57 -4.15
CA ASN A 92 -9.29 -5.68 -4.04
C ASN A 92 -9.68 -6.00 -2.60
N ALA A 93 -10.61 -5.26 -2.04
CA ALA A 93 -11.05 -5.50 -0.64
C ALA A 93 -12.23 -6.47 -0.61
N LYS A 94 -12.20 -7.45 0.28
CA LYS A 94 -13.31 -8.44 0.37
C LYS A 94 -13.96 -8.35 1.76
N PHE A 95 -15.27 -8.28 1.79
CA PHE A 95 -16.00 -8.20 3.11
C PHE A 95 -16.87 -9.44 3.31
N GLY A 96 -17.02 -9.88 4.54
CA GLY A 96 -17.86 -11.08 4.83
C GLY A 96 -17.01 -12.13 5.54
N GLU A 97 -17.65 -13.13 6.10
CA GLU A 97 -16.89 -14.20 6.82
C GLU A 97 -17.12 -15.56 6.13
N GLU A 98 -16.16 -16.45 6.23
CA GLU A 98 -16.31 -17.80 5.59
C GLU A 98 -16.17 -18.90 6.66
N SER A 99 -16.53 -18.61 7.88
CA SER A 99 -16.43 -19.62 8.98
C SER A 99 -17.72 -19.65 9.80
N LYS A 100 -18.00 -20.74 10.45
CA LYS A 100 -19.24 -20.85 11.28
C LYS A 100 -18.92 -20.63 12.77
N GLU A 101 -17.86 -19.91 13.05
CA GLU A 101 -17.48 -19.64 14.49
C GLU A 101 -18.53 -18.75 15.14
N SER A 102 -19.04 -17.77 14.41
CA SER A 102 -20.06 -16.85 14.98
C SER A 102 -21.06 -16.45 13.90
N VAL A 103 -22.27 -16.09 14.30
CA VAL A 103 -23.31 -15.68 13.31
C VAL A 103 -23.92 -14.33 13.71
N ALA A 104 -24.21 -13.49 12.73
CA ALA A 104 -24.80 -12.16 13.04
C ALA A 104 -26.28 -12.14 12.65
N GLU A 105 -27.13 -11.65 13.53
CA GLU A 105 -28.59 -11.60 13.22
C GLU A 105 -29.00 -10.18 12.84
N GLU A 106 -28.70 -9.22 13.69
CA GLU A 106 -29.07 -7.80 13.41
C GLU A 106 -27.81 -6.94 13.26
N GLU A 107 -27.90 -5.87 12.51
CA GLU A 107 -26.72 -4.98 12.32
C GLU A 107 -26.91 -3.66 13.07
N ASP A 108 -25.88 -3.18 13.73
CA ASP A 108 -25.99 -1.90 14.49
C ASP A 108 -25.06 -0.84 13.89
N SER A 109 -24.77 -0.95 12.62
CA SER A 109 -23.86 0.05 11.96
C SER A 109 -24.49 0.55 10.65
N ASP A 110 -24.11 1.72 10.21
CA ASP A 110 -24.66 2.28 8.93
C ASP A 110 -23.57 3.03 8.17
N ASP A 111 -22.78 2.32 7.40
CA ASP A 111 -21.69 2.96 6.61
C ASP A 111 -21.62 2.36 5.21
N ASP A 112 -20.81 2.92 4.35
CA ASP A 112 -20.67 2.38 2.96
C ASP A 112 -19.36 1.60 2.82
N VAL A 113 -19.30 0.69 1.87
CA VAL A 113 -18.05 -0.12 1.67
C VAL A 113 -17.65 -0.12 0.19
N GLU A 114 -16.38 0.06 -0.09
CA GLU A 114 -15.89 0.08 -1.50
C GLU A 114 -15.51 -1.35 -1.95
N PRO A 115 -15.71 -1.66 -3.21
CA PRO A 115 -15.36 -3.01 -3.72
C PRO A 115 -13.84 -3.18 -3.79
N ILE A 116 -13.18 -2.23 -4.42
CA ILE A 116 -11.68 -2.31 -4.53
C ILE A 116 -11.05 -1.06 -3.93
N ALA A 117 -9.92 -1.20 -3.28
CA ALA A 117 -9.24 -0.02 -2.66
C ALA A 117 -7.85 0.15 -3.27
N GLU A 118 -7.44 1.38 -3.52
CA GLU A 118 -6.07 1.60 -4.10
C GLU A 118 -5.10 2.08 -3.02
N PHE A 119 -4.11 1.31 -2.72
CA PHE A 119 -3.11 1.71 -1.70
C PHE A 119 -1.96 2.40 -2.46
N ARG A 120 -1.62 3.61 -2.08
CA ARG A 120 -0.53 4.33 -2.80
C ARG A 120 0.54 4.73 -1.80
N PHE A 121 1.74 4.24 -2.00
CA PHE A 121 2.86 4.59 -1.09
C PHE A 121 3.96 5.12 -1.97
N VAL A 122 4.19 6.40 -1.86
CA VAL A 122 5.15 7.05 -2.79
C VAL A 122 6.38 7.65 -2.07
N PRO A 123 7.57 7.18 -2.40
CA PRO A 123 8.79 7.70 -1.74
C PRO A 123 9.40 8.85 -2.56
N SER A 124 10.07 9.76 -1.90
CA SER A 124 10.70 10.91 -2.63
C SER A 124 12.22 10.73 -2.64
N ASP A 125 12.68 9.49 -2.64
CA ASP A 125 14.15 9.23 -2.65
C ASP A 125 14.48 8.08 -3.59
N LYS A 126 15.43 8.28 -4.49
CA LYS A 126 15.84 7.19 -5.43
C LYS A 126 16.36 6.01 -4.63
N SER A 127 17.03 6.30 -3.54
CA SER A 127 17.56 5.23 -2.65
C SER A 127 16.38 4.54 -1.95
N ALA A 128 15.27 5.23 -1.77
CA ALA A 128 14.09 4.59 -1.09
C ALA A 128 13.41 3.63 -2.06
N LEU A 129 13.32 4.00 -3.31
CA LEU A 129 12.67 3.10 -4.33
C LEU A 129 13.52 1.86 -4.57
N GLU A 130 14.82 2.04 -4.77
CA GLU A 130 15.70 0.86 -5.02
C GLU A 130 15.81 -0.01 -3.76
N ALA A 131 15.74 0.60 -2.59
CA ALA A 131 15.80 -0.19 -1.33
C ALA A 131 14.51 -1.00 -1.17
N MET A 132 13.40 -0.43 -1.55
CA MET A 132 12.09 -1.16 -1.45
C MET A 132 12.06 -2.29 -2.47
N PHE A 133 12.63 -2.07 -3.63
CA PHE A 133 12.65 -3.13 -4.69
C PHE A 133 13.55 -4.27 -4.26
N THR A 134 14.64 -3.96 -3.62
CA THR A 134 15.53 -5.03 -3.10
C THR A 134 14.79 -5.75 -1.98
N ALA A 135 14.01 -5.00 -1.21
CA ALA A 135 13.22 -5.62 -0.11
C ALA A 135 12.11 -6.51 -0.68
N MET A 136 11.39 -6.00 -1.66
CA MET A 136 10.30 -6.79 -2.29
C MET A 136 10.89 -7.91 -3.14
N CYS A 137 11.87 -7.59 -3.95
CA CYS A 137 12.52 -8.63 -4.83
C CYS A 137 13.14 -9.73 -3.97
N GLU A 138 13.83 -9.35 -2.92
CA GLU A 138 14.47 -10.36 -2.02
C GLU A 138 13.40 -11.14 -1.27
N CYS A 139 12.35 -10.47 -0.90
CA CYS A 139 11.24 -11.12 -0.15
C CYS A 139 10.48 -12.08 -1.09
N GLN A 140 10.26 -11.65 -2.31
CA GLN A 140 9.53 -12.51 -3.30
C GLN A 140 10.36 -13.76 -3.62
N ALA A 141 11.65 -13.59 -3.76
CA ALA A 141 12.53 -14.76 -4.07
C ALA A 141 12.66 -15.68 -2.85
N LEU A 142 12.69 -15.09 -1.68
CA LEU A 142 12.82 -15.90 -0.42
C LEU A 142 11.55 -16.73 -0.19
N GLN A 27 14.73 -3.86 6.65
CA GLN A 27 15.03 -2.70 5.76
C GLN A 27 14.30 -1.44 6.25
N GLN A 28 14.84 -0.28 5.96
CA GLN A 28 14.21 1.00 6.39
C GLN A 28 14.20 2.00 5.23
N GLN A 29 13.27 2.93 5.24
CA GLN A 29 13.20 3.95 4.16
C GLN A 29 13.35 5.37 4.74
N PRO A 30 14.09 6.23 4.07
CA PRO A 30 14.28 7.61 4.59
C PRO A 30 12.98 8.44 4.47
N GLU A 31 12.74 9.09 3.35
CA GLU A 31 11.50 9.90 3.19
C GLU A 31 10.56 9.31 2.14
N THR A 32 9.39 8.87 2.54
CA THR A 32 8.42 8.29 1.58
C THR A 32 7.00 8.75 1.94
N GLU A 33 6.07 8.75 1.00
CA GLU A 33 4.68 9.20 1.33
C GLU A 33 3.72 8.00 1.35
N ALA A 34 2.72 8.04 2.21
CA ALA A 34 1.72 6.94 2.28
C ALA A 34 0.33 7.37 1.83
N VAL A 35 -0.22 6.63 0.90
CA VAL A 35 -1.61 6.87 0.42
C VAL A 35 -2.36 5.53 0.57
N LEU A 36 -3.57 5.53 1.11
CA LEU A 36 -4.28 4.22 1.35
C LEU A 36 -5.69 4.16 0.75
N ASN A 37 -5.92 3.12 -0.04
CA ASN A 37 -7.26 2.84 -0.70
C ASN A 37 -7.67 3.90 -1.72
N GLY A 38 -6.75 4.72 -2.18
CA GLY A 38 -7.08 5.74 -3.22
C GLY A 38 -7.22 7.15 -2.58
N LYS A 39 -7.19 7.25 -1.27
CA LYS A 39 -7.31 8.59 -0.61
C LYS A 39 -5.91 9.07 -0.24
N GLY A 40 -5.71 10.37 -0.22
CA GLY A 40 -4.36 10.91 0.11
C GLY A 40 -4.08 10.76 1.60
N LEU A 41 -3.08 9.99 1.92
CA LEU A 41 -2.67 9.78 3.33
C LEU A 41 -1.31 10.48 3.56
N GLY A 42 -0.94 10.60 4.79
CA GLY A 42 0.29 11.35 5.18
C GLY A 42 1.59 10.74 4.63
N THR A 43 2.70 11.32 5.04
CA THR A 43 4.03 10.85 4.59
C THR A 43 4.95 10.65 5.81
N GLY A 44 5.83 9.68 5.75
CA GLY A 44 6.73 9.40 6.91
C GLY A 44 7.81 8.41 6.53
N THR A 45 8.03 7.46 7.39
CA THR A 45 9.08 6.43 7.13
C THR A 45 8.47 5.02 7.08
N LEU A 46 9.02 4.17 6.24
CA LEU A 46 8.49 2.77 6.12
C LEU A 46 9.49 1.77 6.72
N TYR A 47 9.03 0.95 7.64
CA TYR A 47 9.94 -0.07 8.26
C TYR A 47 9.49 -1.47 7.83
N ILE A 48 10.42 -2.30 7.40
CA ILE A 48 10.06 -3.68 6.94
C ILE A 48 10.63 -4.73 7.91
N ALA A 49 9.79 -5.60 8.39
CA ALA A 49 10.25 -6.68 9.33
C ALA A 49 10.23 -8.03 8.62
N GLU A 50 11.11 -8.93 8.98
CA GLU A 50 11.18 -10.28 8.32
C GLU A 50 9.80 -10.96 8.30
N SER A 51 8.96 -10.66 9.26
CA SER A 51 7.60 -11.29 9.30
C SER A 51 6.52 -10.25 9.60
N ARG A 52 6.78 -8.99 9.30
CA ARG A 52 5.77 -7.92 9.56
C ARG A 52 6.20 -6.61 8.89
N LEU A 53 5.28 -5.67 8.75
CA LEU A 53 5.61 -4.36 8.12
C LEU A 53 5.12 -3.21 9.01
N SER A 54 5.99 -2.31 9.39
CA SER A 54 5.58 -1.17 10.26
C SER A 54 5.77 0.16 9.54
N TRP A 55 4.75 0.99 9.52
CA TRP A 55 4.85 2.32 8.85
C TRP A 55 4.65 3.46 9.86
N LEU A 56 5.37 4.54 9.69
CA LEU A 56 5.24 5.69 10.65
C LEU A 56 4.75 6.95 9.95
N ASP A 57 3.79 7.63 10.54
CA ASP A 57 3.24 8.89 9.94
C ASP A 57 4.12 10.11 10.26
N GLY A 58 4.24 10.98 9.30
CA GLY A 58 5.07 12.23 9.41
C GLY A 58 4.74 13.06 10.66
N SER A 59 3.60 12.86 11.28
CA SER A 59 3.25 13.66 12.50
C SER A 59 3.84 13.04 13.78
N GLY A 60 4.80 12.14 13.66
CA GLY A 60 5.40 11.51 14.87
C GLY A 60 4.51 10.41 15.40
N LEU A 61 3.67 9.85 14.56
CA LEU A 61 2.76 8.76 15.02
C LEU A 61 2.82 7.61 14.02
N GLY A 62 3.10 6.40 14.48
CA GLY A 62 3.21 5.26 13.52
C GLY A 62 2.24 4.14 13.86
N PHE A 63 2.23 3.13 13.03
CA PHE A 63 1.34 1.95 13.25
C PHE A 63 1.95 0.72 12.60
N SER A 64 1.81 -0.42 13.23
CA SER A 64 2.39 -1.67 12.67
C SER A 64 1.33 -2.48 11.91
N LEU A 65 1.64 -2.83 10.68
CA LEU A 65 0.68 -3.64 9.85
C LEU A 65 1.13 -5.09 9.80
N GLU A 66 0.24 -6.01 10.09
CA GLU A 66 0.60 -7.46 10.06
C GLU A 66 0.56 -7.97 8.62
N TYR A 67 1.60 -7.74 7.86
CA TYR A 67 1.64 -8.19 6.43
C TYR A 67 0.40 -7.70 5.65
N PRO A 68 0.50 -6.53 5.04
CA PRO A 68 -0.66 -5.98 4.29
C PRO A 68 -0.90 -6.82 3.03
N THR A 69 -2.15 -6.94 2.63
CA THR A 69 -2.47 -7.74 1.40
C THR A 69 -2.08 -6.96 0.14
N ILE A 70 -1.16 -7.50 -0.63
CA ILE A 70 -0.72 -6.81 -1.89
C ILE A 70 -1.35 -7.51 -3.10
N SER A 71 -1.69 -6.76 -4.12
CA SER A 71 -2.31 -7.37 -5.34
C SER A 71 -1.52 -6.97 -6.59
N LEU A 72 -1.73 -5.78 -7.10
CA LEU A 72 -0.97 -5.33 -8.31
C LEU A 72 -0.09 -4.14 -7.94
N HIS A 73 1.20 -4.32 -7.93
CA HIS A 73 2.13 -3.21 -7.56
C HIS A 73 2.84 -2.66 -8.80
N ALA A 74 2.59 -1.41 -9.10
CA ALA A 74 3.21 -0.77 -10.29
C ALA A 74 4.20 0.32 -9.85
N VAL A 75 5.36 0.34 -10.46
CA VAL A 75 6.40 1.36 -10.11
C VAL A 75 6.38 2.49 -11.13
N SER A 76 6.58 2.17 -12.39
CA SER A 76 6.58 3.22 -13.45
C SER A 76 5.68 2.80 -14.61
N ARG A 77 4.56 2.17 -14.33
CA ARG A 77 3.63 1.73 -15.40
C ARG A 77 2.74 2.89 -15.85
N ASP A 78 1.78 3.27 -15.04
CA ASP A 78 0.88 4.40 -15.41
C ASP A 78 1.33 5.69 -14.72
N LEU A 79 1.73 6.67 -15.48
CA LEU A 79 2.18 7.97 -14.89
C LEU A 79 1.36 9.13 -15.45
N ASN A 80 1.29 10.23 -14.74
CA ASN A 80 0.52 11.41 -15.22
C ASN A 80 0.80 12.64 -14.35
N ALA A 81 0.89 12.45 -13.05
CA ALA A 81 1.16 13.60 -12.13
C ALA A 81 2.61 14.07 -12.25
N TYR A 82 3.52 13.35 -11.65
CA TYR A 82 4.96 13.74 -11.71
C TYR A 82 5.81 12.55 -12.23
N PRO A 83 6.72 12.83 -13.16
CA PRO A 83 7.57 11.73 -13.70
C PRO A 83 8.64 11.33 -12.68
N ARG A 84 8.22 10.81 -11.55
CA ARG A 84 9.18 10.39 -10.49
C ARG A 84 8.93 8.94 -10.08
N GLU A 85 9.91 8.29 -9.50
CA GLU A 85 9.73 6.86 -9.08
C GLU A 85 8.64 6.76 -8.02
N HIS A 86 7.57 6.07 -8.33
CA HIS A 86 6.43 5.92 -7.37
C HIS A 86 6.01 4.45 -7.27
N LEU A 87 5.71 3.91 -6.09
CA LEU A 87 5.27 2.48 -6.05
C LEU A 87 3.89 2.41 -5.42
N TYR A 88 2.85 2.33 -6.23
CA TYR A 88 1.47 2.20 -5.65
C TYR A 88 0.95 0.83 -5.97
N VAL A 89 0.34 0.17 -5.00
CA VAL A 89 -0.17 -1.20 -5.29
C VAL A 89 -1.70 -1.24 -5.19
N MET A 90 -2.32 -1.64 -6.26
CA MET A 90 -3.81 -1.63 -6.34
C MET A 90 -4.37 -3.03 -6.01
N VAL A 91 -5.26 -3.10 -5.06
CA VAL A 91 -5.84 -4.42 -4.66
C VAL A 91 -7.36 -4.33 -4.47
N ASN A 92 -8.06 -5.42 -4.75
CA ASN A 92 -9.55 -5.43 -4.59
C ASN A 92 -9.93 -6.19 -3.31
N ALA A 93 -10.63 -5.56 -2.41
CA ALA A 93 -11.04 -6.22 -1.14
C ALA A 93 -12.53 -6.02 -0.89
N LYS A 94 -13.14 -6.93 -0.16
CA LYS A 94 -14.61 -6.81 0.14
C LYS A 94 -14.81 -6.35 1.58
N PHE A 95 -15.65 -5.36 1.78
CA PHE A 95 -15.91 -4.84 3.16
C PHE A 95 -17.37 -5.07 3.55
N GLY A 96 -17.63 -5.27 4.82
CA GLY A 96 -19.03 -5.51 5.28
C GLY A 96 -19.39 -6.98 5.11
N GLU A 97 -18.52 -7.87 5.54
CA GLU A 97 -18.80 -9.34 5.42
C GLU A 97 -20.05 -9.71 6.20
N GLU A 98 -20.26 -9.09 7.34
CA GLU A 98 -21.47 -9.40 8.17
C GLU A 98 -22.26 -8.12 8.43
N SER A 99 -23.58 -8.22 8.46
CA SER A 99 -24.43 -7.01 8.72
C SER A 99 -25.73 -7.42 9.42
N LYS A 100 -26.32 -6.53 10.18
CA LYS A 100 -27.58 -6.85 10.90
C LYS A 100 -28.73 -5.97 10.37
N GLU A 101 -28.63 -5.53 9.14
CA GLU A 101 -29.71 -4.67 8.54
C GLU A 101 -29.93 -5.02 7.08
N SER A 102 -31.08 -4.71 6.55
CA SER A 102 -31.38 -5.02 5.11
C SER A 102 -31.78 -3.75 4.36
N VAL A 103 -31.18 -3.51 3.22
CA VAL A 103 -31.52 -2.29 2.42
C VAL A 103 -31.67 -2.65 0.94
N ALA A 104 -32.37 -1.83 0.20
CA ALA A 104 -32.57 -2.10 -1.26
C ALA A 104 -31.34 -1.66 -2.05
N GLU A 105 -30.98 -2.42 -3.06
CA GLU A 105 -29.78 -2.06 -3.89
C GLU A 105 -30.19 -1.24 -5.12
N GLU A 106 -31.34 -0.60 -5.07
CA GLU A 106 -31.79 0.22 -6.24
C GLU A 106 -31.66 1.71 -5.93
N GLU A 107 -32.52 2.24 -5.08
CA GLU A 107 -32.45 3.69 -4.72
C GLU A 107 -31.33 3.93 -3.71
N ASP A 108 -31.25 3.07 -2.71
CA ASP A 108 -30.18 3.23 -1.66
C ASP A 108 -28.94 2.43 -2.05
N SER A 109 -27.82 3.10 -2.22
CA SER A 109 -26.56 2.38 -2.60
C SER A 109 -26.01 1.60 -1.40
N ASP A 110 -25.21 0.60 -1.66
CA ASP A 110 -24.63 -0.23 -0.54
C ASP A 110 -23.66 0.62 0.28
N ASP A 111 -23.45 0.28 1.52
CA ASP A 111 -22.51 1.05 2.39
C ASP A 111 -21.11 1.09 1.78
N ASP A 112 -20.69 -0.01 1.19
CA ASP A 112 -19.34 -0.06 0.55
C ASP A 112 -19.40 0.49 -0.87
N VAL A 113 -19.08 1.76 -1.04
CA VAL A 113 -19.11 2.37 -2.41
C VAL A 113 -17.91 1.88 -3.22
N GLU A 114 -16.74 1.85 -2.62
CA GLU A 114 -15.52 1.40 -3.34
C GLU A 114 -15.31 -0.12 -3.15
N PRO A 115 -15.58 -0.91 -4.18
CA PRO A 115 -15.40 -2.37 -4.06
C PRO A 115 -13.90 -2.72 -4.02
N ILE A 116 -13.09 -1.92 -4.66
CA ILE A 116 -11.61 -2.18 -4.68
C ILE A 116 -10.89 -1.03 -3.97
N ALA A 117 -9.85 -1.33 -3.22
CA ALA A 117 -9.08 -0.28 -2.51
C ALA A 117 -7.71 -0.10 -3.15
N GLU A 118 -7.31 1.13 -3.40
CA GLU A 118 -5.96 1.35 -4.03
C GLU A 118 -4.94 1.76 -2.97
N PHE A 119 -4.00 0.91 -2.69
CA PHE A 119 -2.94 1.26 -1.69
C PHE A 119 -1.82 1.89 -2.48
N ARG A 120 -1.40 3.09 -2.11
CA ARG A 120 -0.32 3.76 -2.88
C ARG A 120 0.76 4.26 -1.92
N PHE A 121 1.98 3.78 -2.09
CA PHE A 121 3.08 4.22 -1.21
C PHE A 121 4.21 4.74 -2.10
N VAL A 122 4.40 6.03 -2.07
CA VAL A 122 5.38 6.64 -3.01
C VAL A 122 6.65 7.16 -2.31
N PRO A 123 7.82 6.63 -2.66
CA PRO A 123 9.06 7.09 -2.01
C PRO A 123 9.68 8.27 -2.76
N SER A 124 9.51 9.46 -2.25
CA SER A 124 10.10 10.67 -2.92
C SER A 124 11.63 10.53 -2.98
N ASP A 125 12.20 9.82 -2.04
CA ASP A 125 13.69 9.63 -2.02
C ASP A 125 14.10 8.47 -2.93
N LYS A 126 15.00 8.73 -3.86
CA LYS A 126 15.47 7.64 -4.78
C LYS A 126 16.07 6.50 -3.94
N SER A 127 16.69 6.85 -2.85
CA SER A 127 17.28 5.82 -1.95
C SER A 127 16.13 5.03 -1.30
N ALA A 128 15.00 5.68 -1.08
CA ALA A 128 13.85 4.96 -0.45
C ALA A 128 13.26 3.96 -1.46
N LEU A 129 13.20 4.34 -2.72
CA LEU A 129 12.64 3.43 -3.76
C LEU A 129 13.55 2.21 -3.95
N GLU A 130 14.85 2.42 -4.05
CA GLU A 130 15.78 1.26 -4.24
C GLU A 130 15.71 0.35 -3.02
N ALA A 131 15.51 0.92 -1.85
CA ALA A 131 15.39 0.09 -0.61
C ALA A 131 14.13 -0.78 -0.73
N MET A 132 13.05 -0.20 -1.18
CA MET A 132 11.78 -0.98 -1.36
C MET A 132 12.00 -2.03 -2.43
N PHE A 133 12.77 -1.72 -3.45
CA PHE A 133 13.05 -2.70 -4.54
C PHE A 133 13.78 -3.90 -3.98
N THR A 134 14.69 -3.66 -3.06
CA THR A 134 15.41 -4.79 -2.43
C THR A 134 14.40 -5.57 -1.58
N ALA A 135 13.45 -4.87 -0.99
CA ALA A 135 12.41 -5.57 -0.17
C ALA A 135 11.48 -6.38 -1.09
N MET A 136 11.03 -5.76 -2.16
CA MET A 136 10.12 -6.47 -3.12
C MET A 136 10.89 -7.52 -3.90
N CYS A 137 12.04 -7.16 -4.43
CA CYS A 137 12.86 -8.13 -5.22
C CYS A 137 13.24 -9.33 -4.35
N GLU A 138 13.66 -9.09 -3.13
CA GLU A 138 14.06 -10.22 -2.22
C GLU A 138 12.82 -11.01 -1.83
N CYS A 139 11.73 -10.33 -1.64
CA CYS A 139 10.45 -11.01 -1.26
C CYS A 139 9.91 -11.82 -2.43
N GLN A 140 10.01 -11.29 -3.63
CA GLN A 140 9.51 -12.02 -4.84
C GLN A 140 10.38 -13.24 -5.12
N ALA A 141 11.67 -13.09 -4.97
CA ALA A 141 12.60 -14.24 -5.22
C ALA A 141 12.43 -15.30 -4.14
N LEU A 142 12.27 -14.88 -2.90
CA LEU A 142 12.10 -15.85 -1.78
C LEU A 142 10.67 -16.42 -1.77
N GLN A 27 15.94 -3.19 6.45
CA GLN A 27 15.81 -2.00 5.53
C GLN A 27 14.79 -1.01 6.09
N GLN A 28 15.03 0.26 5.91
CA GLN A 28 14.09 1.30 6.41
C GLN A 28 13.96 2.44 5.39
N GLN A 29 12.86 3.17 5.42
CA GLN A 29 12.66 4.29 4.47
C GLN A 29 12.81 5.64 5.19
N PRO A 30 13.45 6.61 4.55
CA PRO A 30 13.64 7.93 5.20
C PRO A 30 12.36 8.79 5.09
N GLU A 31 12.16 9.46 3.96
CA GLU A 31 10.93 10.32 3.81
C GLU A 31 10.02 9.76 2.71
N THR A 32 8.84 9.33 3.09
CA THR A 32 7.87 8.78 2.08
C THR A 32 6.45 9.16 2.49
N GLU A 33 5.49 9.03 1.59
CA GLU A 33 4.08 9.39 1.96
C GLU A 33 3.15 8.17 1.84
N ALA A 34 2.15 8.10 2.70
CA ALA A 34 1.21 6.94 2.66
C ALA A 34 -0.20 7.34 2.22
N VAL A 35 -0.65 6.71 1.14
CA VAL A 35 -2.03 6.93 0.60
C VAL A 35 -2.73 5.56 0.60
N LEU A 36 -3.96 5.48 1.06
CA LEU A 36 -4.65 4.15 1.15
C LEU A 36 -6.04 4.12 0.46
N ASN A 37 -6.22 3.16 -0.43
CA ASN A 37 -7.53 2.89 -1.17
C ASN A 37 -7.86 3.93 -2.26
N GLY A 38 -6.92 4.74 -2.68
CA GLY A 38 -7.21 5.73 -3.80
C GLY A 38 -7.43 7.15 -3.23
N LYS A 39 -7.55 7.30 -1.93
CA LYS A 39 -7.75 8.66 -1.34
C LYS A 39 -6.42 9.16 -0.80
N GLY A 40 -6.21 10.46 -0.78
CA GLY A 40 -4.91 11.00 -0.29
C GLY A 40 -4.83 10.80 1.22
N LEU A 41 -3.88 10.01 1.64
CA LEU A 41 -3.70 9.72 3.08
C LEU A 41 -2.35 10.30 3.59
N GLY A 42 -2.22 10.33 4.88
CA GLY A 42 -1.04 10.94 5.59
C GLY A 42 0.32 10.68 4.95
N THR A 43 1.32 11.35 5.48
CA THR A 43 2.72 11.19 4.99
C THR A 43 3.60 10.87 6.20
N GLY A 44 4.64 10.08 6.04
CA GLY A 44 5.49 9.72 7.21
C GLY A 44 6.70 8.87 6.81
N THR A 45 7.04 7.96 7.67
CA THR A 45 8.23 7.08 7.42
C THR A 45 7.82 5.61 7.37
N LEU A 46 8.48 4.83 6.54
CA LEU A 46 8.15 3.37 6.43
C LEU A 46 9.30 2.53 6.96
N TYR A 47 9.01 1.66 7.91
CA TYR A 47 10.07 0.77 8.49
C TYR A 47 9.77 -0.68 8.08
N ILE A 48 10.71 -1.34 7.45
CA ILE A 48 10.47 -2.75 7.01
C ILE A 48 11.10 -3.74 8.00
N ALA A 49 10.31 -4.63 8.54
CA ALA A 49 10.84 -5.63 9.51
C ALA A 49 10.63 -7.04 8.95
N GLU A 50 11.63 -7.90 9.07
CA GLU A 50 11.52 -9.30 8.54
C GLU A 50 10.28 -10.01 9.11
N SER A 51 9.85 -9.61 10.28
CA SER A 51 8.66 -10.26 10.90
C SER A 51 7.36 -9.52 10.52
N ARG A 52 7.47 -8.26 10.15
CA ARG A 52 6.24 -7.48 9.77
C ARG A 52 6.65 -6.11 9.22
N LEU A 53 5.69 -5.31 8.82
CA LEU A 53 5.99 -3.96 8.28
C LEU A 53 5.51 -2.89 9.27
N SER A 54 6.37 -1.95 9.60
CA SER A 54 5.95 -0.88 10.57
C SER A 54 5.98 0.48 9.88
N TRP A 55 4.87 1.17 9.87
CA TRP A 55 4.80 2.52 9.22
C TRP A 55 4.47 3.60 10.24
N LEU A 56 5.03 4.76 10.08
CA LEU A 56 4.76 5.88 11.04
C LEU A 56 3.98 7.01 10.35
N ASP A 57 2.90 7.45 10.95
CA ASP A 57 2.09 8.55 10.34
C ASP A 57 2.64 9.93 10.73
N GLY A 58 2.71 10.81 9.76
CA GLY A 58 3.25 12.20 9.96
C GLY A 58 2.47 13.00 11.02
N SER A 59 1.31 12.53 11.45
CA SER A 59 0.53 13.28 12.48
C SER A 59 0.98 12.92 13.91
N GLY A 60 2.14 12.31 14.07
CA GLY A 60 2.63 11.93 15.42
C GLY A 60 1.99 10.61 15.86
N LEU A 61 1.59 9.80 14.92
CA LEU A 61 0.97 8.50 15.27
C LEU A 61 1.65 7.39 14.48
N GLY A 62 2.20 6.42 15.17
CA GLY A 62 2.89 5.31 14.49
C GLY A 62 1.97 4.09 14.47
N PHE A 63 2.07 3.27 13.44
CA PHE A 63 1.21 2.04 13.38
C PHE A 63 1.91 0.91 12.64
N SER A 64 1.72 -0.30 13.10
CA SER A 64 2.38 -1.47 12.47
C SER A 64 1.44 -2.15 11.46
N LEU A 65 1.92 -2.36 10.26
CA LEU A 65 1.09 -3.03 9.21
C LEU A 65 1.52 -4.49 9.06
N GLU A 66 0.58 -5.39 9.16
CA GLU A 66 0.90 -6.85 9.02
C GLU A 66 1.26 -7.17 7.56
N TYR A 67 0.71 -6.43 6.62
CA TYR A 67 0.98 -6.67 5.17
C TYR A 67 0.74 -8.15 4.79
N PRO A 68 -0.48 -8.47 4.39
CA PRO A 68 -0.80 -9.87 4.02
C PRO A 68 -0.10 -10.26 2.71
N THR A 69 -0.25 -9.44 1.70
CA THR A 69 0.40 -9.74 0.38
C THR A 69 0.29 -8.54 -0.57
N ILE A 70 0.96 -8.61 -1.69
CA ILE A 70 0.91 -7.49 -2.68
C ILE A 70 0.00 -7.90 -3.86
N SER A 71 -0.71 -6.96 -4.45
CA SER A 71 -1.62 -7.31 -5.57
C SER A 71 -1.09 -6.71 -6.89
N LEU A 72 -1.45 -5.48 -7.19
CA LEU A 72 -0.95 -4.82 -8.43
C LEU A 72 0.00 -3.70 -8.03
N HIS A 73 1.29 -3.90 -8.09
CA HIS A 73 2.25 -2.82 -7.71
C HIS A 73 2.86 -2.21 -8.98
N ALA A 74 2.59 -0.95 -9.18
CA ALA A 74 3.07 -0.23 -10.38
C ALA A 74 4.26 0.66 -10.02
N VAL A 75 5.30 0.64 -10.82
CA VAL A 75 6.51 1.47 -10.55
C VAL A 75 6.63 2.56 -11.64
N SER A 76 6.24 2.25 -12.85
CA SER A 76 6.34 3.24 -13.96
C SER A 76 4.96 3.86 -14.25
N ARG A 77 4.34 4.42 -13.24
CA ARG A 77 2.99 5.04 -13.44
C ARG A 77 3.14 6.53 -13.77
N ASP A 78 2.17 7.09 -14.45
CA ASP A 78 2.24 8.54 -14.82
C ASP A 78 1.84 9.42 -13.63
N LEU A 79 2.68 10.35 -13.25
CA LEU A 79 2.37 11.24 -12.10
C LEU A 79 1.67 12.50 -12.59
N ASN A 80 1.08 13.25 -11.68
CA ASN A 80 0.36 14.50 -12.07
C ASN A 80 0.97 15.72 -11.38
N ALA A 81 2.24 15.65 -11.02
CA ALA A 81 2.90 16.79 -10.34
C ALA A 81 4.39 16.84 -10.68
N TYR A 82 5.17 16.00 -10.05
CA TYR A 82 6.65 15.96 -10.33
C TYR A 82 7.09 14.54 -10.71
N PRO A 83 7.97 14.42 -11.70
CA PRO A 83 8.45 13.07 -12.10
C PRO A 83 9.41 12.51 -11.05
N ARG A 84 8.95 11.62 -10.23
CA ARG A 84 9.82 11.02 -9.17
C ARG A 84 9.47 9.56 -8.94
N GLU A 85 10.39 8.79 -8.39
CA GLU A 85 10.12 7.33 -8.12
C GLU A 85 8.89 7.18 -7.23
N HIS A 86 8.18 6.09 -7.35
CA HIS A 86 6.94 5.88 -6.52
C HIS A 86 6.55 4.40 -6.46
N LEU A 87 6.02 3.95 -5.32
CA LEU A 87 5.58 2.52 -5.23
C LEU A 87 4.06 2.50 -5.08
N TYR A 88 3.37 2.28 -6.15
CA TYR A 88 1.87 2.27 -6.10
C TYR A 88 1.38 0.85 -6.07
N VAL A 89 0.64 0.39 -5.05
CA VAL A 89 0.13 -1.03 -5.12
C VAL A 89 -1.37 -1.11 -4.85
N MET A 90 -2.10 -1.64 -5.80
CA MET A 90 -3.58 -1.71 -5.68
C MET A 90 -4.05 -3.15 -5.44
N VAL A 91 -4.93 -3.32 -4.48
CA VAL A 91 -5.45 -4.68 -4.15
C VAL A 91 -6.98 -4.68 -4.15
N ASN A 92 -7.57 -5.81 -4.49
CA ASN A 92 -9.06 -5.92 -4.51
C ASN A 92 -9.56 -6.65 -3.27
N ALA A 93 -10.53 -6.08 -2.59
CA ALA A 93 -11.09 -6.73 -1.36
C ALA A 93 -12.49 -7.27 -1.63
N LYS A 94 -12.83 -8.39 -1.04
CA LYS A 94 -14.18 -8.99 -1.25
C LYS A 94 -15.08 -8.68 -0.06
N PHE A 95 -16.25 -8.12 -0.31
CA PHE A 95 -17.19 -7.79 0.80
C PHE A 95 -18.49 -8.60 0.65
N GLY A 96 -19.06 -9.01 1.75
CA GLY A 96 -20.33 -9.80 1.70
C GLY A 96 -20.01 -11.28 1.44
N GLU A 97 -20.96 -12.16 1.68
CA GLU A 97 -20.72 -13.62 1.46
C GLU A 97 -19.46 -14.11 2.19
N GLU A 98 -19.55 -14.28 3.49
CA GLU A 98 -18.36 -14.75 4.27
C GLU A 98 -18.53 -16.22 4.67
N SER A 99 -17.56 -17.04 4.33
CA SER A 99 -17.65 -18.50 4.68
C SER A 99 -17.00 -18.76 6.03
N LYS A 100 -16.01 -17.98 6.39
CA LYS A 100 -15.31 -18.17 7.70
C LYS A 100 -16.29 -17.96 8.86
N GLU A 101 -17.13 -16.97 8.75
CA GLU A 101 -18.13 -16.69 9.84
C GLU A 101 -19.34 -15.93 9.28
N SER A 102 -20.45 -15.98 9.96
CA SER A 102 -21.67 -15.26 9.48
C SER A 102 -22.06 -14.16 10.47
N VAL A 103 -22.59 -13.08 9.97
CA VAL A 103 -22.99 -11.95 10.87
C VAL A 103 -24.45 -11.55 10.60
N ALA A 104 -25.07 -10.87 11.54
CA ALA A 104 -26.49 -10.44 11.37
C ALA A 104 -26.54 -9.06 10.69
N GLU A 105 -27.56 -8.82 9.90
CA GLU A 105 -27.70 -7.50 9.21
C GLU A 105 -28.63 -6.57 10.00
N GLU A 106 -28.64 -6.70 11.30
CA GLU A 106 -29.53 -5.83 12.14
C GLU A 106 -28.79 -4.56 12.60
N GLU A 107 -27.74 -4.18 11.91
CA GLU A 107 -26.98 -2.95 12.29
C GLU A 107 -26.93 -1.96 11.12
N ASP A 108 -26.85 -0.68 11.40
CA ASP A 108 -26.80 0.34 10.31
C ASP A 108 -25.56 1.23 10.48
N SER A 109 -24.54 0.97 9.70
CA SER A 109 -23.28 1.79 9.79
C SER A 109 -22.36 1.49 8.60
N ASP A 110 -22.94 1.18 7.46
CA ASP A 110 -22.12 0.86 6.26
C ASP A 110 -22.03 2.09 5.34
N ASP A 111 -20.83 2.51 5.02
CA ASP A 111 -20.66 3.70 4.14
C ASP A 111 -19.25 3.74 3.55
N ASP A 112 -19.07 4.43 2.45
CA ASP A 112 -17.70 4.52 1.79
C ASP A 112 -17.11 3.12 1.55
N VAL A 113 -17.91 2.22 1.03
CA VAL A 113 -17.40 0.84 0.76
C VAL A 113 -17.18 0.65 -0.75
N GLU A 114 -15.93 0.70 -1.18
CA GLU A 114 -15.61 0.53 -2.61
C GLU A 114 -15.30 -0.95 -2.92
N PRO A 115 -15.51 -1.37 -4.16
CA PRO A 115 -15.23 -2.78 -4.52
C PRO A 115 -13.71 -3.02 -4.55
N ILE A 116 -12.96 -2.04 -4.99
CA ILE A 116 -11.47 -2.18 -5.03
C ILE A 116 -10.82 -1.06 -4.24
N ALA A 117 -9.67 -1.32 -3.68
CA ALA A 117 -8.95 -0.27 -2.89
C ALA A 117 -7.55 -0.06 -3.45
N GLU A 118 -7.20 1.15 -3.81
CA GLU A 118 -5.82 1.40 -4.35
C GLU A 118 -4.91 1.90 -3.24
N PHE A 119 -3.95 1.11 -2.84
CA PHE A 119 -3.01 1.53 -1.78
C PHE A 119 -1.82 2.20 -2.49
N ARG A 120 -1.48 3.40 -2.11
CA ARG A 120 -0.35 4.10 -2.80
C ARG A 120 0.66 4.54 -1.74
N PHE A 121 1.87 4.06 -1.86
CA PHE A 121 2.93 4.43 -0.90
C PHE A 121 4.08 4.96 -1.73
N VAL A 122 4.29 6.23 -1.64
CA VAL A 122 5.30 6.87 -2.52
C VAL A 122 6.50 7.47 -1.74
N PRO A 123 7.71 6.98 -2.00
CA PRO A 123 8.88 7.50 -1.29
C PRO A 123 9.57 8.61 -2.10
N SER A 124 10.03 9.64 -1.42
CA SER A 124 10.71 10.76 -2.12
C SER A 124 12.24 10.57 -2.07
N ASP A 125 12.69 9.33 -1.96
CA ASP A 125 14.15 9.05 -1.91
C ASP A 125 14.53 7.93 -2.87
N LYS A 126 15.45 8.20 -3.77
CA LYS A 126 15.89 7.15 -4.75
C LYS A 126 16.44 5.93 -3.97
N SER A 127 17.06 6.20 -2.84
CA SER A 127 17.59 5.09 -1.99
C SER A 127 16.42 4.30 -1.43
N ALA A 128 15.30 4.96 -1.19
CA ALA A 128 14.11 4.24 -0.64
C ALA A 128 13.50 3.34 -1.71
N LEU A 129 13.51 3.80 -2.96
CA LEU A 129 12.93 2.98 -4.07
C LEU A 129 13.79 1.74 -4.32
N GLU A 130 15.10 1.91 -4.38
CA GLU A 130 15.99 0.73 -4.62
C GLU A 130 15.88 -0.24 -3.45
N ALA A 131 15.68 0.28 -2.26
CA ALA A 131 15.53 -0.61 -1.06
C ALA A 131 14.22 -1.40 -1.17
N MET A 132 13.19 -0.74 -1.68
CA MET A 132 11.86 -1.42 -1.84
C MET A 132 11.98 -2.49 -2.92
N PHE A 133 12.74 -2.22 -3.96
CA PHE A 133 12.90 -3.20 -5.06
C PHE A 133 13.67 -4.41 -4.57
N THR A 134 14.65 -4.19 -3.73
CA THR A 134 15.42 -5.33 -3.16
C THR A 134 14.47 -6.10 -2.24
N ALA A 135 13.59 -5.38 -1.56
CA ALA A 135 12.61 -6.06 -0.65
C ALA A 135 11.60 -6.86 -1.48
N MET A 136 11.06 -6.24 -2.51
CA MET A 136 10.07 -6.95 -3.39
C MET A 136 10.77 -8.01 -4.23
N CYS A 137 11.87 -7.65 -4.84
CA CYS A 137 12.62 -8.65 -5.68
C CYS A 137 13.08 -9.84 -4.83
N GLU A 138 13.60 -9.56 -3.65
CA GLU A 138 14.06 -10.67 -2.76
C GLU A 138 12.86 -11.48 -2.26
N CYS A 139 11.78 -10.80 -2.03
CA CYS A 139 10.53 -11.49 -1.55
C CYS A 139 9.94 -12.35 -2.67
N GLN A 140 9.91 -11.84 -3.87
CA GLN A 140 9.36 -12.62 -5.02
C GLN A 140 10.26 -13.81 -5.33
N ALA A 141 11.55 -13.61 -5.25
CA ALA A 141 12.51 -14.73 -5.54
C ALA A 141 12.43 -15.80 -4.44
N LEU A 142 12.27 -15.38 -3.21
CA LEU A 142 12.19 -16.37 -2.08
C LEU A 142 10.86 -17.13 -2.14
N GLN A 27 15.21 -3.37 6.10
CA GLN A 27 15.37 -2.07 5.37
C GLN A 27 14.57 -0.97 6.08
N GLN A 28 14.92 0.27 5.84
CA GLN A 28 14.20 1.41 6.49
C GLN A 28 14.09 2.60 5.53
N GLN A 29 13.19 3.52 5.79
CA GLN A 29 13.02 4.71 4.90
C GLN A 29 13.09 6.00 5.75
N PRO A 30 13.69 7.04 5.22
CA PRO A 30 13.78 8.32 5.97
C PRO A 30 12.47 9.11 5.87
N GLU A 31 12.28 9.87 4.82
CA GLU A 31 11.01 10.67 4.66
C GLU A 31 10.18 10.14 3.49
N THR A 32 9.05 9.54 3.77
CA THR A 32 8.18 9.00 2.68
C THR A 32 6.71 9.27 2.97
N GLU A 33 5.88 9.33 1.96
CA GLU A 33 4.42 9.57 2.20
C GLU A 33 3.59 8.37 1.72
N ALA A 34 2.53 8.11 2.43
CA ALA A 34 1.63 6.97 2.09
C ALA A 34 0.23 7.39 1.60
N VAL A 35 -0.16 6.83 0.46
CA VAL A 35 -1.55 7.07 -0.08
C VAL A 35 -2.30 5.72 0.00
N LEU A 36 -3.49 5.69 0.58
CA LEU A 36 -4.23 4.39 0.77
C LEU A 36 -5.68 4.39 0.22
N ASN A 37 -5.97 3.40 -0.63
CA ASN A 37 -7.35 3.15 -1.25
C ASN A 37 -7.78 4.18 -2.31
N GLY A 38 -6.88 5.00 -2.82
CA GLY A 38 -7.28 5.98 -3.90
C GLY A 38 -7.07 7.41 -3.41
N LYS A 39 -7.40 7.68 -2.18
CA LYS A 39 -7.20 9.04 -1.61
C LYS A 39 -5.90 9.02 -0.81
N GLY A 40 -5.10 10.06 -0.88
CA GLY A 40 -3.80 10.03 -0.17
C GLY A 40 -3.96 10.20 1.34
N LEU A 41 -3.81 9.12 2.06
CA LEU A 41 -3.84 9.17 3.53
C LEU A 41 -2.56 8.48 4.03
N GLY A 42 -1.68 9.21 4.65
CA GLY A 42 -0.43 8.63 5.19
C GLY A 42 0.74 9.54 4.90
N THR A 43 1.39 10.04 5.92
CA THR A 43 2.58 10.89 5.73
C THR A 43 3.53 10.58 6.87
N GLY A 44 4.67 9.96 6.61
CA GLY A 44 5.58 9.60 7.74
C GLY A 44 6.76 8.76 7.30
N THR A 45 7.03 7.74 8.07
CA THR A 45 8.20 6.86 7.78
C THR A 45 7.77 5.40 7.53
N LEU A 46 8.47 4.73 6.65
CA LEU A 46 8.14 3.30 6.33
C LEU A 46 9.25 2.37 6.82
N TYR A 47 8.92 1.41 7.67
CA TYR A 47 9.94 0.45 8.17
C TYR A 47 9.62 -0.94 7.61
N ILE A 48 10.64 -1.69 7.23
CA ILE A 48 10.41 -3.06 6.67
C ILE A 48 10.82 -4.14 7.69
N ALA A 49 9.92 -5.02 8.02
CA ALA A 49 10.23 -6.11 9.00
C ALA A 49 10.37 -7.44 8.25
N GLU A 50 11.27 -8.30 8.68
CA GLU A 50 11.49 -9.63 8.00
C GLU A 50 10.17 -10.36 7.71
N SER A 51 9.15 -10.10 8.49
CA SER A 51 7.83 -10.76 8.27
C SER A 51 6.69 -9.82 8.65
N ARG A 52 6.91 -8.53 8.58
CA ARG A 52 5.84 -7.54 8.93
C ARG A 52 6.18 -6.17 8.37
N LEU A 53 5.24 -5.25 8.42
CA LEU A 53 5.49 -3.87 7.89
C LEU A 53 5.13 -2.84 8.97
N SER A 54 6.05 -1.96 9.30
CA SER A 54 5.78 -0.93 10.34
C SER A 54 5.83 0.47 9.75
N TRP A 55 4.76 1.21 9.86
CA TRP A 55 4.74 2.60 9.31
C TRP A 55 4.52 3.63 10.42
N LEU A 56 5.22 4.72 10.37
CA LEU A 56 5.04 5.78 11.40
C LEU A 56 4.09 6.84 10.84
N ASP A 57 3.06 7.16 11.58
CA ASP A 57 2.07 8.17 11.12
C ASP A 57 2.55 9.60 11.42
N GLY A 58 2.45 10.45 10.43
CA GLY A 58 2.89 11.87 10.54
C GLY A 58 2.29 12.59 11.76
N SER A 59 1.22 12.07 12.35
CA SER A 59 0.61 12.74 13.54
C SER A 59 1.29 12.31 14.85
N GLY A 60 2.47 11.70 14.78
CA GLY A 60 3.18 11.26 16.02
C GLY A 60 2.64 9.93 16.50
N LEU A 61 2.06 9.16 15.61
CA LEU A 61 1.51 7.84 16.00
C LEU A 61 2.23 6.76 15.19
N GLY A 62 2.87 5.83 15.84
CA GLY A 62 3.59 4.75 15.10
C GLY A 62 2.66 3.55 15.00
N PHE A 63 2.49 3.00 13.82
CA PHE A 63 1.59 1.80 13.70
C PHE A 63 2.12 0.80 12.66
N SER A 64 1.96 -0.47 12.92
CA SER A 64 2.48 -1.50 11.97
C SER A 64 1.41 -2.54 11.62
N LEU A 65 1.40 -2.96 10.37
CA LEU A 65 0.41 -3.98 9.92
C LEU A 65 1.11 -5.33 9.78
N GLU A 66 0.44 -6.40 10.16
CA GLU A 66 1.05 -7.77 10.05
C GLU A 66 1.26 -8.14 8.58
N TYR A 67 2.30 -7.63 7.97
CA TYR A 67 2.59 -7.94 6.52
C TYR A 67 1.37 -7.66 5.63
N PRO A 68 1.35 -6.51 4.97
CA PRO A 68 0.20 -6.19 4.09
C PRO A 68 0.19 -7.10 2.86
N THR A 69 -0.98 -7.48 2.40
CA THR A 69 -1.08 -8.39 1.22
C THR A 69 -0.93 -7.59 -0.08
N ILE A 70 0.26 -7.53 -0.61
CA ILE A 70 0.49 -6.78 -1.89
C ILE A 70 -0.17 -7.53 -3.05
N SER A 71 -0.70 -6.82 -4.02
CA SER A 71 -1.36 -7.50 -5.18
C SER A 71 -0.80 -6.95 -6.51
N LEU A 72 -1.31 -5.84 -6.99
CA LEU A 72 -0.79 -5.28 -8.28
C LEU A 72 0.03 -4.03 -8.00
N HIS A 73 1.35 -4.14 -8.01
CA HIS A 73 2.22 -2.96 -7.71
C HIS A 73 2.87 -2.41 -8.98
N ALA A 74 2.56 -1.18 -9.28
CA ALA A 74 3.12 -0.51 -10.49
C ALA A 74 4.27 0.41 -10.09
N VAL A 75 5.36 0.37 -10.81
CA VAL A 75 6.53 1.24 -10.49
C VAL A 75 6.95 2.03 -11.75
N SER A 76 7.25 3.30 -11.59
CA SER A 76 7.67 4.16 -12.74
C SER A 76 6.71 4.03 -13.94
N ARG A 77 5.46 3.67 -13.68
CA ARG A 77 4.47 3.52 -14.79
C ARG A 77 3.20 4.32 -14.45
N ASP A 78 2.52 3.97 -13.39
CA ASP A 78 1.28 4.69 -13.00
C ASP A 78 1.64 5.96 -12.22
N LEU A 79 1.31 7.11 -12.78
CA LEU A 79 1.63 8.39 -12.08
C LEU A 79 0.94 9.56 -12.80
N ASN A 80 0.89 10.71 -12.17
CA ASN A 80 0.24 11.90 -12.80
C ASN A 80 1.17 13.11 -12.67
N ALA A 81 2.46 12.87 -12.72
CA ALA A 81 3.45 13.97 -12.60
C ALA A 81 4.73 13.60 -13.37
N TYR A 82 5.89 14.03 -12.90
CA TYR A 82 7.16 13.68 -13.61
C TYR A 82 7.67 12.31 -13.11
N PRO A 83 8.67 11.76 -13.77
CA PRO A 83 9.22 10.44 -13.34
C PRO A 83 9.94 10.56 -12.01
N ARG A 84 9.32 10.09 -10.95
CA ARG A 84 9.96 10.18 -9.60
C ARG A 84 9.75 8.87 -8.83
N GLU A 85 10.59 8.60 -7.85
CA GLU A 85 10.46 7.34 -7.05
C GLU A 85 9.08 7.28 -6.38
N HIS A 86 8.15 6.57 -7.00
CA HIS A 86 6.77 6.46 -6.43
C HIS A 86 6.22 5.04 -6.60
N LEU A 87 5.72 4.41 -5.54
CA LEU A 87 5.19 3.02 -5.69
C LEU A 87 3.66 2.95 -5.49
N TYR A 88 2.98 2.39 -6.48
CA TYR A 88 1.49 2.25 -6.44
C TYR A 88 1.11 0.77 -6.31
N VAL A 89 0.40 0.32 -5.26
CA VAL A 89 -0.03 -1.13 -5.28
C VAL A 89 -1.53 -1.28 -5.00
N MET A 90 -2.23 -1.88 -5.94
CA MET A 90 -3.71 -2.01 -5.83
C MET A 90 -4.14 -3.36 -5.27
N VAL A 91 -5.04 -3.35 -4.31
CA VAL A 91 -5.52 -4.62 -3.70
C VAL A 91 -7.05 -4.69 -3.79
N ASN A 92 -7.57 -5.84 -4.14
CA ASN A 92 -9.06 -6.00 -4.24
C ASN A 92 -9.60 -6.68 -2.98
N ALA A 93 -10.60 -6.10 -2.36
CA ALA A 93 -11.19 -6.69 -1.12
C ALA A 93 -12.59 -7.21 -1.41
N LYS A 94 -12.99 -8.29 -0.75
CA LYS A 94 -14.35 -8.85 -0.96
C LYS A 94 -15.31 -8.34 0.10
N PHE A 95 -16.36 -7.68 -0.31
CA PHE A 95 -17.36 -7.15 0.68
C PHE A 95 -18.73 -7.80 0.45
N GLY A 96 -19.50 -7.96 1.50
CA GLY A 96 -20.85 -8.59 1.37
C GLY A 96 -21.82 -7.60 0.72
N GLU A 97 -23.07 -7.98 0.59
CA GLU A 97 -24.08 -7.07 -0.04
C GLU A 97 -24.59 -6.05 0.98
N GLU A 98 -24.76 -4.83 0.57
CA GLU A 98 -25.26 -3.76 1.52
C GLU A 98 -26.62 -4.15 2.09
N SER A 99 -27.48 -4.70 1.26
CA SER A 99 -28.84 -5.11 1.73
C SER A 99 -29.06 -6.60 1.48
N LYS A 100 -29.69 -7.29 2.41
CA LYS A 100 -29.95 -8.74 2.25
C LYS A 100 -30.92 -9.23 3.33
N GLU A 101 -30.67 -8.89 4.57
CA GLU A 101 -31.58 -9.32 5.68
C GLU A 101 -32.36 -8.12 6.21
N SER A 102 -33.48 -8.37 6.86
CA SER A 102 -34.30 -7.24 7.41
C SER A 102 -33.49 -6.47 8.46
N VAL A 103 -33.82 -5.21 8.67
CA VAL A 103 -33.09 -4.36 9.67
C VAL A 103 -31.57 -4.38 9.40
N ALA A 104 -31.12 -3.55 8.49
CA ALA A 104 -29.66 -3.50 8.16
C ALA A 104 -28.93 -2.58 9.14
N GLU A 105 -27.68 -2.88 9.42
CA GLU A 105 -26.89 -2.04 10.36
C GLU A 105 -25.98 -1.09 9.59
N GLU A 106 -25.81 0.13 10.06
CA GLU A 106 -24.93 1.14 9.36
C GLU A 106 -25.33 1.28 7.89
N GLU A 107 -26.26 2.15 7.60
CA GLU A 107 -26.71 2.36 6.18
C GLU A 107 -26.42 3.79 5.75
N ASP A 108 -25.19 4.24 5.91
CA ASP A 108 -24.83 5.63 5.51
C ASP A 108 -24.23 5.64 4.10
N SER A 109 -24.55 4.66 3.28
CA SER A 109 -24.00 4.61 1.90
C SER A 109 -25.14 4.59 0.87
N ASP A 110 -24.94 5.20 -0.27
CA ASP A 110 -26.00 5.22 -1.32
C ASP A 110 -25.48 4.60 -2.62
N ASP A 111 -24.58 5.27 -3.29
CA ASP A 111 -24.02 4.73 -4.56
C ASP A 111 -22.55 5.14 -4.72
N ASP A 112 -21.80 5.11 -3.64
CA ASP A 112 -20.36 5.49 -3.69
C ASP A 112 -19.51 4.47 -2.93
N VAL A 113 -19.52 3.24 -3.38
CA VAL A 113 -18.71 2.17 -2.69
C VAL A 113 -17.77 1.51 -3.71
N GLU A 114 -16.49 1.53 -3.43
CA GLU A 114 -15.50 0.91 -4.36
C GLU A 114 -15.21 -0.55 -3.94
N PRO A 115 -15.33 -1.49 -4.87
CA PRO A 115 -15.06 -2.91 -4.52
C PRO A 115 -13.55 -3.14 -4.32
N ILE A 116 -12.74 -2.38 -5.01
CA ILE A 116 -11.26 -2.52 -4.88
C ILE A 116 -10.66 -1.21 -4.34
N ALA A 117 -9.66 -1.33 -3.48
CA ALA A 117 -9.02 -0.11 -2.90
C ALA A 117 -7.66 0.10 -3.55
N GLU A 118 -7.30 1.33 -3.89
CA GLU A 118 -5.96 1.55 -4.52
C GLU A 118 -4.99 2.06 -3.46
N PHE A 119 -4.05 1.25 -3.08
CA PHE A 119 -3.04 1.67 -2.08
C PHE A 119 -1.82 2.17 -2.84
N ARG A 120 -1.37 3.36 -2.58
CA ARG A 120 -0.16 3.87 -3.28
C ARG A 120 0.82 4.33 -2.22
N PHE A 121 2.00 3.74 -2.18
CA PHE A 121 2.99 4.15 -1.16
C PHE A 121 4.20 4.67 -1.89
N VAL A 122 4.39 5.96 -1.78
CA VAL A 122 5.47 6.63 -2.56
C VAL A 122 6.36 7.50 -1.64
N PRO A 123 7.66 7.22 -1.62
CA PRO A 123 8.59 7.99 -0.79
C PRO A 123 9.19 9.14 -1.59
N SER A 124 9.98 9.98 -0.94
CA SER A 124 10.64 11.12 -1.65
C SER A 124 12.15 10.87 -1.72
N ASP A 125 12.55 9.63 -1.77
CA ASP A 125 14.01 9.29 -1.82
C ASP A 125 14.27 8.18 -2.84
N LYS A 126 15.07 8.46 -3.84
CA LYS A 126 15.39 7.42 -4.89
C LYS A 126 16.05 6.22 -4.20
N SER A 127 16.82 6.49 -3.16
CA SER A 127 17.47 5.39 -2.40
C SER A 127 16.40 4.56 -1.71
N ALA A 128 15.31 5.19 -1.32
CA ALA A 128 14.20 4.42 -0.65
C ALA A 128 13.49 3.54 -1.67
N LEU A 129 13.38 4.01 -2.90
CA LEU A 129 12.69 3.21 -3.96
C LEU A 129 13.53 1.97 -4.31
N GLU A 130 14.81 2.14 -4.51
CA GLU A 130 15.69 0.98 -4.85
C GLU A 130 15.72 0.00 -3.67
N ALA A 131 15.68 0.52 -2.46
CA ALA A 131 15.68 -0.36 -1.26
C ALA A 131 14.40 -1.18 -1.24
N MET A 132 13.29 -0.55 -1.57
CA MET A 132 11.98 -1.27 -1.59
C MET A 132 12.02 -2.33 -2.69
N PHE A 133 12.66 -2.04 -3.80
CA PHE A 133 12.75 -3.02 -4.92
C PHE A 133 13.54 -4.23 -4.46
N THR A 134 14.56 -4.00 -3.68
CA THR A 134 15.34 -5.15 -3.13
C THR A 134 14.43 -5.91 -2.16
N ALA A 135 13.58 -5.18 -1.46
CA ALA A 135 12.63 -5.84 -0.50
C ALA A 135 11.59 -6.66 -1.26
N MET A 136 11.02 -6.06 -2.28
CA MET A 136 9.99 -6.79 -3.11
C MET A 136 10.66 -7.85 -3.96
N CYS A 137 11.73 -7.50 -4.62
CA CYS A 137 12.47 -8.49 -5.48
C CYS A 137 12.95 -9.67 -4.63
N GLU A 138 13.52 -9.38 -3.48
CA GLU A 138 14.02 -10.48 -2.59
C GLU A 138 12.84 -11.27 -2.03
N CYS A 139 11.76 -10.59 -1.76
CA CYS A 139 10.56 -11.28 -1.21
C CYS A 139 9.89 -12.14 -2.29
N GLN A 140 9.88 -11.65 -3.51
CA GLN A 140 9.26 -12.44 -4.63
C GLN A 140 10.13 -13.66 -4.95
N ALA A 141 11.43 -13.51 -4.88
CA ALA A 141 12.34 -14.66 -5.18
C ALA A 141 12.31 -15.68 -4.04
N LEU A 142 12.30 -15.21 -2.82
CA LEU A 142 12.28 -16.16 -1.65
C LEU A 142 10.84 -16.63 -1.37
N GLN A 27 15.58 -3.71 6.77
CA GLN A 27 15.67 -2.46 5.95
C GLN A 27 14.83 -1.34 6.58
N GLN A 28 15.32 -0.13 6.53
CA GLN A 28 14.58 1.02 7.11
C GLN A 28 14.51 2.18 6.11
N GLN A 29 13.49 3.00 6.20
CA GLN A 29 13.35 4.16 5.27
C GLN A 29 13.38 5.48 6.07
N PRO A 30 14.03 6.51 5.52
CA PRO A 30 14.09 7.80 6.24
C PRO A 30 12.81 8.62 6.04
N GLU A 31 12.65 9.24 4.89
CA GLU A 31 11.43 10.05 4.62
C GLU A 31 10.61 9.40 3.50
N THR A 32 9.33 9.19 3.72
CA THR A 32 8.48 8.55 2.66
C THR A 32 7.00 8.90 2.89
N GLU A 33 6.23 9.04 1.83
CA GLU A 33 4.78 9.38 2.00
C GLU A 33 3.91 8.17 1.61
N ALA A 34 2.81 8.02 2.31
CA ALA A 34 1.86 6.91 2.04
C ALA A 34 0.49 7.38 1.50
N VAL A 35 0.07 6.82 0.38
CA VAL A 35 -1.29 7.11 -0.18
C VAL A 35 -2.12 5.79 -0.11
N LEU A 36 -3.32 5.81 0.43
CA LEU A 36 -4.12 4.54 0.59
C LEU A 36 -5.55 4.60 0.00
N ASN A 37 -5.86 3.62 -0.84
CA ASN A 37 -7.22 3.42 -1.52
C ASN A 37 -7.54 4.45 -2.62
N GLY A 38 -6.56 5.19 -3.11
CA GLY A 38 -6.83 6.16 -4.23
C GLY A 38 -6.63 7.58 -3.71
N LYS A 39 -6.96 7.82 -2.47
CA LYS A 39 -6.77 9.18 -1.87
C LYS A 39 -5.48 9.12 -1.08
N GLY A 40 -4.75 10.22 -0.96
CA GLY A 40 -3.44 10.14 -0.24
C GLY A 40 -3.60 10.33 1.25
N LEU A 41 -3.48 9.24 1.97
CA LEU A 41 -3.49 9.30 3.45
C LEU A 41 -2.23 8.56 3.94
N GLY A 42 -1.32 9.26 4.53
CA GLY A 42 -0.08 8.62 5.07
C GLY A 42 1.13 9.50 4.82
N THR A 43 1.76 9.97 5.87
CA THR A 43 2.99 10.78 5.73
C THR A 43 3.91 10.40 6.88
N GLY A 44 5.02 9.75 6.62
CA GLY A 44 5.91 9.34 7.75
C GLY A 44 7.06 8.46 7.27
N THR A 45 7.37 7.47 8.04
CA THR A 45 8.50 6.56 7.70
C THR A 45 8.05 5.12 7.52
N LEU A 46 8.66 4.40 6.61
CA LEU A 46 8.29 2.97 6.38
C LEU A 46 9.40 2.05 6.90
N TYR A 47 9.05 1.16 7.80
CA TYR A 47 10.06 0.20 8.35
C TYR A 47 9.74 -1.22 7.87
N ILE A 48 10.73 -1.96 7.46
CA ILE A 48 10.48 -3.36 6.97
C ILE A 48 11.00 -4.37 8.00
N ALA A 49 10.15 -5.25 8.46
CA ALA A 49 10.58 -6.29 9.45
C ALA A 49 10.79 -7.63 8.74
N GLU A 50 11.73 -8.41 9.23
CA GLU A 50 12.03 -9.74 8.58
C GLU A 50 10.76 -10.58 8.37
N SER A 51 9.73 -10.33 9.16
CA SER A 51 8.45 -11.11 8.99
C SER A 51 7.24 -10.21 9.16
N ARG A 52 7.39 -8.92 8.93
CA ARG A 52 6.23 -7.98 9.07
C ARG A 52 6.60 -6.59 8.52
N LEU A 53 5.62 -5.73 8.35
CA LEU A 53 5.89 -4.36 7.83
C LEU A 53 5.43 -3.32 8.87
N SER A 54 6.29 -2.42 9.26
CA SER A 54 5.91 -1.40 10.28
C SER A 54 5.98 0.01 9.69
N TRP A 55 4.88 0.72 9.69
CA TRP A 55 4.85 2.10 9.15
C TRP A 55 4.50 3.12 10.23
N LEU A 56 5.25 4.18 10.35
CA LEU A 56 4.94 5.21 11.39
C LEU A 56 4.15 6.35 10.73
N ASP A 57 3.02 6.67 11.32
CA ASP A 57 2.14 7.74 10.78
C ASP A 57 2.60 9.12 11.26
N GLY A 58 2.66 10.04 10.34
CA GLY A 58 3.10 11.45 10.61
C GLY A 58 2.29 12.12 11.73
N SER A 59 1.14 11.58 12.11
CA SER A 59 0.32 12.21 13.20
C SER A 59 0.77 11.73 14.59
N GLY A 60 1.94 11.13 14.70
CA GLY A 60 2.42 10.64 16.02
C GLY A 60 1.82 9.29 16.34
N LEU A 61 1.42 8.55 15.32
CA LEU A 61 0.82 7.21 15.55
C LEU A 61 1.63 6.17 14.78
N GLY A 62 2.15 5.19 15.45
CA GLY A 62 2.97 4.15 14.76
C GLY A 62 2.10 2.92 14.55
N PHE A 63 2.06 2.40 13.34
CA PHE A 63 1.22 1.17 13.09
C PHE A 63 1.90 0.24 12.10
N SER A 64 1.77 -1.05 12.32
CA SER A 64 2.43 -2.04 11.41
C SER A 64 1.44 -3.03 10.82
N LEU A 65 1.56 -3.24 9.53
CA LEU A 65 0.66 -4.21 8.83
C LEU A 65 1.32 -5.59 8.83
N GLU A 66 0.52 -6.64 8.84
CA GLU A 66 1.08 -8.03 8.86
C GLU A 66 2.02 -8.26 7.67
N TYR A 67 1.48 -8.36 6.47
CA TYR A 67 2.34 -8.58 5.25
C TYR A 67 1.46 -8.66 3.99
N PRO A 68 0.50 -9.58 3.95
CA PRO A 68 -0.37 -9.69 2.76
C PRO A 68 -1.32 -8.48 2.64
N THR A 69 -0.77 -7.31 2.42
CA THR A 69 -1.60 -6.08 2.28
C THR A 69 -1.53 -5.55 0.83
N ILE A 70 -0.49 -5.88 0.11
CA ILE A 70 -0.35 -5.42 -1.30
C ILE A 70 -0.71 -6.56 -2.26
N SER A 71 -1.29 -6.23 -3.39
CA SER A 71 -1.67 -7.29 -4.39
C SER A 71 -1.00 -6.98 -5.73
N LEU A 72 -1.55 -6.07 -6.50
CA LEU A 72 -0.94 -5.70 -7.81
C LEU A 72 -0.03 -4.51 -7.57
N HIS A 73 1.27 -4.65 -7.74
CA HIS A 73 2.19 -3.51 -7.48
C HIS A 73 2.72 -2.91 -8.80
N ALA A 74 2.42 -1.67 -9.00
CA ALA A 74 2.86 -0.94 -10.23
C ALA A 74 4.11 -0.11 -9.92
N VAL A 75 5.19 -0.38 -10.60
CA VAL A 75 6.46 0.38 -10.35
C VAL A 75 6.96 1.01 -11.66
N SER A 76 7.70 2.09 -11.56
CA SER A 76 8.23 2.77 -12.79
C SER A 76 9.42 1.99 -13.34
N ARG A 77 9.56 1.98 -14.65
CA ARG A 77 10.71 1.23 -15.27
C ARG A 77 11.40 2.10 -16.33
N ASP A 78 10.63 2.82 -17.12
CA ASP A 78 11.24 3.70 -18.17
C ASP A 78 11.37 5.13 -17.64
N LEU A 79 12.58 5.62 -17.51
CA LEU A 79 12.80 7.00 -16.99
C LEU A 79 14.27 7.40 -17.18
N ASN A 80 14.57 8.15 -18.23
CA ASN A 80 15.98 8.61 -18.46
C ASN A 80 16.34 9.56 -17.33
N ALA A 81 15.55 10.59 -17.17
CA ALA A 81 15.75 11.55 -16.06
C ALA A 81 14.61 11.35 -15.08
N TYR A 82 14.93 11.03 -13.85
CA TYR A 82 13.86 10.77 -12.84
C TYR A 82 13.40 12.06 -12.16
N PRO A 83 12.18 12.50 -12.44
CA PRO A 83 11.67 13.72 -11.79
C PRO A 83 11.20 13.38 -10.38
N ARG A 84 10.42 12.33 -10.26
CA ARG A 84 9.92 11.89 -8.93
C ARG A 84 9.63 10.39 -8.95
N GLU A 85 10.06 9.69 -7.92
CA GLU A 85 9.81 8.22 -7.84
C GLU A 85 8.49 7.98 -7.13
N HIS A 86 7.87 6.82 -7.35
CA HIS A 86 6.55 6.55 -6.68
C HIS A 86 6.12 5.08 -6.84
N LEU A 87 5.72 4.42 -5.76
CA LEU A 87 5.27 3.01 -5.87
C LEU A 87 3.76 2.89 -5.65
N TYR A 88 3.05 2.41 -6.65
CA TYR A 88 1.57 2.28 -6.53
C TYR A 88 1.16 0.81 -6.50
N VAL A 89 0.48 0.31 -5.45
CA VAL A 89 0.04 -1.12 -5.51
C VAL A 89 -1.48 -1.25 -5.24
N MET A 90 -2.20 -1.81 -6.19
CA MET A 90 -3.69 -1.91 -6.06
C MET A 90 -4.10 -3.15 -5.25
N VAL A 91 -5.00 -2.97 -4.33
CA VAL A 91 -5.48 -4.11 -3.48
C VAL A 91 -7.01 -4.18 -3.51
N ASN A 92 -7.55 -5.37 -3.53
CA ASN A 92 -9.04 -5.53 -3.55
C ASN A 92 -9.58 -5.58 -2.13
N ALA A 93 -10.77 -5.05 -1.93
CA ALA A 93 -11.37 -5.05 -0.56
C ALA A 93 -12.36 -6.21 -0.42
N LYS A 94 -12.25 -6.97 0.64
CA LYS A 94 -13.17 -8.12 0.87
C LYS A 94 -13.97 -7.92 2.15
N PHE A 95 -15.27 -8.13 2.07
CA PHE A 95 -16.14 -7.96 3.28
C PHE A 95 -16.76 -9.29 3.69
N GLY A 96 -16.97 -9.49 4.97
CA GLY A 96 -17.57 -10.77 5.46
C GLY A 96 -19.08 -10.58 5.64
N GLU A 97 -19.49 -9.95 6.73
CA GLU A 97 -20.95 -9.72 6.99
C GLU A 97 -21.74 -11.03 6.91
N GLU A 98 -23.03 -10.97 7.14
CA GLU A 98 -23.89 -12.20 7.08
C GLU A 98 -25.23 -11.87 6.42
N SER A 99 -25.23 -11.02 5.42
CA SER A 99 -26.50 -10.66 4.73
C SER A 99 -26.53 -11.23 3.30
N LYS A 100 -25.85 -12.34 3.10
CA LYS A 100 -25.83 -12.96 1.74
C LYS A 100 -26.15 -14.46 1.85
N GLU A 101 -27.41 -14.79 1.83
CA GLU A 101 -27.82 -16.23 1.93
C GLU A 101 -29.31 -16.39 1.62
N SER A 102 -30.16 -15.74 2.39
CA SER A 102 -31.63 -15.85 2.15
C SER A 102 -31.98 -15.35 0.74
N VAL A 103 -31.30 -14.33 0.28
CA VAL A 103 -31.57 -13.78 -1.09
C VAL A 103 -30.27 -13.61 -1.88
N ALA A 104 -30.30 -13.89 -3.16
CA ALA A 104 -29.06 -13.75 -4.00
C ALA A 104 -28.70 -12.27 -4.17
N GLU A 105 -29.69 -11.41 -4.26
CA GLU A 105 -29.42 -9.95 -4.42
C GLU A 105 -30.68 -9.13 -4.15
N GLU A 106 -30.53 -7.99 -3.52
CA GLU A 106 -31.72 -7.13 -3.22
C GLU A 106 -31.76 -5.92 -4.16
N GLU A 107 -30.88 -4.97 -3.96
CA GLU A 107 -30.85 -3.76 -4.83
C GLU A 107 -29.67 -3.83 -5.80
N ASP A 108 -28.52 -4.26 -5.32
CA ASP A 108 -27.32 -4.35 -6.20
C ASP A 108 -27.43 -5.57 -7.13
N SER A 109 -27.00 -5.43 -8.36
CA SER A 109 -27.08 -6.56 -9.33
C SER A 109 -26.19 -6.28 -10.54
N ASP A 110 -26.30 -5.10 -11.12
CA ASP A 110 -25.47 -4.74 -12.31
C ASP A 110 -23.98 -4.82 -11.96
N ASP A 111 -23.60 -4.37 -10.79
CA ASP A 111 -22.16 -4.41 -10.37
C ASP A 111 -21.25 -3.75 -11.42
N ASP A 112 -21.60 -2.57 -11.87
CA ASP A 112 -20.78 -1.86 -12.90
C ASP A 112 -19.36 -1.63 -12.38
N VAL A 113 -19.21 -1.37 -11.11
CA VAL A 113 -17.85 -1.13 -10.52
C VAL A 113 -17.63 -2.04 -9.30
N GLU A 114 -16.46 -2.63 -9.20
CA GLU A 114 -16.16 -3.53 -8.04
C GLU A 114 -15.61 -2.71 -6.86
N PRO A 115 -15.93 -3.11 -5.64
CA PRO A 115 -15.43 -2.37 -4.45
C PRO A 115 -13.93 -2.64 -4.26
N ILE A 116 -13.10 -1.92 -4.97
CA ILE A 116 -11.62 -2.12 -4.84
C ILE A 116 -10.95 -0.83 -4.35
N ALA A 117 -9.87 -0.97 -3.64
CA ALA A 117 -9.15 0.22 -3.11
C ALA A 117 -7.75 0.28 -3.72
N GLU A 118 -7.26 1.47 -4.07
CA GLU A 118 -5.88 1.52 -4.67
C GLU A 118 -4.90 2.04 -3.63
N PHE A 119 -3.99 1.20 -3.22
CA PHE A 119 -2.97 1.61 -2.21
C PHE A 119 -1.76 2.13 -2.96
N ARG A 120 -1.33 3.34 -2.66
CA ARG A 120 -0.15 3.89 -3.38
C ARG A 120 0.87 4.30 -2.33
N PHE A 121 2.04 3.72 -2.37
CA PHE A 121 3.08 4.09 -1.37
C PHE A 121 4.25 4.67 -2.14
N VAL A 122 4.42 5.95 -1.97
CA VAL A 122 5.45 6.70 -2.73
C VAL A 122 6.38 7.43 -1.74
N PRO A 123 7.67 7.12 -1.77
CA PRO A 123 8.61 7.77 -0.84
C PRO A 123 9.25 9.03 -1.43
N SER A 124 8.87 9.44 -2.63
CA SER A 124 9.48 10.67 -3.26
C SER A 124 11.02 10.65 -3.18
N ASP A 125 11.60 9.47 -3.11
CA ASP A 125 13.09 9.36 -3.00
C ASP A 125 13.62 8.19 -3.83
N LYS A 126 14.53 8.46 -4.74
CA LYS A 126 15.11 7.37 -5.58
C LYS A 126 15.81 6.35 -4.68
N SER A 127 16.44 6.83 -3.64
CA SER A 127 17.12 5.90 -2.68
C SER A 127 16.06 5.03 -2.01
N ALA A 128 14.87 5.57 -1.81
CA ALA A 128 13.77 4.77 -1.18
C ALA A 128 13.21 3.81 -2.23
N LEU A 129 13.21 4.20 -3.48
CA LEU A 129 12.66 3.33 -4.56
C LEU A 129 13.59 2.12 -4.75
N GLU A 130 14.88 2.33 -4.81
CA GLU A 130 15.83 1.19 -4.99
C GLU A 130 15.80 0.30 -3.74
N ALA A 131 15.73 0.90 -2.57
CA ALA A 131 15.67 0.09 -1.31
C ALA A 131 14.37 -0.70 -1.28
N MET A 132 13.28 -0.07 -1.67
CA MET A 132 11.97 -0.78 -1.69
C MET A 132 11.99 -1.90 -2.73
N PHE A 133 12.67 -1.66 -3.84
CA PHE A 133 12.76 -2.71 -4.90
C PHE A 133 13.53 -3.90 -4.37
N THR A 134 14.55 -3.65 -3.59
CA THR A 134 15.31 -4.77 -2.97
C THR A 134 14.38 -5.48 -1.97
N ALA A 135 13.52 -4.71 -1.33
CA ALA A 135 12.54 -5.32 -0.36
C ALA A 135 11.52 -6.17 -1.12
N MET A 136 10.97 -5.62 -2.18
CA MET A 136 9.95 -6.36 -3.00
C MET A 136 10.62 -7.49 -3.77
N CYS A 137 11.72 -7.19 -4.42
CA CYS A 137 12.45 -8.23 -5.22
C CYS A 137 12.91 -9.36 -4.30
N GLU A 138 13.46 -9.02 -3.15
CA GLU A 138 13.94 -10.07 -2.19
C GLU A 138 12.75 -10.82 -1.61
N CYS A 139 11.66 -10.13 -1.39
CA CYS A 139 10.44 -10.77 -0.83
C CYS A 139 9.80 -11.68 -1.88
N GLN A 140 9.74 -11.23 -3.11
CA GLN A 140 9.14 -12.06 -4.20
C GLN A 140 9.99 -13.30 -4.46
N ALA A 141 11.30 -13.14 -4.42
CA ALA A 141 12.20 -14.31 -4.66
C ALA A 141 12.13 -15.29 -3.48
N LEU A 142 12.05 -14.77 -2.28
CA LEU A 142 11.98 -15.66 -1.08
C LEU A 142 10.64 -16.42 -1.07
N GLN A 27 15.43 -3.48 6.27
CA GLN A 27 15.59 -2.16 5.59
C GLN A 27 14.61 -1.13 6.16
N GLN A 28 14.92 0.13 6.01
CA GLN A 28 14.02 1.21 6.54
C GLN A 28 13.96 2.39 5.57
N GLN A 29 12.94 3.21 5.67
CA GLN A 29 12.82 4.39 4.74
C GLN A 29 12.97 5.69 5.55
N PRO A 30 13.70 6.67 5.00
CA PRO A 30 13.87 7.95 5.72
C PRO A 30 12.61 8.82 5.60
N GLU A 31 12.46 9.58 4.53
CA GLU A 31 11.25 10.45 4.37
C GLU A 31 10.40 9.95 3.20
N THR A 32 9.30 9.30 3.49
CA THR A 32 8.41 8.78 2.39
C THR A 32 6.95 9.03 2.75
N GLU A 33 6.07 9.08 1.76
CA GLU A 33 4.63 9.30 2.07
C GLU A 33 3.79 8.10 1.59
N ALA A 34 2.75 7.81 2.31
CA ALA A 34 1.87 6.67 1.98
C ALA A 34 0.46 7.11 1.54
N VAL A 35 0.04 6.64 0.38
CA VAL A 35 -1.34 6.91 -0.13
C VAL A 35 -2.10 5.56 -0.12
N LEU A 36 -3.28 5.51 0.48
CA LEU A 36 -4.03 4.20 0.60
C LEU A 36 -5.48 4.24 0.03
N ASN A 37 -5.76 3.31 -0.86
CA ASN A 37 -7.11 3.09 -1.51
C ASN A 37 -7.54 4.19 -2.49
N GLY A 38 -6.64 5.04 -2.95
CA GLY A 38 -7.04 6.09 -3.95
C GLY A 38 -6.88 7.47 -3.33
N LYS A 39 -7.20 7.61 -2.07
CA LYS A 39 -7.04 8.93 -1.38
C LYS A 39 -5.72 8.87 -0.61
N GLY A 40 -4.94 9.93 -0.62
CA GLY A 40 -3.62 9.86 0.06
C GLY A 40 -3.77 9.94 1.59
N LEU A 41 -3.56 8.82 2.23
CA LEU A 41 -3.56 8.76 3.70
C LEU A 41 -2.24 8.10 4.14
N GLY A 42 -1.39 8.84 4.77
CA GLY A 42 -0.11 8.29 5.27
C GLY A 42 1.04 9.21 4.89
N THR A 43 1.71 9.76 5.87
CA THR A 43 2.89 10.65 5.60
C THR A 43 3.89 10.38 6.71
N GLY A 44 5.03 9.77 6.43
CA GLY A 44 5.99 9.48 7.53
C GLY A 44 7.07 8.50 7.10
N THR A 45 7.31 7.53 7.94
CA THR A 45 8.40 6.53 7.66
C THR A 45 7.87 5.11 7.55
N LEU A 46 8.46 4.32 6.69
CA LEU A 46 8.05 2.90 6.53
C LEU A 46 9.22 1.97 6.89
N TYR A 47 8.97 0.97 7.71
CA TYR A 47 10.06 0.03 8.10
C TYR A 47 9.80 -1.36 7.50
N ILE A 48 10.81 -1.97 6.93
CA ILE A 48 10.64 -3.33 6.34
C ILE A 48 11.40 -4.35 7.20
N ALA A 49 10.71 -5.37 7.67
CA ALA A 49 11.37 -6.40 8.51
C ALA A 49 11.14 -7.79 7.93
N GLU A 50 11.73 -8.80 8.53
CA GLU A 50 11.55 -10.21 8.03
C GLU A 50 10.06 -10.58 8.01
N SER A 51 9.45 -10.58 6.84
CA SER A 51 7.99 -10.94 6.73
C SER A 51 7.14 -10.04 7.64
N ARG A 52 7.63 -8.85 7.92
CA ARG A 52 6.85 -7.91 8.79
C ARG A 52 7.09 -6.47 8.33
N LEU A 53 6.07 -5.65 8.37
CA LEU A 53 6.24 -4.23 7.91
C LEU A 53 5.61 -3.27 8.94
N SER A 54 6.37 -2.30 9.39
CA SER A 54 5.83 -1.32 10.38
C SER A 54 5.86 0.09 9.79
N TRP A 55 4.78 0.82 9.90
CA TRP A 55 4.73 2.20 9.34
C TRP A 55 4.51 3.24 10.43
N LEU A 56 5.12 4.40 10.31
CA LEU A 56 4.94 5.47 11.33
C LEU A 56 4.20 6.66 10.73
N ASP A 57 3.13 7.10 11.37
CA ASP A 57 2.35 8.25 10.84
C ASP A 57 2.97 9.59 11.24
N GLY A 58 2.93 10.52 10.32
CA GLY A 58 3.51 11.89 10.50
C GLY A 58 3.12 12.56 11.81
N SER A 59 2.06 12.14 12.46
CA SER A 59 1.64 12.78 13.75
C SER A 59 2.38 12.18 14.96
N GLY A 60 3.45 11.45 14.73
CA GLY A 60 4.21 10.85 15.87
C GLY A 60 3.51 9.59 16.36
N LEU A 61 2.72 8.97 15.52
CA LEU A 61 2.00 7.73 15.92
C LEU A 61 2.21 6.68 14.84
N GLY A 62 2.73 5.53 15.17
CA GLY A 62 2.97 4.49 14.13
C GLY A 62 2.11 3.27 14.37
N PHE A 63 2.22 2.32 13.50
CA PHE A 63 1.43 1.06 13.64
C PHE A 63 2.17 -0.05 12.93
N SER A 64 2.14 -1.24 13.47
CA SER A 64 2.87 -2.36 12.84
C SER A 64 1.93 -3.26 12.02
N LEU A 65 2.29 -3.49 10.79
CA LEU A 65 1.46 -4.36 9.90
C LEU A 65 2.07 -5.76 9.85
N GLU A 66 1.43 -6.72 10.48
CA GLU A 66 1.96 -8.12 10.49
C GLU A 66 2.00 -8.69 9.07
N TYR A 67 0.98 -8.41 8.28
CA TYR A 67 0.94 -8.92 6.88
C TYR A 67 0.66 -7.75 5.91
N PRO A 68 1.46 -7.63 4.85
CA PRO A 68 1.23 -6.53 3.88
C PRO A 68 -0.03 -6.79 3.06
N THR A 69 -0.88 -5.80 2.91
CA THR A 69 -2.13 -5.97 2.12
C THR A 69 -1.92 -5.52 0.69
N ILE A 70 -0.86 -5.99 0.05
CA ILE A 70 -0.57 -5.60 -1.35
C ILE A 70 -0.95 -6.73 -2.31
N SER A 71 -1.41 -6.38 -3.49
CA SER A 71 -1.80 -7.43 -4.50
C SER A 71 -1.08 -7.14 -5.82
N LEU A 72 -1.58 -6.21 -6.59
CA LEU A 72 -0.92 -5.85 -7.88
C LEU A 72 -0.01 -4.66 -7.61
N HIS A 73 1.29 -4.83 -7.70
CA HIS A 73 2.23 -3.70 -7.41
C HIS A 73 2.83 -3.11 -8.69
N ALA A 74 2.91 -1.80 -8.72
CA ALA A 74 3.47 -1.08 -9.89
C ALA A 74 4.80 -0.41 -9.50
N VAL A 75 5.88 -0.77 -10.15
CA VAL A 75 7.21 -0.17 -9.82
C VAL A 75 7.16 1.37 -9.94
N SER A 76 6.50 1.87 -10.96
CA SER A 76 6.40 3.35 -11.15
C SER A 76 5.39 3.69 -12.24
N ARG A 77 4.27 2.98 -12.26
CA ARG A 77 3.20 3.24 -13.30
C ARG A 77 3.80 3.21 -14.72
N ASP A 78 3.16 3.85 -15.67
CA ASP A 78 3.66 3.87 -17.06
C ASP A 78 4.71 4.97 -17.24
N LEU A 79 5.92 4.59 -17.59
CA LEU A 79 7.00 5.60 -17.80
C LEU A 79 7.39 5.66 -19.28
N ASN A 80 7.79 6.81 -19.75
CA ASN A 80 8.18 6.95 -21.19
C ASN A 80 9.13 8.13 -21.36
N ALA A 81 8.76 9.29 -20.87
CA ALA A 81 9.64 10.48 -21.01
C ALA A 81 10.08 11.04 -19.65
N TYR A 82 9.32 10.77 -18.63
CA TYR A 82 9.68 11.28 -17.26
C TYR A 82 9.75 10.13 -16.24
N PRO A 83 10.95 9.76 -15.81
CA PRO A 83 11.08 8.66 -14.83
C PRO A 83 10.66 9.17 -13.44
N ARG A 84 9.97 8.35 -12.68
CA ARG A 84 9.51 8.77 -11.32
C ARG A 84 9.78 7.69 -10.28
N GLU A 85 10.02 8.09 -9.05
CA GLU A 85 10.28 7.09 -7.96
C GLU A 85 9.03 6.96 -7.09
N HIS A 86 8.00 6.35 -7.62
CA HIS A 86 6.73 6.19 -6.84
C HIS A 86 6.23 4.74 -6.94
N LEU A 87 5.86 4.13 -5.81
CA LEU A 87 5.36 2.73 -5.86
C LEU A 87 3.84 2.67 -5.69
N TYR A 88 3.15 2.20 -6.70
CA TYR A 88 1.65 2.09 -6.61
C TYR A 88 1.22 0.65 -6.57
N VAL A 89 0.52 0.18 -5.53
CA VAL A 89 0.05 -1.25 -5.56
C VAL A 89 -1.48 -1.34 -5.34
N MET A 90 -2.18 -1.91 -6.29
CA MET A 90 -3.68 -1.98 -6.22
C MET A 90 -4.15 -3.16 -5.36
N VAL A 91 -5.08 -2.91 -4.47
CA VAL A 91 -5.60 -4.00 -3.59
C VAL A 91 -7.13 -4.10 -3.71
N ASN A 92 -7.64 -5.29 -3.93
CA ASN A 92 -9.11 -5.48 -4.06
C ASN A 92 -9.68 -6.06 -2.77
N ALA A 93 -10.86 -5.62 -2.37
CA ALA A 93 -11.47 -6.14 -1.12
C ALA A 93 -12.20 -7.46 -1.40
N LYS A 94 -12.01 -8.44 -0.55
CA LYS A 94 -12.67 -9.77 -0.75
C LYS A 94 -13.61 -10.05 0.42
N PHE A 95 -14.88 -10.25 0.13
CA PHE A 95 -15.87 -10.55 1.21
C PHE A 95 -16.47 -11.94 1.01
N GLY A 96 -16.82 -12.60 2.09
CA GLY A 96 -17.42 -13.97 1.99
C GLY A 96 -18.89 -13.86 1.59
N GLU A 97 -19.46 -14.92 1.07
CA GLU A 97 -20.90 -14.88 0.67
C GLU A 97 -21.68 -15.98 1.39
N GLU A 98 -22.57 -15.60 2.28
CA GLU A 98 -23.39 -16.61 3.05
C GLU A 98 -22.50 -17.67 3.71
N SER A 99 -21.27 -17.32 4.02
CA SER A 99 -20.35 -18.30 4.67
C SER A 99 -19.66 -17.67 5.87
N LYS A 100 -18.75 -16.74 5.63
CA LYS A 100 -18.04 -16.07 6.76
C LYS A 100 -18.88 -14.94 7.33
N GLU A 101 -18.99 -14.87 8.64
CA GLU A 101 -19.80 -13.80 9.28
C GLU A 101 -18.90 -12.92 10.17
N SER A 102 -19.31 -11.69 10.41
CA SER A 102 -18.49 -10.77 11.27
C SER A 102 -19.31 -10.30 12.47
N VAL A 103 -18.66 -10.04 13.57
CA VAL A 103 -19.38 -9.57 14.79
C VAL A 103 -19.14 -8.08 15.04
N ALA A 104 -18.85 -7.33 13.99
CA ALA A 104 -18.58 -5.86 14.13
C ALA A 104 -17.52 -5.58 15.21
N GLU A 105 -16.66 -6.54 15.46
CA GLU A 105 -15.59 -6.34 16.50
C GLU A 105 -14.51 -5.38 15.97
N GLU A 106 -14.04 -5.62 14.78
CA GLU A 106 -12.99 -4.72 14.18
C GLU A 106 -13.42 -4.27 12.79
N GLU A 107 -13.04 -3.08 12.39
CA GLU A 107 -13.41 -2.54 11.03
C GLU A 107 -14.92 -2.64 10.79
N ASP A 108 -15.67 -1.65 11.25
CA ASP A 108 -17.16 -1.68 11.05
C ASP A 108 -17.51 -1.09 9.68
N SER A 109 -17.88 -1.93 8.75
CA SER A 109 -18.25 -1.44 7.39
C SER A 109 -19.56 -2.07 6.92
N ASP A 110 -20.30 -1.37 6.09
CA ASP A 110 -21.61 -1.91 5.60
C ASP A 110 -21.74 -1.67 4.08
N ASP A 111 -21.18 -2.55 3.29
CA ASP A 111 -21.26 -2.38 1.80
C ASP A 111 -21.45 -3.74 1.14
N ASP A 112 -22.64 -4.01 0.63
CA ASP A 112 -22.91 -5.32 -0.04
C ASP A 112 -21.97 -5.51 -1.24
N VAL A 113 -21.78 -4.47 -2.02
CA VAL A 113 -20.87 -4.57 -3.21
C VAL A 113 -19.42 -4.69 -2.76
N GLU A 114 -18.61 -5.38 -3.52
CA GLU A 114 -17.17 -5.56 -3.16
C GLU A 114 -16.27 -4.69 -4.07
N PRO A 115 -16.28 -3.37 -3.86
CA PRO A 115 -15.44 -2.48 -4.69
C PRO A 115 -13.96 -2.67 -4.35
N ILE A 116 -13.08 -2.13 -5.16
CA ILE A 116 -11.61 -2.27 -4.89
C ILE A 116 -11.00 -0.90 -4.57
N ALA A 117 -9.95 -0.89 -3.77
CA ALA A 117 -9.28 0.40 -3.42
C ALA A 117 -7.85 0.35 -3.93
N GLU A 118 -7.26 1.50 -4.27
CA GLU A 118 -5.85 1.47 -4.78
C GLU A 118 -4.88 1.99 -3.74
N PHE A 119 -3.94 1.17 -3.36
CA PHE A 119 -2.92 1.58 -2.35
C PHE A 119 -1.71 2.08 -3.11
N ARG A 120 -1.27 3.27 -2.80
CA ARG A 120 -0.07 3.82 -3.48
C ARG A 120 0.94 4.22 -2.44
N PHE A 121 2.10 3.64 -2.46
CA PHE A 121 3.15 4.00 -1.47
C PHE A 121 4.31 4.59 -2.26
N VAL A 122 4.49 5.87 -2.11
CA VAL A 122 5.52 6.60 -2.90
C VAL A 122 6.39 7.45 -1.95
N PRO A 123 7.70 7.25 -1.99
CA PRO A 123 8.61 8.01 -1.12
C PRO A 123 9.12 9.27 -1.85
N SER A 124 10.00 10.00 -1.21
CA SER A 124 10.57 11.23 -1.84
C SER A 124 12.09 11.09 -1.94
N ASP A 125 12.58 9.89 -2.07
CA ASP A 125 14.06 9.67 -2.17
C ASP A 125 14.37 8.55 -3.18
N LYS A 126 15.24 8.83 -4.12
CA LYS A 126 15.62 7.77 -5.13
C LYS A 126 16.22 6.58 -4.40
N SER A 127 16.96 6.85 -3.35
CA SER A 127 17.56 5.76 -2.54
C SER A 127 16.45 4.99 -1.83
N ALA A 128 15.35 5.67 -1.51
CA ALA A 128 14.21 4.97 -0.84
C ALA A 128 13.49 4.07 -1.84
N LEU A 129 13.41 4.50 -3.07
CA LEU A 129 12.72 3.68 -4.12
C LEU A 129 13.54 2.41 -4.43
N GLU A 130 14.83 2.55 -4.60
CA GLU A 130 15.68 1.36 -4.90
C GLU A 130 15.68 0.40 -3.69
N ALA A 131 15.65 0.95 -2.49
CA ALA A 131 15.63 0.10 -1.27
C ALA A 131 14.29 -0.64 -1.19
N MET A 132 13.22 0.03 -1.56
CA MET A 132 11.88 -0.62 -1.54
C MET A 132 11.81 -1.71 -2.61
N PHE A 133 12.43 -1.48 -3.74
CA PHE A 133 12.41 -2.50 -4.84
C PHE A 133 13.21 -3.71 -4.41
N THR A 134 14.30 -3.50 -3.71
CA THR A 134 15.09 -4.65 -3.20
C THR A 134 14.25 -5.36 -2.14
N ALA A 135 13.47 -4.60 -1.39
CA ALA A 135 12.59 -5.22 -0.35
C ALA A 135 11.47 -6.02 -1.02
N MET A 136 10.83 -5.42 -2.01
CA MET A 136 9.73 -6.13 -2.74
C MET A 136 10.31 -7.24 -3.60
N CYS A 137 11.33 -6.94 -4.35
CA CYS A 137 11.96 -7.98 -5.22
C CYS A 137 12.48 -9.16 -4.38
N GLU A 138 13.13 -8.86 -3.28
CA GLU A 138 13.65 -9.94 -2.39
C GLU A 138 12.49 -10.68 -1.74
N CYS A 139 11.45 -9.97 -1.43
CA CYS A 139 10.25 -10.60 -0.78
C CYS A 139 9.52 -11.48 -1.80
N GLN A 140 9.39 -11.01 -3.02
CA GLN A 140 8.70 -11.81 -4.07
C GLN A 140 9.49 -13.07 -4.38
N ALA A 141 10.80 -12.96 -4.43
CA ALA A 141 11.66 -14.16 -4.73
C ALA A 141 11.62 -15.13 -3.54
N LEU A 142 11.61 -14.61 -2.34
CA LEU A 142 11.58 -15.48 -1.12
C LEU A 142 10.21 -16.16 -0.99
N GLN A 27 14.13 -4.89 6.88
CA GLN A 27 14.42 -3.73 5.98
C GLN A 27 13.81 -2.44 6.55
N GLN A 28 14.38 -1.31 6.21
CA GLN A 28 13.85 -0.01 6.72
C GLN A 28 13.89 1.05 5.62
N GLN A 29 13.01 2.04 5.70
CA GLN A 29 12.98 3.12 4.67
C GLN A 29 13.22 4.49 5.34
N PRO A 30 14.03 5.34 4.73
CA PRO A 30 14.32 6.66 5.33
C PRO A 30 13.22 7.68 5.00
N GLU A 31 13.15 8.14 3.77
CA GLU A 31 12.10 9.13 3.39
C GLU A 31 11.13 8.52 2.38
N THR A 32 9.91 8.29 2.78
CA THR A 32 8.92 7.68 1.86
C THR A 32 7.50 8.09 2.28
N GLU A 33 6.58 8.24 1.33
CA GLU A 33 5.20 8.63 1.71
C GLU A 33 4.24 7.47 1.43
N ALA A 34 3.24 7.35 2.25
CA ALA A 34 2.23 6.28 2.09
C ALA A 34 0.84 6.80 1.71
N VAL A 35 0.34 6.31 0.60
CA VAL A 35 -1.04 6.67 0.18
C VAL A 35 -1.89 5.37 0.28
N LEU A 36 -2.95 5.36 1.06
CA LEU A 36 -3.75 4.09 1.25
C LEU A 36 -5.22 4.17 0.78
N ASN A 37 -5.61 3.23 -0.07
CA ASN A 37 -7.02 3.05 -0.62
C ASN A 37 -7.47 4.11 -1.65
N GLY A 38 -6.57 4.86 -2.25
CA GLY A 38 -6.99 5.86 -3.30
C GLY A 38 -6.74 7.28 -2.79
N LYS A 39 -7.01 7.51 -1.53
CA LYS A 39 -6.77 8.86 -0.94
C LYS A 39 -5.42 8.77 -0.25
N GLY A 40 -4.52 9.70 -0.52
CA GLY A 40 -3.16 9.57 0.07
C GLY A 40 -3.13 9.94 1.55
N LEU A 41 -2.99 8.93 2.38
CA LEU A 41 -2.84 9.16 3.83
C LEU A 41 -1.59 8.41 4.31
N GLY A 42 -0.59 9.12 4.72
CA GLY A 42 0.65 8.49 5.22
C GLY A 42 1.88 9.25 4.71
N THR A 43 2.65 9.83 5.60
CA THR A 43 3.89 10.54 5.20
C THR A 43 4.92 10.31 6.28
N GLY A 44 5.98 9.56 6.00
CA GLY A 44 6.99 9.28 7.07
C GLY A 44 7.92 8.16 6.68
N THR A 45 8.08 7.22 7.57
CA THR A 45 9.02 6.08 7.32
C THR A 45 8.31 4.72 7.34
N LEU A 46 8.76 3.80 6.52
CA LEU A 46 8.16 2.45 6.48
C LEU A 46 9.18 1.43 7.02
N TYR A 47 8.78 0.67 8.01
CA TYR A 47 9.70 -0.36 8.59
C TYR A 47 9.16 -1.76 8.26
N ILE A 48 9.95 -2.60 7.64
CA ILE A 48 9.48 -3.97 7.28
C ILE A 48 10.02 -4.99 8.30
N ALA A 49 9.15 -5.83 8.82
CA ALA A 49 9.58 -6.86 9.80
C ALA A 49 9.18 -8.25 9.32
N GLU A 50 9.71 -9.28 9.94
CA GLU A 50 9.36 -10.68 9.53
C GLU A 50 7.84 -10.91 9.56
N SER A 51 7.22 -10.95 8.40
CA SER A 51 5.73 -11.15 8.32
C SER A 51 4.98 -10.10 9.13
N ARG A 52 5.49 -8.89 9.13
CA ARG A 52 4.82 -7.78 9.89
C ARG A 52 5.35 -6.43 9.38
N LEU A 53 4.46 -5.50 9.10
CA LEU A 53 4.91 -4.17 8.59
C LEU A 53 4.66 -3.08 9.63
N SER A 54 5.68 -2.30 9.93
CA SER A 54 5.52 -1.21 10.93
C SER A 54 5.74 0.14 10.24
N TRP A 55 4.77 1.01 10.29
CA TRP A 55 4.90 2.35 9.62
C TRP A 55 4.81 3.49 10.63
N LEU A 56 5.57 4.53 10.40
CA LEU A 56 5.51 5.71 11.33
C LEU A 56 4.87 6.87 10.60
N ASP A 57 3.85 7.46 11.20
CA ASP A 57 3.14 8.60 10.58
C ASP A 57 3.83 9.93 10.87
N GLY A 58 3.96 10.73 9.84
CA GLY A 58 4.63 12.07 9.92
C GLY A 58 4.07 12.98 11.02
N SER A 59 2.91 12.68 11.58
CA SER A 59 2.34 13.55 12.65
C SER A 59 2.88 13.17 14.04
N GLY A 60 3.96 12.39 14.11
CA GLY A 60 4.52 11.99 15.42
C GLY A 60 3.73 10.81 16.00
N LEU A 61 3.09 10.05 15.15
CA LEU A 61 2.31 8.88 15.63
C LEU A 61 2.67 7.66 14.81
N GLY A 62 3.13 6.63 15.47
CA GLY A 62 3.54 5.40 14.74
C GLY A 62 2.41 4.38 14.75
N PHE A 63 2.30 3.60 13.71
CA PHE A 63 1.24 2.55 13.65
C PHE A 63 1.71 1.39 12.76
N SER A 64 1.38 0.17 13.13
CA SER A 64 1.82 -1.01 12.33
C SER A 64 0.69 -1.58 11.48
N LEU A 65 1.02 -2.15 10.35
CA LEU A 65 0.00 -2.74 9.44
C LEU A 65 0.37 -4.19 9.11
N GLU A 66 -0.62 -5.02 8.84
CA GLU A 66 -0.36 -6.44 8.50
C GLU A 66 -1.24 -6.86 7.31
N TYR A 67 -1.03 -6.24 6.17
CA TYR A 67 -1.83 -6.58 4.96
C TYR A 67 -0.97 -7.39 3.95
N PRO A 68 -0.81 -8.67 4.18
CA PRO A 68 0.01 -9.50 3.25
C PRO A 68 -0.74 -9.72 1.94
N THR A 69 -0.29 -10.66 1.13
CA THR A 69 -0.96 -10.94 -0.19
C THR A 69 -1.07 -9.67 -1.04
N ILE A 70 -0.02 -9.35 -1.76
CA ILE A 70 -0.03 -8.14 -2.64
C ILE A 70 -0.94 -8.39 -3.84
N SER A 71 -1.61 -7.37 -4.34
CA SER A 71 -2.51 -7.56 -5.52
C SER A 71 -1.77 -7.18 -6.81
N LEU A 72 -1.86 -5.93 -7.25
CA LEU A 72 -1.11 -5.53 -8.49
C LEU A 72 -0.25 -4.32 -8.19
N HIS A 73 1.05 -4.51 -8.09
CA HIS A 73 1.97 -3.39 -7.77
C HIS A 73 2.74 -2.92 -9.01
N ALA A 74 2.76 -1.64 -9.24
CA ALA A 74 3.49 -1.08 -10.42
C ALA A 74 4.30 0.16 -10.01
N VAL A 75 5.52 0.24 -10.44
CA VAL A 75 6.39 1.42 -10.09
C VAL A 75 6.55 2.36 -11.29
N SER A 76 6.40 1.85 -12.49
CA SER A 76 6.54 2.71 -13.71
C SER A 76 5.16 2.99 -14.32
N ARG A 77 4.95 4.20 -14.79
CA ARG A 77 3.64 4.57 -15.40
C ARG A 77 3.76 5.91 -16.11
N ASP A 78 2.66 6.45 -16.57
CA ASP A 78 2.68 7.78 -17.28
C ASP A 78 2.93 8.91 -16.26
N LEU A 79 3.83 9.79 -16.55
CA LEU A 79 4.13 10.92 -15.62
C LEU A 79 3.44 12.20 -16.08
N ASN A 80 2.84 12.93 -15.17
CA ASN A 80 2.14 14.19 -15.54
C ASN A 80 2.13 15.16 -14.35
N ALA A 81 1.83 14.66 -13.18
CA ALA A 81 1.81 15.53 -11.97
C ALA A 81 3.22 15.71 -11.43
N TYR A 82 3.77 14.67 -10.88
CA TYR A 82 5.15 14.73 -10.32
C TYR A 82 6.04 13.64 -10.96
N PRO A 83 6.96 14.03 -11.83
CA PRO A 83 7.84 13.04 -12.49
C PRO A 83 8.89 12.52 -11.48
N ARG A 84 8.48 11.69 -10.57
CA ARG A 84 9.43 11.14 -9.55
C ARG A 84 9.10 9.68 -9.24
N GLU A 85 10.06 8.94 -8.72
CA GLU A 85 9.84 7.49 -8.39
C GLU A 85 8.61 7.32 -7.47
N HIS A 86 7.82 6.29 -7.70
CA HIS A 86 6.58 6.08 -6.88
C HIS A 86 5.99 4.68 -7.15
N LEU A 87 5.70 3.88 -6.12
CA LEU A 87 5.14 2.52 -6.36
C LEU A 87 3.72 2.38 -5.83
N TYR A 88 2.73 2.24 -6.70
CA TYR A 88 1.32 2.09 -6.20
C TYR A 88 0.78 0.69 -6.44
N VAL A 89 0.13 0.06 -5.45
CA VAL A 89 -0.43 -1.31 -5.71
C VAL A 89 -1.97 -1.31 -5.65
N MET A 90 -2.61 -1.71 -6.72
CA MET A 90 -4.10 -1.72 -6.74
C MET A 90 -4.62 -3.02 -6.12
N VAL A 91 -5.48 -2.91 -5.13
CA VAL A 91 -5.99 -4.13 -4.43
C VAL A 91 -7.52 -4.14 -4.37
N ASN A 92 -8.10 -5.30 -4.58
CA ASN A 92 -9.59 -5.44 -4.53
C ASN A 92 -10.00 -5.99 -3.16
N ALA A 93 -10.86 -5.30 -2.45
CA ALA A 93 -11.29 -5.76 -1.09
C ALA A 93 -12.72 -6.32 -1.15
N LYS A 94 -12.97 -7.39 -0.44
CA LYS A 94 -14.33 -8.00 -0.43
C LYS A 94 -14.92 -7.96 0.98
N PHE A 95 -16.19 -7.64 1.09
CA PHE A 95 -16.84 -7.59 2.44
C PHE A 95 -17.76 -8.79 2.65
N GLY A 96 -17.81 -9.30 3.85
CA GLY A 96 -18.69 -10.48 4.15
C GLY A 96 -18.59 -10.85 5.63
N GLU A 97 -19.31 -11.86 6.05
CA GLU A 97 -19.27 -12.27 7.49
C GLU A 97 -18.99 -13.78 7.59
N GLU A 98 -18.30 -14.19 8.62
CA GLU A 98 -17.99 -15.65 8.80
C GLU A 98 -19.10 -16.33 9.60
N SER A 99 -20.04 -16.96 8.92
CA SER A 99 -21.16 -17.65 9.62
C SER A 99 -21.95 -18.52 8.62
N LYS A 100 -22.49 -17.90 7.60
CA LYS A 100 -23.28 -18.66 6.58
C LYS A 100 -22.37 -19.08 5.42
N GLU A 101 -22.79 -20.07 4.67
CA GLU A 101 -21.97 -20.56 3.51
C GLU A 101 -22.41 -19.87 2.22
N SER A 102 -21.48 -19.61 1.33
CA SER A 102 -21.82 -18.94 0.02
C SER A 102 -22.56 -17.60 0.25
N VAL A 103 -23.87 -17.63 0.37
CA VAL A 103 -24.64 -16.36 0.58
C VAL A 103 -25.88 -16.63 1.43
N ALA A 104 -26.24 -15.70 2.30
CA ALA A 104 -27.45 -15.88 3.15
C ALA A 104 -28.56 -14.93 2.71
N GLU A 105 -29.74 -15.44 2.46
CA GLU A 105 -30.90 -14.57 2.01
C GLU A 105 -30.50 -13.71 0.80
N GLU A 106 -31.42 -12.91 0.30
CA GLU A 106 -31.12 -12.04 -0.88
C GLU A 106 -30.81 -10.62 -0.41
N GLU A 107 -29.79 -10.01 -0.97
CA GLU A 107 -29.42 -8.62 -0.57
C GLU A 107 -29.48 -7.68 -1.78
N ASP A 108 -29.85 -6.44 -1.56
CA ASP A 108 -29.95 -5.46 -2.69
C ASP A 108 -28.87 -4.38 -2.53
N SER A 109 -28.52 -3.73 -3.62
CA SER A 109 -27.48 -2.65 -3.57
C SER A 109 -28.08 -1.30 -3.93
N ASP A 110 -27.72 -0.27 -3.21
CA ASP A 110 -28.27 1.10 -3.51
C ASP A 110 -27.49 2.16 -2.72
N ASP A 111 -26.21 1.95 -2.55
CA ASP A 111 -25.37 2.94 -1.79
C ASP A 111 -24.03 3.14 -2.50
N ASP A 112 -23.47 4.34 -2.39
CA ASP A 112 -22.16 4.61 -3.05
C ASP A 112 -21.01 4.13 -2.18
N VAL A 113 -20.47 2.97 -2.50
CA VAL A 113 -19.33 2.41 -1.70
C VAL A 113 -18.23 1.88 -2.62
N GLU A 114 -17.00 2.05 -2.24
CA GLU A 114 -15.86 1.56 -3.09
C GLU A 114 -15.56 0.08 -2.77
N PRO A 115 -15.88 -0.82 -3.69
CA PRO A 115 -15.61 -2.26 -3.45
C PRO A 115 -14.10 -2.54 -3.53
N ILE A 116 -13.39 -1.76 -4.30
CA ILE A 116 -11.92 -1.97 -4.44
C ILE A 116 -11.17 -0.78 -3.83
N ALA A 117 -10.06 -1.04 -3.18
CA ALA A 117 -9.27 0.06 -2.55
C ALA A 117 -7.92 0.16 -3.26
N GLU A 118 -7.42 1.36 -3.45
CA GLU A 118 -6.10 1.52 -4.13
C GLU A 118 -5.01 1.79 -3.10
N PHE A 119 -4.13 0.84 -2.88
CA PHE A 119 -3.04 1.06 -1.90
C PHE A 119 -1.88 1.61 -2.70
N ARG A 120 -1.35 2.74 -2.31
CA ARG A 120 -0.21 3.30 -3.07
C ARG A 120 0.91 3.71 -2.12
N PHE A 121 2.09 3.13 -2.25
CA PHE A 121 3.21 3.55 -1.34
C PHE A 121 4.32 4.08 -2.21
N VAL A 122 4.52 5.36 -2.17
CA VAL A 122 5.52 5.98 -3.08
C VAL A 122 6.43 7.02 -2.35
N PRO A 123 7.74 6.83 -2.44
CA PRO A 123 8.68 7.78 -1.80
C PRO A 123 9.15 8.83 -2.80
N SER A 124 9.54 9.98 -2.29
CA SER A 124 10.05 11.06 -3.18
C SER A 124 11.59 11.04 -3.21
N ASP A 125 12.17 9.88 -3.00
CA ASP A 125 13.67 9.76 -3.00
C ASP A 125 14.10 8.59 -3.86
N LYS A 126 15.00 8.83 -4.80
CA LYS A 126 15.50 7.72 -5.68
C LYS A 126 16.13 6.62 -4.82
N SER A 127 16.75 7.03 -3.72
CA SER A 127 17.35 6.05 -2.79
C SER A 127 16.24 5.29 -2.09
N ALA A 128 15.11 5.94 -1.87
CA ALA A 128 13.96 5.24 -1.20
C ALA A 128 13.34 4.22 -2.15
N LEU A 129 13.25 4.56 -3.42
CA LEU A 129 12.65 3.62 -4.42
C LEU A 129 13.55 2.39 -4.60
N GLU A 130 14.85 2.59 -4.73
CA GLU A 130 15.78 1.43 -4.91
C GLU A 130 15.78 0.57 -3.65
N ALA A 131 15.63 1.18 -2.49
CA ALA A 131 15.60 0.39 -1.22
C ALA A 131 14.33 -0.46 -1.20
N MET A 132 13.21 0.11 -1.57
CA MET A 132 11.93 -0.68 -1.59
C MET A 132 12.04 -1.77 -2.65
N PHE A 133 12.71 -1.48 -3.74
CA PHE A 133 12.88 -2.50 -4.83
C PHE A 133 13.69 -3.67 -4.31
N THR A 134 14.68 -3.38 -3.50
CA THR A 134 15.49 -4.48 -2.90
C THR A 134 14.58 -5.26 -1.94
N ALA A 135 13.69 -4.56 -1.27
CA ALA A 135 12.74 -5.25 -0.34
C ALA A 135 11.76 -6.11 -1.12
N MET A 136 11.17 -5.55 -2.16
CA MET A 136 10.20 -6.31 -3.00
C MET A 136 10.93 -7.37 -3.82
N CYS A 137 12.02 -6.98 -4.46
CA CYS A 137 12.79 -7.97 -5.28
C CYS A 137 13.28 -9.13 -4.40
N GLU A 138 13.72 -8.83 -3.21
CA GLU A 138 14.21 -9.91 -2.29
C GLU A 138 13.04 -10.78 -1.86
N CYS A 139 11.93 -10.17 -1.58
CA CYS A 139 10.71 -10.93 -1.17
C CYS A 139 10.22 -11.80 -2.33
N GLN A 140 10.17 -11.22 -3.51
CA GLN A 140 9.71 -12.00 -4.71
C GLN A 140 10.67 -13.15 -4.99
N ALA A 141 11.96 -12.92 -4.81
CA ALA A 141 12.97 -13.99 -5.06
C ALA A 141 12.77 -15.13 -4.05
N LEU A 142 12.53 -14.80 -2.81
CA LEU A 142 12.33 -15.86 -1.77
C LEU A 142 11.03 -16.62 -2.05
N GLN A 27 14.54 -5.06 6.63
CA GLN A 27 14.74 -3.84 5.79
C GLN A 27 14.00 -2.65 6.41
N GLN A 28 14.62 -1.49 6.43
CA GLN A 28 13.96 -0.28 7.01
C GLN A 28 13.99 0.86 5.98
N GLN A 29 13.04 1.76 6.07
CA GLN A 29 12.99 2.91 5.10
C GLN A 29 13.21 4.24 5.86
N PRO A 30 13.99 5.15 5.29
CA PRO A 30 14.25 6.43 5.97
C PRO A 30 13.10 7.43 5.74
N GLU A 31 13.08 8.09 4.59
CA GLU A 31 12.00 9.08 4.30
C GLU A 31 11.14 8.59 3.14
N THR A 32 9.86 8.44 3.37
CA THR A 32 8.94 7.96 2.28
C THR A 32 7.49 8.32 2.63
N GLU A 33 6.65 8.54 1.63
CA GLU A 33 5.23 8.88 1.93
C GLU A 33 4.31 7.76 1.45
N ALA A 34 3.24 7.55 2.19
CA ALA A 34 2.26 6.50 1.83
C ALA A 34 0.90 7.07 1.42
N VAL A 35 0.43 6.62 0.28
CA VAL A 35 -0.94 7.00 -0.21
C VAL A 35 -1.78 5.71 -0.16
N LEU A 36 -2.88 5.68 0.58
CA LEU A 36 -3.70 4.42 0.72
C LEU A 36 -5.17 4.55 0.26
N ASN A 37 -5.59 3.66 -0.64
CA ASN A 37 -7.02 3.56 -1.18
C ASN A 37 -7.42 4.64 -2.20
N GLY A 38 -6.49 5.38 -2.76
CA GLY A 38 -6.86 6.40 -3.81
C GLY A 38 -6.52 7.81 -3.31
N LYS A 39 -6.82 8.08 -2.06
CA LYS A 39 -6.48 9.42 -1.48
C LYS A 39 -5.16 9.27 -0.74
N GLY A 40 -4.30 10.27 -0.78
CA GLY A 40 -2.97 10.10 -0.11
C GLY A 40 -3.07 10.27 1.40
N LEU A 41 -2.97 9.16 2.09
CA LEU A 41 -2.94 9.17 3.56
C LEU A 41 -1.68 8.39 3.99
N GLY A 42 -0.74 9.07 4.57
CA GLY A 42 0.50 8.41 5.05
C GLY A 42 1.71 9.24 4.69
N THR A 43 2.41 9.77 5.67
CA THR A 43 3.66 10.55 5.41
C THR A 43 4.60 10.23 6.55
N GLY A 44 5.69 9.53 6.30
CA GLY A 44 6.61 9.17 7.42
C GLY A 44 7.59 8.09 7.02
N THR A 45 7.69 7.09 7.85
CA THR A 45 8.68 5.98 7.58
C THR A 45 7.99 4.62 7.45
N LEU A 46 8.54 3.77 6.60
CA LEU A 46 7.97 2.41 6.40
C LEU A 46 8.98 1.35 6.86
N TYR A 47 8.56 0.42 7.69
CA TYR A 47 9.47 -0.67 8.14
C TYR A 47 9.01 -2.01 7.56
N ILE A 48 9.93 -2.79 7.03
CA ILE A 48 9.56 -4.10 6.44
C ILE A 48 10.09 -5.25 7.34
N ALA A 49 9.21 -6.11 7.78
CA ALA A 49 9.64 -7.25 8.65
C ALA A 49 9.55 -8.57 7.86
N GLU A 50 10.40 -9.52 8.19
CA GLU A 50 10.40 -10.85 7.45
C GLU A 50 8.98 -11.41 7.27
N SER A 51 8.09 -11.12 8.18
CA SER A 51 6.69 -11.63 8.06
C SER A 51 5.68 -10.56 8.53
N ARG A 52 6.07 -9.31 8.54
CA ARG A 52 5.15 -8.22 8.99
C ARG A 52 5.58 -6.87 8.42
N LEU A 53 4.75 -5.86 8.54
CA LEU A 53 5.11 -4.51 8.01
C LEU A 53 4.66 -3.43 9.01
N SER A 54 5.57 -2.58 9.42
CA SER A 54 5.20 -1.50 10.39
C SER A 54 5.42 -0.13 9.76
N TRP A 55 4.43 0.73 9.84
CA TRP A 55 4.55 2.10 9.24
C TRP A 55 4.45 3.18 10.32
N LEU A 56 5.19 4.26 10.17
CA LEU A 56 5.11 5.36 11.18
C LEU A 56 4.44 6.59 10.55
N ASP A 57 3.42 7.09 11.21
CA ASP A 57 2.70 8.29 10.68
C ASP A 57 3.43 9.58 11.05
N GLY A 58 3.50 10.48 10.11
CA GLY A 58 4.19 11.79 10.26
C GLY A 58 3.75 12.54 11.53
N SER A 59 2.60 12.22 12.09
CA SER A 59 2.14 12.94 13.33
C SER A 59 2.74 12.33 14.61
N GLY A 60 3.75 11.47 14.49
CA GLY A 60 4.37 10.86 15.70
C GLY A 60 3.60 9.64 16.16
N LEU A 61 2.88 9.01 15.26
CA LEU A 61 2.09 7.80 15.65
C LEU A 61 2.44 6.63 14.73
N GLY A 62 2.88 5.53 15.29
CA GLY A 62 3.25 4.36 14.45
C GLY A 62 2.23 3.24 14.64
N PHE A 63 2.19 2.33 13.70
CA PHE A 63 1.25 1.18 13.79
C PHE A 63 1.81 -0.01 13.01
N SER A 64 1.62 -1.20 13.52
CA SER A 64 2.17 -2.40 12.84
C SER A 64 1.08 -3.21 12.15
N LEU A 65 1.27 -3.50 10.89
CA LEU A 65 0.29 -4.30 10.13
C LEU A 65 0.76 -5.77 10.08
N GLU A 66 0.03 -6.66 10.72
CA GLU A 66 0.44 -8.10 10.73
C GLU A 66 0.21 -8.73 9.35
N TYR A 67 -0.85 -8.32 8.67
CA TYR A 67 -1.14 -8.89 7.33
C TYR A 67 -0.72 -7.89 6.22
N PRO A 68 -0.21 -8.39 5.11
CA PRO A 68 0.20 -7.47 4.02
C PRO A 68 -1.02 -6.88 3.33
N THR A 69 -1.05 -5.57 3.17
CA THR A 69 -2.21 -4.91 2.49
C THR A 69 -1.93 -4.70 1.00
N ILE A 70 -1.06 -5.50 0.43
CA ILE A 70 -0.73 -5.36 -1.02
C ILE A 70 -1.42 -6.46 -1.84
N SER A 71 -1.83 -6.14 -3.04
CA SER A 71 -2.51 -7.15 -3.91
C SER A 71 -1.97 -7.04 -5.34
N LEU A 72 -2.26 -5.95 -6.00
CA LEU A 72 -1.74 -5.72 -7.38
C LEU A 72 -0.60 -4.73 -7.29
N HIS A 73 0.56 -5.04 -7.81
CA HIS A 73 1.71 -4.10 -7.73
C HIS A 73 1.97 -3.44 -9.09
N ALA A 74 1.81 -2.13 -9.14
CA ALA A 74 2.03 -1.37 -10.41
C ALA A 74 3.34 -0.59 -10.33
N VAL A 75 4.28 -0.92 -11.19
CA VAL A 75 5.60 -0.19 -11.19
C VAL A 75 5.52 1.03 -12.09
N SER A 76 4.63 1.96 -11.77
CA SER A 76 4.47 3.21 -12.60
C SER A 76 4.23 2.87 -14.08
N ARG A 77 3.01 2.58 -14.44
CA ARG A 77 2.70 2.24 -15.87
C ARG A 77 3.07 3.42 -16.78
N ASP A 78 2.74 4.62 -16.37
CA ASP A 78 3.07 5.83 -17.18
C ASP A 78 4.33 6.49 -16.64
N LEU A 79 5.37 6.56 -17.44
CA LEU A 79 6.64 7.20 -16.98
C LEU A 79 7.20 8.10 -18.08
N ASN A 80 7.75 7.51 -19.11
CA ASN A 80 8.34 8.29 -20.25
C ASN A 80 9.36 9.32 -19.74
N ALA A 81 10.15 8.94 -18.77
CA ALA A 81 11.18 9.88 -18.21
C ALA A 81 12.13 9.12 -17.29
N TYR A 82 11.64 8.73 -16.15
CA TYR A 82 12.48 7.97 -15.17
C TYR A 82 11.88 6.57 -14.94
N PRO A 83 12.71 5.54 -14.88
CA PRO A 83 12.18 4.17 -14.66
C PRO A 83 11.69 4.01 -13.22
N ARG A 84 12.25 4.76 -12.31
CA ARG A 84 11.82 4.66 -10.87
C ARG A 84 11.39 6.04 -10.36
N GLU A 85 10.29 6.12 -9.65
CA GLU A 85 9.82 7.45 -9.12
C GLU A 85 8.65 7.30 -8.13
N HIS A 86 7.76 6.35 -8.35
CA HIS A 86 6.58 6.19 -7.43
C HIS A 86 5.98 4.77 -7.54
N LEU A 87 5.72 4.09 -6.42
CA LEU A 87 5.15 2.71 -6.50
C LEU A 87 3.65 2.69 -6.18
N TYR A 88 2.87 2.21 -7.13
CA TYR A 88 1.39 2.12 -6.92
C TYR A 88 0.94 0.67 -6.83
N VAL A 89 0.32 0.21 -5.74
CA VAL A 89 -0.18 -1.21 -5.75
C VAL A 89 -1.70 -1.24 -5.42
N MET A 90 -2.50 -1.79 -6.31
CA MET A 90 -3.98 -1.79 -6.10
C MET A 90 -4.48 -3.01 -5.33
N VAL A 91 -5.33 -2.78 -4.35
CA VAL A 91 -5.89 -3.90 -3.53
C VAL A 91 -7.43 -3.84 -3.55
N ASN A 92 -8.07 -4.98 -3.47
CA ASN A 92 -9.57 -5.02 -3.47
C ASN A 92 -10.09 -4.85 -2.05
N ALA A 93 -11.19 -4.16 -1.89
CA ALA A 93 -11.78 -3.94 -0.52
C ALA A 93 -12.86 -4.99 -0.24
N LYS A 94 -12.83 -5.56 0.94
CA LYS A 94 -13.84 -6.60 1.31
C LYS A 94 -14.68 -6.13 2.50
N PHE A 95 -15.97 -6.14 2.37
CA PHE A 95 -16.87 -5.70 3.48
C PHE A 95 -17.74 -6.86 3.96
N GLY A 96 -18.01 -6.92 5.25
CA GLY A 96 -18.85 -8.02 5.79
C GLY A 96 -18.05 -9.32 5.83
N GLU A 97 -16.77 -9.23 6.11
CA GLU A 97 -15.91 -10.46 6.15
C GLU A 97 -16.46 -11.46 7.17
N GLU A 98 -16.33 -12.74 6.90
CA GLU A 98 -16.84 -13.79 7.84
C GLU A 98 -16.13 -13.67 9.19
N SER A 99 -16.88 -13.67 10.27
CA SER A 99 -16.26 -13.56 11.63
C SER A 99 -17.01 -14.44 12.63
N LYS A 100 -16.35 -14.87 13.67
CA LYS A 100 -17.01 -15.72 14.70
C LYS A 100 -17.45 -14.88 15.90
N GLU A 101 -18.57 -15.21 16.50
CA GLU A 101 -19.08 -14.42 17.69
C GLU A 101 -19.18 -12.92 17.36
N SER A 102 -19.40 -12.60 16.10
CA SER A 102 -19.52 -11.17 15.69
C SER A 102 -20.85 -10.92 14.99
N VAL A 103 -21.49 -9.82 15.28
CA VAL A 103 -22.80 -9.50 14.63
C VAL A 103 -22.79 -8.07 14.08
N ALA A 104 -23.50 -7.84 13.00
CA ALA A 104 -23.54 -6.48 12.39
C ALA A 104 -24.92 -5.84 12.60
N GLU A 105 -24.95 -4.62 13.07
CA GLU A 105 -26.25 -3.92 13.31
C GLU A 105 -26.87 -3.50 11.98
N GLU A 106 -26.06 -3.06 11.06
CA GLU A 106 -26.59 -2.62 9.73
C GLU A 106 -25.90 -3.38 8.60
N GLU A 107 -26.62 -3.70 7.56
CA GLU A 107 -26.03 -4.46 6.40
C GLU A 107 -26.79 -4.15 5.11
N ASP A 108 -27.41 -3.00 5.02
CA ASP A 108 -28.17 -2.62 3.79
C ASP A 108 -27.34 -1.69 2.91
N SER A 109 -27.00 -2.13 1.72
CA SER A 109 -26.19 -1.27 0.80
C SER A 109 -26.86 -1.18 -0.57
N ASP A 110 -26.60 -0.12 -1.30
CA ASP A 110 -27.22 0.05 -2.65
C ASP A 110 -26.14 0.08 -3.73
N ASP A 111 -25.38 1.15 -3.80
CA ASP A 111 -24.30 1.26 -4.82
C ASP A 111 -23.02 1.82 -4.18
N ASP A 112 -22.02 0.99 -4.03
CA ASP A 112 -20.73 1.46 -3.41
C ASP A 112 -19.86 2.15 -4.47
N VAL A 113 -19.54 3.40 -4.26
CA VAL A 113 -18.69 4.15 -5.24
C VAL A 113 -17.26 3.63 -5.20
N GLU A 114 -16.77 3.33 -4.02
CA GLU A 114 -15.38 2.82 -3.88
C GLU A 114 -15.36 1.30 -3.56
N PRO A 115 -15.68 0.49 -4.56
CA PRO A 115 -15.69 -0.98 -4.33
C PRO A 115 -14.26 -1.51 -4.16
N ILE A 116 -13.31 -0.87 -4.81
CA ILE A 116 -11.88 -1.31 -4.69
C ILE A 116 -11.05 -0.16 -4.11
N ALA A 117 -10.00 -0.48 -3.39
CA ALA A 117 -9.13 0.56 -2.79
C ALA A 117 -7.79 0.62 -3.53
N GLU A 118 -7.30 1.80 -3.86
CA GLU A 118 -5.98 1.86 -4.58
C GLU A 118 -4.91 2.29 -3.60
N PHE A 119 -3.99 1.41 -3.31
CA PHE A 119 -2.89 1.74 -2.37
C PHE A 119 -1.68 2.19 -3.18
N ARG A 120 -1.16 3.34 -2.90
CA ARG A 120 0.03 3.83 -3.64
C ARG A 120 1.12 4.16 -2.64
N PHE A 121 2.26 3.51 -2.75
CA PHE A 121 3.37 3.81 -1.82
C PHE A 121 4.50 4.42 -2.63
N VAL A 122 4.76 5.65 -2.33
CA VAL A 122 5.75 6.43 -3.12
C VAL A 122 6.68 7.23 -2.17
N PRO A 123 7.98 7.01 -2.26
CA PRO A 123 8.93 7.73 -1.40
C PRO A 123 9.44 9.01 -2.09
N SER A 124 9.76 10.02 -1.32
CA SER A 124 10.28 11.28 -1.90
C SER A 124 11.75 11.11 -2.31
N ASP A 125 12.47 10.27 -1.61
CA ASP A 125 13.90 10.02 -1.94
C ASP A 125 14.06 8.93 -2.98
N LYS A 126 14.73 9.22 -4.07
CA LYS A 126 14.95 8.19 -5.14
C LYS A 126 15.73 7.02 -4.55
N SER A 127 16.64 7.34 -3.64
CA SER A 127 17.43 6.27 -2.98
C SER A 127 16.49 5.41 -2.13
N ALA A 128 15.42 6.00 -1.61
CA ALA A 128 14.45 5.20 -0.80
C ALA A 128 13.65 4.28 -1.72
N LEU A 129 13.37 4.72 -2.92
CA LEU A 129 12.60 3.86 -3.87
C LEU A 129 13.43 2.65 -4.30
N GLU A 130 14.67 2.87 -4.67
CA GLU A 130 15.55 1.74 -5.09
C GLU A 130 15.74 0.80 -3.89
N ALA A 131 15.80 1.34 -2.71
CA ALA A 131 15.96 0.49 -1.48
C ALA A 131 14.69 -0.34 -1.29
N MET A 132 13.56 0.25 -1.62
CA MET A 132 12.26 -0.48 -1.49
C MET A 132 12.19 -1.62 -2.50
N PHE A 133 12.73 -1.39 -3.68
CA PHE A 133 12.71 -2.47 -4.74
C PHE A 133 13.63 -3.59 -4.35
N THR A 134 14.77 -3.26 -3.76
CA THR A 134 15.69 -4.33 -3.30
C THR A 134 15.01 -5.07 -2.14
N ALA A 135 14.25 -4.34 -1.33
CA ALA A 135 13.54 -4.98 -0.20
C ALA A 135 12.40 -5.86 -0.74
N MET A 136 11.62 -5.33 -1.65
CA MET A 136 10.48 -6.10 -2.24
C MET A 136 11.00 -7.19 -3.16
N CYS A 137 11.91 -6.85 -4.04
CA CYS A 137 12.47 -7.88 -4.99
C CYS A 137 13.14 -9.01 -4.21
N GLU A 138 13.91 -8.67 -3.21
CA GLU A 138 14.61 -9.71 -2.39
C GLU A 138 13.59 -10.50 -1.57
N CYS A 139 12.58 -9.82 -1.11
CA CYS A 139 11.51 -10.49 -0.30
C CYS A 139 10.67 -11.40 -1.20
N GLN A 140 10.39 -10.94 -2.40
CA GLN A 140 9.57 -11.77 -3.36
C GLN A 140 10.36 -13.01 -3.79
N ALA A 141 11.63 -12.85 -4.05
CA ALA A 141 12.47 -14.02 -4.49
C ALA A 141 12.65 -14.99 -3.32
N LEU A 142 12.84 -14.47 -2.12
CA LEU A 142 13.02 -15.35 -0.92
C LEU A 142 11.70 -16.03 -0.57
#